data_7HME
# 
_entry.id   7HME 
# 
_audit_conform.dict_name       mmcif_pdbx.dic 
_audit_conform.dict_version    5.399 
_audit_conform.dict_location   http://mmcif.pdb.org/dictionaries/ascii/mmcif_pdbx.dic 
# 
loop_
_database_2.database_id 
_database_2.database_code 
_database_2.pdbx_database_accession 
_database_2.pdbx_DOI 
PDB   7HME         pdb_00007hme 10.2210/pdb7hme/pdb 
WWPDB D_1001407656 ?            ?                   
# 
_pdbx_audit_revision_history.ordinal             1 
_pdbx_audit_revision_history.data_content_type   'Structure model' 
_pdbx_audit_revision_history.major_revision      1 
_pdbx_audit_revision_history.minor_revision      0 
_pdbx_audit_revision_history.revision_date       2024-11-27 
# 
_pdbx_audit_revision_details.ordinal             1 
_pdbx_audit_revision_details.revision_ordinal    1 
_pdbx_audit_revision_details.data_content_type   'Structure model' 
_pdbx_audit_revision_details.provider            repository 
_pdbx_audit_revision_details.type                'Initial release' 
_pdbx_audit_revision_details.description         ? 
_pdbx_audit_revision_details.details             ? 
# 
_pdbx_database_status.entry_id                        7HME 
_pdbx_database_status.status_code                     REL 
_pdbx_database_status.status_code_sf                  REL 
_pdbx_database_status.status_code_mr                  ? 
_pdbx_database_status.status_code_cs                  ? 
_pdbx_database_status.recvd_initial_deposition_date   2024-11-04 
_pdbx_database_status.status_code_nmr_data            ? 
_pdbx_database_status.deposit_site                    RCSB 
_pdbx_database_status.process_site                    RCSB 
_pdbx_database_status.SG_entry                        ? 
_pdbx_database_status.pdb_format_compatible           Y 
_pdbx_database_status.methods_development_category    ? 
# 
_pdbx_contact_author.id                 1 
_pdbx_contact_author.email              knapp@pharmchem.uni-frankfurt.de 
_pdbx_contact_author.name_first         Stefan 
_pdbx_contact_author.name_last          Knapp 
_pdbx_contact_author.role               'principal investigator/group leader' 
_pdbx_contact_author.identifier_ORCID   0000-0001-5995-6494 
_pdbx_contact_author.name_mi            ? 
# 
loop_
_audit_author.name 
_audit_author.pdbx_ordinal 
'Kim, Y.'                              1 
'Marples, P.'                          2 
'Fearon, D.'                           3 
'von Delft, F.'                        4 
'Knapp, S.'                            5 
'Kraemer, A.'                          6 
'Structural Genomics Consortium (SGC)' 7 
# 
_citation.id                        primary 
_citation.title                     'PanDDA analysis group deposition' 
_citation.journal_abbrev            'To Be Published' 
_citation.journal_volume            ? 
_citation.page_first                ? 
_citation.page_last                 ? 
_citation.year                      ? 
_citation.journal_id_ASTM           ? 
_citation.country                   ? 
_citation.journal_id_ISSN           ? 
_citation.journal_id_CSD            0353 
_citation.book_publisher            ? 
_citation.pdbx_database_id_PubMed   ? 
_citation.pdbx_database_id_DOI      ? 
# 
loop_
_citation_author.citation_id 
_citation_author.name 
_citation_author.identifier_ORCID 
_citation_author.ordinal 
primary 'Kim, Y.'                              ? 1 
primary 'Marples, P.'                          ? 2 
primary 'Fearon, D.'                           ? 3 
primary 'von Delft, F.'                        ? 4 
primary 'Knapp, S.'                            ? 5 
primary 'Kraemer, A.'                          ? 6 
primary 'Structural Genomics Consortium (SGC)' ? 7 
# 
loop_
_entity.id 
_entity.type 
_entity.src_method 
_entity.pdbx_description 
_entity.formula_weight 
_entity.pdbx_number_of_molecules 
_entity.pdbx_ec 
_entity.pdbx_mutation 
_entity.pdbx_fragment 
_entity.details 
1 polymer     man 'E3 ubiquitin-protein ligase TRIM21'                21596.361 1   2.3.2.27 ? ? ? 
2 non-polymer syn 1,2-ETHANEDIOL                                      62.068    2   ?        ? ? ? 
3 non-polymer syn '3-[(2-methyl-1H-imidazol-1-yl)methyl]benzonitrile' 197.236   1   ?        ? ? ? 
4 non-polymer syn 'SULFATE ION'                                       96.063    1   ?        ? ? ? 
5 water       nat water                                               18.015    138 ?        ? ? ? 
# 
_entity_name_com.entity_id   1 
_entity_name_com.name        
;52 kDa Ro protein,52 kDa ribonucleoprotein autoantigen Ro/SS-A,Ro(SS-A),Sjoegren syndrome type A antigen,SS-A,Tripartite motif-containing protein 21
;
# 
_entity_poly.entity_id                      1 
_entity_poly.type                           'polypeptide(L)' 
_entity_poly.nstd_linkage                   no 
_entity_poly.nstd_monomer                   no 
_entity_poly.pdbx_seq_one_letter_code       
;MHHHHHHMVHITLDRNTANSWLIISKDRRQVRMGDTHQNVSDNKERFSNYPMVLGAQRFSSGKMYWEVDVTQKEAWDLGV
CRDSVQRKGQFSLSPENGFWTIWLWQDSYEAGTSPQTTLHIQVPPCQIGIFVDYEAGVVSFYNITDHGSLIYTFSECVFA
GPLRPFFNVGFNYSGGNAAPLKLCPLKM
;
_entity_poly.pdbx_seq_one_letter_code_can   
;MHHHHHHMVHITLDRNTANSWLIISKDRRQVRMGDTHQNVSDNKERFSNYPMVLGAQRFSSGKMYWEVDVTQKEAWDLGV
CRDSVQRKGQFSLSPENGFWTIWLWQDSYEAGTSPQTTLHIQVPPCQIGIFVDYEAGVVSFYNITDHGSLIYTFSECVFA
GPLRPFFNVGFNYSGGNAAPLKLCPLKM
;
_entity_poly.pdbx_strand_id                 B 
_entity_poly.pdbx_target_identifier         ? 
# 
loop_
_pdbx_entity_nonpoly.entity_id 
_pdbx_entity_nonpoly.name 
_pdbx_entity_nonpoly.comp_id 
2 1,2-ETHANEDIOL                                      EDO 
3 '3-[(2-methyl-1H-imidazol-1-yl)methyl]benzonitrile' RXS 
4 'SULFATE ION'                                       SO4 
5 water                                               HOH 
# 
loop_
_entity_poly_seq.entity_id 
_entity_poly_seq.num 
_entity_poly_seq.mon_id 
_entity_poly_seq.hetero 
1 1   MET n 
1 2   HIS n 
1 3   HIS n 
1 4   HIS n 
1 5   HIS n 
1 6   HIS n 
1 7   HIS n 
1 8   MET n 
1 9   VAL n 
1 10  HIS n 
1 11  ILE n 
1 12  THR n 
1 13  LEU n 
1 14  ASP n 
1 15  ARG n 
1 16  ASN n 
1 17  THR n 
1 18  ALA n 
1 19  ASN n 
1 20  SER n 
1 21  TRP n 
1 22  LEU n 
1 23  ILE n 
1 24  ILE n 
1 25  SER n 
1 26  LYS n 
1 27  ASP n 
1 28  ARG n 
1 29  ARG n 
1 30  GLN n 
1 31  VAL n 
1 32  ARG n 
1 33  MET n 
1 34  GLY n 
1 35  ASP n 
1 36  THR n 
1 37  HIS n 
1 38  GLN n 
1 39  ASN n 
1 40  VAL n 
1 41  SER n 
1 42  ASP n 
1 43  ASN n 
1 44  LYS n 
1 45  GLU n 
1 46  ARG n 
1 47  PHE n 
1 48  SER n 
1 49  ASN n 
1 50  TYR n 
1 51  PRO n 
1 52  MET n 
1 53  VAL n 
1 54  LEU n 
1 55  GLY n 
1 56  ALA n 
1 57  GLN n 
1 58  ARG n 
1 59  PHE n 
1 60  SER n 
1 61  SER n 
1 62  GLY n 
1 63  LYS n 
1 64  MET n 
1 65  TYR n 
1 66  TRP n 
1 67  GLU n 
1 68  VAL n 
1 69  ASP n 
1 70  VAL n 
1 71  THR n 
1 72  GLN n 
1 73  LYS n 
1 74  GLU n 
1 75  ALA n 
1 76  TRP n 
1 77  ASP n 
1 78  LEU n 
1 79  GLY n 
1 80  VAL n 
1 81  CYS n 
1 82  ARG n 
1 83  ASP n 
1 84  SER n 
1 85  VAL n 
1 86  GLN n 
1 87  ARG n 
1 88  LYS n 
1 89  GLY n 
1 90  GLN n 
1 91  PHE n 
1 92  SER n 
1 93  LEU n 
1 94  SER n 
1 95  PRO n 
1 96  GLU n 
1 97  ASN n 
1 98  GLY n 
1 99  PHE n 
1 100 TRP n 
1 101 THR n 
1 102 ILE n 
1 103 TRP n 
1 104 LEU n 
1 105 TRP n 
1 106 GLN n 
1 107 ASP n 
1 108 SER n 
1 109 TYR n 
1 110 GLU n 
1 111 ALA n 
1 112 GLY n 
1 113 THR n 
1 114 SER n 
1 115 PRO n 
1 116 GLN n 
1 117 THR n 
1 118 THR n 
1 119 LEU n 
1 120 HIS n 
1 121 ILE n 
1 122 GLN n 
1 123 VAL n 
1 124 PRO n 
1 125 PRO n 
1 126 CYS n 
1 127 GLN n 
1 128 ILE n 
1 129 GLY n 
1 130 ILE n 
1 131 PHE n 
1 132 VAL n 
1 133 ASP n 
1 134 TYR n 
1 135 GLU n 
1 136 ALA n 
1 137 GLY n 
1 138 VAL n 
1 139 VAL n 
1 140 SER n 
1 141 PHE n 
1 142 TYR n 
1 143 ASN n 
1 144 ILE n 
1 145 THR n 
1 146 ASP n 
1 147 HIS n 
1 148 GLY n 
1 149 SER n 
1 150 LEU n 
1 151 ILE n 
1 152 TYR n 
1 153 THR n 
1 154 PHE n 
1 155 SER n 
1 156 GLU n 
1 157 CYS n 
1 158 VAL n 
1 159 PHE n 
1 160 ALA n 
1 161 GLY n 
1 162 PRO n 
1 163 LEU n 
1 164 ARG n 
1 165 PRO n 
1 166 PHE n 
1 167 PHE n 
1 168 ASN n 
1 169 VAL n 
1 170 GLY n 
1 171 PHE n 
1 172 ASN n 
1 173 TYR n 
1 174 SER n 
1 175 GLY n 
1 176 GLY n 
1 177 ASN n 
1 178 ALA n 
1 179 ALA n 
1 180 PRO n 
1 181 LEU n 
1 182 LYS n 
1 183 LEU n 
1 184 CYS n 
1 185 PRO n 
1 186 LEU n 
1 187 LYS n 
1 188 MET n 
# 
_entity_src_gen.entity_id                          1 
_entity_src_gen.pdbx_src_id                        1 
_entity_src_gen.pdbx_alt_source_flag               sample 
_entity_src_gen.pdbx_seq_type                      'Biological sequence' 
_entity_src_gen.pdbx_beg_seq_num                   1 
_entity_src_gen.pdbx_end_seq_num                   188 
_entity_src_gen.gene_src_common_name               'house mouse' 
_entity_src_gen.gene_src_genus                     ? 
_entity_src_gen.pdbx_gene_src_gene                 'Trim21, Ro52, Ssa1' 
_entity_src_gen.gene_src_species                   ? 
_entity_src_gen.gene_src_strain                    ? 
_entity_src_gen.gene_src_tissue                    ? 
_entity_src_gen.gene_src_tissue_fraction           ? 
_entity_src_gen.gene_src_details                   ? 
_entity_src_gen.pdbx_gene_src_fragment             ? 
_entity_src_gen.pdbx_gene_src_scientific_name      'Mus musculus' 
_entity_src_gen.pdbx_gene_src_ncbi_taxonomy_id     10090 
_entity_src_gen.pdbx_gene_src_variant              ? 
_entity_src_gen.pdbx_gene_src_cell_line            ? 
_entity_src_gen.pdbx_gene_src_atcc                 ? 
_entity_src_gen.pdbx_gene_src_organ                ? 
_entity_src_gen.pdbx_gene_src_organelle            ? 
_entity_src_gen.pdbx_gene_src_cell                 ? 
_entity_src_gen.pdbx_gene_src_cellular_location    ? 
_entity_src_gen.host_org_common_name               ? 
_entity_src_gen.pdbx_host_org_scientific_name      'Escherichia coli' 
_entity_src_gen.pdbx_host_org_ncbi_taxonomy_id     562 
_entity_src_gen.host_org_genus                     ? 
_entity_src_gen.pdbx_host_org_gene                 ? 
_entity_src_gen.pdbx_host_org_organ                ? 
_entity_src_gen.host_org_species                   ? 
_entity_src_gen.pdbx_host_org_tissue               ? 
_entity_src_gen.pdbx_host_org_tissue_fraction      ? 
_entity_src_gen.pdbx_host_org_strain               ? 
_entity_src_gen.pdbx_host_org_variant              ? 
_entity_src_gen.pdbx_host_org_cell_line            ? 
_entity_src_gen.pdbx_host_org_atcc                 ? 
_entity_src_gen.pdbx_host_org_culture_collection   ? 
_entity_src_gen.pdbx_host_org_cell                 ? 
_entity_src_gen.pdbx_host_org_organelle            ? 
_entity_src_gen.pdbx_host_org_cellular_location    ? 
_entity_src_gen.pdbx_host_org_vector_type          ? 
_entity_src_gen.pdbx_host_org_vector               ? 
_entity_src_gen.host_org_details                   ? 
_entity_src_gen.expression_system_id               ? 
_entity_src_gen.plasmid_name                       ? 
_entity_src_gen.plasmid_details                    ? 
_entity_src_gen.pdbx_description                   ? 
# 
loop_
_chem_comp.id 
_chem_comp.type 
_chem_comp.mon_nstd_flag 
_chem_comp.name 
_chem_comp.pdbx_synonyms 
_chem_comp.formula 
_chem_comp.formula_weight 
ALA 'L-peptide linking' y ALANINE                                             ?                 'C3 H7 N O2'     89.093  
ARG 'L-peptide linking' y ARGININE                                            ?                 'C6 H15 N4 O2 1' 175.209 
ASN 'L-peptide linking' y ASPARAGINE                                          ?                 'C4 H8 N2 O3'    132.118 
ASP 'L-peptide linking' y 'ASPARTIC ACID'                                     ?                 'C4 H7 N O4'     133.103 
CYS 'L-peptide linking' y CYSTEINE                                            ?                 'C3 H7 N O2 S'   121.158 
EDO non-polymer         . 1,2-ETHANEDIOL                                      'ETHYLENE GLYCOL' 'C2 H6 O2'       62.068  
GLN 'L-peptide linking' y GLUTAMINE                                           ?                 'C5 H10 N2 O3'   146.144 
GLU 'L-peptide linking' y 'GLUTAMIC ACID'                                     ?                 'C5 H9 N O4'     147.129 
GLY 'peptide linking'   y GLYCINE                                             ?                 'C2 H5 N O2'     75.067  
HIS 'L-peptide linking' y HISTIDINE                                           ?                 'C6 H10 N3 O2 1' 156.162 
HOH non-polymer         . WATER                                               ?                 'H2 O'           18.015  
ILE 'L-peptide linking' y ISOLEUCINE                                          ?                 'C6 H13 N O2'    131.173 
LEU 'L-peptide linking' y LEUCINE                                             ?                 'C6 H13 N O2'    131.173 
LYS 'L-peptide linking' y LYSINE                                              ?                 'C6 H15 N2 O2 1' 147.195 
MET 'L-peptide linking' y METHIONINE                                          ?                 'C5 H11 N O2 S'  149.211 
PHE 'L-peptide linking' y PHENYLALANINE                                       ?                 'C9 H11 N O2'    165.189 
PRO 'L-peptide linking' y PROLINE                                             ?                 'C5 H9 N O2'     115.130 
RXS non-polymer         . '3-[(2-methyl-1H-imidazol-1-yl)methyl]benzonitrile' ?                 'C12 H11 N3'     197.236 
SER 'L-peptide linking' y SERINE                                              ?                 'C3 H7 N O3'     105.093 
SO4 non-polymer         . 'SULFATE ION'                                       ?                 'O4 S -2'        96.063  
THR 'L-peptide linking' y THREONINE                                           ?                 'C4 H9 N O3'     119.119 
TRP 'L-peptide linking' y TRYPTOPHAN                                          ?                 'C11 H12 N2 O2'  204.225 
TYR 'L-peptide linking' y TYROSINE                                            ?                 'C9 H11 N O3'    181.189 
VAL 'L-peptide linking' y VALINE                                              ?                 'C5 H11 N O2'    117.146 
# 
loop_
_pdbx_poly_seq_scheme.asym_id 
_pdbx_poly_seq_scheme.entity_id 
_pdbx_poly_seq_scheme.seq_id 
_pdbx_poly_seq_scheme.mon_id 
_pdbx_poly_seq_scheme.ndb_seq_num 
_pdbx_poly_seq_scheme.pdb_seq_num 
_pdbx_poly_seq_scheme.auth_seq_num 
_pdbx_poly_seq_scheme.pdb_mon_id 
_pdbx_poly_seq_scheme.auth_mon_id 
_pdbx_poly_seq_scheme.pdb_strand_id 
_pdbx_poly_seq_scheme.pdb_ins_code 
_pdbx_poly_seq_scheme.hetero 
A 1 1   MET 1   7   ?   ?   ?   B . n 
A 1 2   HIS 2   8   8   HIS HIS B . n 
A 1 3   HIS 3   9   9   HIS HIS B . n 
A 1 4   HIS 4   10  10  HIS HIS B . n 
A 1 5   HIS 5   11  11  HIS HIS B . n 
A 1 6   HIS 6   12  12  HIS HIS B . n 
A 1 7   HIS 7   13  13  HIS HIS B . n 
A 1 8   MET 8   14  14  MET MET B . n 
A 1 9   VAL 9   15  15  VAL VAL B . n 
A 1 10  HIS 10  16  16  HIS HIS B . n 
A 1 11  ILE 11  17  17  ILE ILE B . n 
A 1 12  THR 12  18  18  THR THR B . n 
A 1 13  LEU 13  19  19  LEU LEU B . n 
A 1 14  ASP 14  20  20  ASP ASP B . n 
A 1 15  ARG 15  21  21  ARG ARG B . n 
A 1 16  ASN 16  22  22  ASN ASN B . n 
A 1 17  THR 17  23  23  THR THR B . n 
A 1 18  ALA 18  24  24  ALA ALA B . n 
A 1 19  ASN 19  25  25  ASN ASN B . n 
A 1 20  SER 20  26  26  SER SER B . n 
A 1 21  TRP 21  27  27  TRP TRP B . n 
A 1 22  LEU 22  28  28  LEU LEU B . n 
A 1 23  ILE 23  29  29  ILE ILE B . n 
A 1 24  ILE 24  30  30  ILE ILE B . n 
A 1 25  SER 25  31  31  SER SER B . n 
A 1 26  LYS 26  32  32  LYS LYS B . n 
A 1 27  ASP 27  33  33  ASP ASP B . n 
A 1 28  ARG 28  34  34  ARG ARG B . n 
A 1 29  ARG 29  35  35  ARG ARG B . n 
A 1 30  GLN 30  36  36  GLN GLN B . n 
A 1 31  VAL 31  37  37  VAL VAL B . n 
A 1 32  ARG 32  38  38  ARG ARG B . n 
A 1 33  MET 33  39  39  MET MET B . n 
A 1 34  GLY 34  40  40  GLY GLY B . n 
A 1 35  ASP 35  41  41  ASP ASP B . n 
A 1 36  THR 36  42  42  THR THR B . n 
A 1 37  HIS 37  43  43  HIS HIS B . n 
A 1 38  GLN 38  44  44  GLN GLN B . n 
A 1 39  ASN 39  45  45  ASN ASN B . n 
A 1 40  VAL 40  46  46  VAL VAL B . n 
A 1 41  SER 41  47  47  SER SER B . n 
A 1 42  ASP 42  48  48  ASP ASP B . n 
A 1 43  ASN 43  49  49  ASN ASN B . n 
A 1 44  LYS 44  50  50  LYS LYS B . n 
A 1 45  GLU 45  51  51  GLU GLU B . n 
A 1 46  ARG 46  52  52  ARG ARG B . n 
A 1 47  PHE 47  53  53  PHE PHE B . n 
A 1 48  SER 48  54  54  SER SER B . n 
A 1 49  ASN 49  55  55  ASN ASN B . n 
A 1 50  TYR 50  56  56  TYR TYR B . n 
A 1 51  PRO 51  57  57  PRO PRO B . n 
A 1 52  MET 52  58  58  MET MET B . n 
A 1 53  VAL 53  59  59  VAL VAL B . n 
A 1 54  LEU 54  60  60  LEU LEU B . n 
A 1 55  GLY 55  61  61  GLY GLY B . n 
A 1 56  ALA 56  62  62  ALA ALA B . n 
A 1 57  GLN 57  63  63  GLN GLN B . n 
A 1 58  ARG 58  64  64  ARG ARG B . n 
A 1 59  PHE 59  65  65  PHE PHE B . n 
A 1 60  SER 60  66  66  SER SER B . n 
A 1 61  SER 61  67  67  SER SER B . n 
A 1 62  GLY 62  68  68  GLY GLY B . n 
A 1 63  LYS 63  69  69  LYS LYS B . n 
A 1 64  MET 64  70  70  MET MET B . n 
A 1 65  TYR 65  71  71  TYR TYR B . n 
A 1 66  TRP 66  72  72  TRP TRP B . n 
A 1 67  GLU 67  73  73  GLU GLU B . n 
A 1 68  VAL 68  74  74  VAL VAL B . n 
A 1 69  ASP 69  75  75  ASP ASP B . n 
A 1 70  VAL 70  76  76  VAL VAL B . n 
A 1 71  THR 71  77  77  THR THR B . n 
A 1 72  GLN 72  78  78  GLN GLN B . n 
A 1 73  LYS 73  79  79  LYS LYS B . n 
A 1 74  GLU 74  80  80  GLU GLU B . n 
A 1 75  ALA 75  81  81  ALA ALA B . n 
A 1 76  TRP 76  82  82  TRP TRP B . n 
A 1 77  ASP 77  83  83  ASP ASP B . n 
A 1 78  LEU 78  84  84  LEU LEU B . n 
A 1 79  GLY 79  85  85  GLY GLY B . n 
A 1 80  VAL 80  86  86  VAL VAL B . n 
A 1 81  CYS 81  87  87  CYS CYS B . n 
A 1 82  ARG 82  88  88  ARG ARG B . n 
A 1 83  ASP 83  89  89  ASP ASP B . n 
A 1 84  SER 84  90  90  SER SER B . n 
A 1 85  VAL 85  91  91  VAL VAL B . n 
A 1 86  GLN 86  92  92  GLN GLN B . n 
A 1 87  ARG 87  93  93  ARG ARG B . n 
A 1 88  LYS 88  94  94  LYS LYS B . n 
A 1 89  GLY 89  95  95  GLY GLY B . n 
A 1 90  GLN 90  96  96  GLN GLN B . n 
A 1 91  PHE 91  97  97  PHE PHE B . n 
A 1 92  SER 92  98  98  SER SER B . n 
A 1 93  LEU 93  99  99  LEU LEU B . n 
A 1 94  SER 94  100 100 SER SER B . n 
A 1 95  PRO 95  101 101 PRO PRO B . n 
A 1 96  GLU 96  102 102 GLU GLU B . n 
A 1 97  ASN 97  103 103 ASN ASN B . n 
A 1 98  GLY 98  104 104 GLY GLY B . n 
A 1 99  PHE 99  105 105 PHE PHE B . n 
A 1 100 TRP 100 106 106 TRP TRP B . n 
A 1 101 THR 101 107 107 THR THR B . n 
A 1 102 ILE 102 108 108 ILE ILE B . n 
A 1 103 TRP 103 109 109 TRP TRP B . n 
A 1 104 LEU 104 110 110 LEU LEU B . n 
A 1 105 TRP 105 111 111 TRP TRP B . n 
A 1 106 GLN 106 112 112 GLN GLN B . n 
A 1 107 ASP 107 113 113 ASP ASP B . n 
A 1 108 SER 108 114 114 SER SER B . n 
A 1 109 TYR 109 115 115 TYR TYR B . n 
A 1 110 GLU 110 116 116 GLU GLU B . n 
A 1 111 ALA 111 117 117 ALA ALA B . n 
A 1 112 GLY 112 118 118 GLY GLY B . n 
A 1 113 THR 113 119 119 THR THR B . n 
A 1 114 SER 114 120 120 SER SER B . n 
A 1 115 PRO 115 121 121 PRO PRO B . n 
A 1 116 GLN 116 122 122 GLN GLN B . n 
A 1 117 THR 117 123 123 THR THR B . n 
A 1 118 THR 118 124 124 THR THR B . n 
A 1 119 LEU 119 125 125 LEU LEU B . n 
A 1 120 HIS 120 126 126 HIS HIS B . n 
A 1 121 ILE 121 127 127 ILE ILE B . n 
A 1 122 GLN 122 128 128 GLN GLN B . n 
A 1 123 VAL 123 129 129 VAL VAL B . n 
A 1 124 PRO 124 130 130 PRO PRO B . n 
A 1 125 PRO 125 131 131 PRO PRO B . n 
A 1 126 CYS 126 132 132 CYS CYS B . n 
A 1 127 GLN 127 133 133 GLN GLN B . n 
A 1 128 ILE 128 134 134 ILE ILE B . n 
A 1 129 GLY 129 135 135 GLY GLY B . n 
A 1 130 ILE 130 136 136 ILE ILE B . n 
A 1 131 PHE 131 137 137 PHE PHE B . n 
A 1 132 VAL 132 138 138 VAL VAL B . n 
A 1 133 ASP 133 139 139 ASP ASP B . n 
A 1 134 TYR 134 140 140 TYR TYR B . n 
A 1 135 GLU 135 141 141 GLU GLU B . n 
A 1 136 ALA 136 142 142 ALA ALA B . n 
A 1 137 GLY 137 143 143 GLY GLY B . n 
A 1 138 VAL 138 144 144 VAL VAL B . n 
A 1 139 VAL 139 145 145 VAL VAL B . n 
A 1 140 SER 140 146 146 SER SER B . n 
A 1 141 PHE 141 147 147 PHE PHE B . n 
A 1 142 TYR 142 148 148 TYR TYR B . n 
A 1 143 ASN 143 149 149 ASN ASN B . n 
A 1 144 ILE 144 150 150 ILE ILE B . n 
A 1 145 THR 145 151 151 THR THR B . n 
A 1 146 ASP 146 152 152 ASP ASP B . n 
A 1 147 HIS 147 153 153 HIS HIS B . n 
A 1 148 GLY 148 154 154 GLY GLY B . n 
A 1 149 SER 149 155 155 SER SER B . n 
A 1 150 LEU 150 156 156 LEU LEU B . n 
A 1 151 ILE 151 157 157 ILE ILE B . n 
A 1 152 TYR 152 158 158 TYR TYR B . n 
A 1 153 THR 153 159 159 THR THR B . n 
A 1 154 PHE 154 160 160 PHE PHE B . n 
A 1 155 SER 155 161 161 SER SER B . n 
A 1 156 GLU 156 162 162 GLU GLU B . n 
A 1 157 CYS 157 163 163 CYS CYS B . n 
A 1 158 VAL 158 164 164 VAL VAL B . n 
A 1 159 PHE 159 165 165 PHE PHE B . n 
A 1 160 ALA 160 166 166 ALA ALA B . n 
A 1 161 GLY 161 167 167 GLY GLY B . n 
A 1 162 PRO 162 168 168 PRO PRO B . n 
A 1 163 LEU 163 169 169 LEU LEU B . n 
A 1 164 ARG 164 170 170 ARG ARG B . n 
A 1 165 PRO 165 171 171 PRO PRO B . n 
A 1 166 PHE 166 172 172 PHE PHE B . n 
A 1 167 PHE 167 173 173 PHE PHE B . n 
A 1 168 ASN 168 174 174 ASN ASN B . n 
A 1 169 VAL 169 175 175 VAL VAL B . n 
A 1 170 GLY 170 176 176 GLY GLY B . n 
A 1 171 PHE 171 177 177 PHE PHE B . n 
A 1 172 ASN 172 178 178 ASN ASN B . n 
A 1 173 TYR 173 179 179 TYR TYR B . n 
A 1 174 SER 174 180 180 SER SER B . n 
A 1 175 GLY 175 181 181 GLY GLY B . n 
A 1 176 GLY 176 182 182 GLY GLY B . n 
A 1 177 ASN 177 183 183 ASN ASN B . n 
A 1 178 ALA 178 184 184 ALA ALA B . n 
A 1 179 ALA 179 185 185 ALA ALA B . n 
A 1 180 PRO 180 186 186 PRO PRO B . n 
A 1 181 LEU 181 187 187 LEU LEU B . n 
A 1 182 LYS 182 188 188 LYS LYS B . n 
A 1 183 LEU 183 189 189 LEU LEU B . n 
A 1 184 CYS 184 190 190 CYS CYS B . n 
A 1 185 PRO 185 191 191 PRO PRO B . n 
A 1 186 LEU 186 192 192 LEU LEU B . n 
A 1 187 LYS 187 193 ?   ?   ?   B . n 
A 1 188 MET 188 194 ?   ?   ?   B . n 
# 
_pdbx_entity_instance_feature.ordinal        1 
_pdbx_entity_instance_feature.comp_id        RXS 
_pdbx_entity_instance_feature.asym_id        ? 
_pdbx_entity_instance_feature.seq_num        ? 
_pdbx_entity_instance_feature.auth_comp_id   RXS 
_pdbx_entity_instance_feature.auth_asym_id   ? 
_pdbx_entity_instance_feature.auth_seq_num   ? 
_pdbx_entity_instance_feature.feature_type   'SUBJECT OF INVESTIGATION' 
_pdbx_entity_instance_feature.details        ? 
# 
loop_
_pdbx_nonpoly_scheme.asym_id 
_pdbx_nonpoly_scheme.entity_id 
_pdbx_nonpoly_scheme.mon_id 
_pdbx_nonpoly_scheme.ndb_seq_num 
_pdbx_nonpoly_scheme.pdb_seq_num 
_pdbx_nonpoly_scheme.auth_seq_num 
_pdbx_nonpoly_scheme.pdb_mon_id 
_pdbx_nonpoly_scheme.auth_mon_id 
_pdbx_nonpoly_scheme.pdb_strand_id 
_pdbx_nonpoly_scheme.pdb_ins_code 
B 2 EDO 1   201 202 EDO EDO B . 
C 3 RXS 1   202 302 RXS LIG B . 
D 2 EDO 1   203 305 EDO EDO B . 
E 4 SO4 1   204 1   SO4 SO4 B . 
F 5 HOH 1   301 12  HOH HOH B . 
F 5 HOH 2   302 33  HOH HOH B . 
F 5 HOH 3   303 11  HOH HOH B . 
F 5 HOH 4   304 4   HOH HOH B . 
F 5 HOH 5   305 26  HOH HOH B . 
F 5 HOH 6   306 2   HOH HOH B . 
F 5 HOH 7   307 29  HOH HOH B . 
F 5 HOH 8   308 1   HOH HOH B . 
F 5 HOH 9   309 16  HOH HOH B . 
F 5 HOH 10  310 281 HOH HOH B . 
F 5 HOH 11  311 63  HOH HOH B . 
F 5 HOH 12  312 267 HOH HOH B . 
F 5 HOH 13  313 102 HOH HOH B . 
F 5 HOH 14  314 90  HOH HOH B . 
F 5 HOH 15  315 19  HOH HOH B . 
F 5 HOH 16  316 40  HOH HOH B . 
F 5 HOH 17  317 100 HOH HOH B . 
F 5 HOH 18  318 39  HOH HOH B . 
F 5 HOH 19  319 95  HOH HOH B . 
F 5 HOH 20  320 16  HOH HOH B . 
F 5 HOH 21  321 27  HOH HOH B . 
F 5 HOH 22  322 27  HOH HOH B . 
F 5 HOH 23  323 51  HOH HOH B . 
F 5 HOH 24  324 89  HOH HOH B . 
F 5 HOH 25  325 72  HOH HOH B . 
F 5 HOH 26  326 66  HOH HOH B . 
F 5 HOH 27  327 62  HOH HOH B . 
F 5 HOH 28  328 18  HOH HOH B . 
F 5 HOH 29  329 129 HOH HOH B . 
F 5 HOH 30  330 81  HOH HOH B . 
F 5 HOH 31  331 2   HOH HOH B . 
F 5 HOH 32  332 5   HOH HOH B . 
F 5 HOH 33  333 76  HOH HOH B . 
F 5 HOH 34  334 85  HOH HOH B . 
F 5 HOH 35  335 21  HOH HOH B . 
F 5 HOH 36  336 15  HOH HOH B . 
F 5 HOH 37  337 68  HOH HOH B . 
F 5 HOH 38  338 43  HOH HOH B . 
F 5 HOH 39  339 211 HOH HOH B . 
F 5 HOH 40  340 70  HOH HOH B . 
F 5 HOH 41  341 73  HOH HOH B . 
F 5 HOH 42  342 10  HOH HOH B . 
F 5 HOH 43  343 20  HOH HOH B . 
F 5 HOH 44  344 31  HOH HOH B . 
F 5 HOH 45  345 214 HOH HOH B . 
F 5 HOH 46  346 11  HOH HOH B . 
F 5 HOH 47  347 99  HOH HOH B . 
F 5 HOH 48  348 9   HOH HOH B . 
F 5 HOH 49  349 58  HOH HOH B . 
F 5 HOH 50  350 71  HOH HOH B . 
F 5 HOH 51  351 36  HOH HOH B . 
F 5 HOH 52  352 25  HOH HOH B . 
F 5 HOH 53  353 22  HOH HOH B . 
F 5 HOH 54  354 7   HOH HOH B . 
F 5 HOH 55  355 59  HOH HOH B . 
F 5 HOH 56  356 6   HOH HOH B . 
F 5 HOH 57  357 34  HOH HOH B . 
F 5 HOH 58  358 50  HOH HOH B . 
F 5 HOH 59  359 29  HOH HOH B . 
F 5 HOH 60  360 26  HOH HOH B . 
F 5 HOH 61  361 1   HOH HOH B . 
F 5 HOH 62  362 157 HOH HOH B . 
F 5 HOH 63  363 10  HOH HOH B . 
F 5 HOH 64  364 32  HOH HOH B . 
F 5 HOH 65  365 47  HOH HOH B . 
F 5 HOH 66  366 61  HOH HOH B . 
F 5 HOH 67  367 172 HOH HOH B . 
F 5 HOH 68  368 4   HOH HOH B . 
F 5 HOH 69  369 60  HOH HOH B . 
F 5 HOH 70  370 55  HOH HOH B . 
F 5 HOH 71  371 197 HOH HOH B . 
F 5 HOH 72  372 3   HOH HOH B . 
F 5 HOH 73  373 303 HOH HOH B . 
F 5 HOH 74  374 12  HOH HOH B . 
F 5 HOH 75  375 33  HOH HOH B . 
F 5 HOH 76  376 49  HOH HOH B . 
F 5 HOH 77  377 93  HOH HOH B . 
F 5 HOH 78  378 126 HOH HOH B . 
F 5 HOH 79  379 304 HOH HOH B . 
F 5 HOH 80  380 42  HOH HOH B . 
F 5 HOH 81  381 64  HOH HOH B . 
F 5 HOH 82  382 8   HOH HOH B . 
F 5 HOH 83  383 112 HOH HOH B . 
F 5 HOH 84  384 14  HOH HOH B . 
F 5 HOH 85  385 24  HOH HOH B . 
F 5 HOH 86  386 86  HOH HOH B . 
F 5 HOH 87  387 8   HOH HOH B . 
F 5 HOH 88  388 140 HOH HOH B . 
F 5 HOH 89  389 23  HOH HOH B . 
F 5 HOH 90  390 156 HOH HOH B . 
F 5 HOH 91  391 46  HOH HOH B . 
F 5 HOH 92  392 13  HOH HOH B . 
F 5 HOH 93  393 264 HOH HOH B . 
F 5 HOH 94  394 137 HOH HOH B . 
F 5 HOH 95  395 56  HOH HOH B . 
F 5 HOH 96  396 97  HOH HOH B . 
F 5 HOH 97  397 30  HOH HOH B . 
F 5 HOH 98  398 3   HOH HOH B . 
F 5 HOH 99  399 45  HOH HOH B . 
F 5 HOH 100 400 54  HOH HOH B . 
F 5 HOH 101 401 53  HOH HOH B . 
F 5 HOH 102 402 48  HOH HOH B . 
F 5 HOH 103 403 25  HOH HOH B . 
F 5 HOH 104 404 57  HOH HOH B . 
F 5 HOH 105 405 15  HOH HOH B . 
F 5 HOH 106 406 44  HOH HOH B . 
F 5 HOH 107 407 120 HOH HOH B . 
F 5 HOH 108 408 22  HOH HOH B . 
F 5 HOH 109 409 7   HOH HOH B . 
F 5 HOH 110 410 38  HOH HOH B . 
F 5 HOH 111 411 257 HOH HOH B . 
F 5 HOH 112 412 20  HOH HOH B . 
F 5 HOH 113 413 5   HOH HOH B . 
F 5 HOH 114 414 41  HOH HOH B . 
F 5 HOH 115 415 28  HOH HOH B . 
F 5 HOH 116 416 69  HOH HOH B . 
F 5 HOH 117 417 125 HOH HOH B . 
F 5 HOH 118 418 18  HOH HOH B . 
F 5 HOH 119 419 82  HOH HOH B . 
F 5 HOH 120 420 263 HOH HOH B . 
F 5 HOH 121 421 19  HOH HOH B . 
F 5 HOH 122 422 133 HOH HOH B . 
F 5 HOH 123 423 114 HOH HOH B . 
F 5 HOH 124 424 266 HOH HOH B . 
F 5 HOH 125 425 30  HOH HOH B . 
F 5 HOH 126 426 115 HOH HOH B . 
F 5 HOH 127 427 21  HOH HOH B . 
F 5 HOH 128 428 13  HOH HOH B . 
F 5 HOH 129 429 23  HOH HOH B . 
F 5 HOH 130 430 104 HOH HOH B . 
F 5 HOH 131 431 98  HOH HOH B . 
F 5 HOH 132 432 166 HOH HOH B . 
F 5 HOH 133 433 127 HOH HOH B . 
F 5 HOH 134 434 205 HOH HOH B . 
F 5 HOH 135 435 14  HOH HOH B . 
F 5 HOH 136 436 131 HOH HOH B . 
F 5 HOH 137 437 270 HOH HOH B . 
F 5 HOH 138 438 259 HOH HOH B . 
# 
loop_
_pdbx_unobs_or_zero_occ_atoms.id 
_pdbx_unobs_or_zero_occ_atoms.PDB_model_num 
_pdbx_unobs_or_zero_occ_atoms.polymer_flag 
_pdbx_unobs_or_zero_occ_atoms.occupancy_flag 
_pdbx_unobs_or_zero_occ_atoms.auth_asym_id 
_pdbx_unobs_or_zero_occ_atoms.auth_comp_id 
_pdbx_unobs_or_zero_occ_atoms.auth_seq_id 
_pdbx_unobs_or_zero_occ_atoms.PDB_ins_code 
_pdbx_unobs_or_zero_occ_atoms.auth_atom_id 
_pdbx_unobs_or_zero_occ_atoms.label_alt_id 
_pdbx_unobs_or_zero_occ_atoms.label_asym_id 
_pdbx_unobs_or_zero_occ_atoms.label_comp_id 
_pdbx_unobs_or_zero_occ_atoms.label_seq_id 
_pdbx_unobs_or_zero_occ_atoms.label_atom_id 
1 1 Y 1 B LEU 192 ? CG  ? A LEU 186 CG  
2 1 Y 1 B LEU 192 ? CD1 ? A LEU 186 CD1 
3 1 Y 1 B LEU 192 ? CD2 ? A LEU 186 CD2 
# 
loop_
_software.pdbx_ordinal 
_software.name 
_software.version 
_software.date 
_software.type 
_software.contact_author 
_software.contact_author_email 
_software.classification 
_software.location 
_software.language 
_software.citation_id 
1 REFMAC      5.8.0267 ?               program 'Garib N. Murshudov' garib@ysbl.york.ac.uk    refinement        
http://www.ccp4.ac.uk/dist/html/refmac5.html        Fortran_77 ? 
2 Aimless     0.7.7    23/04/21        program 'Phil Evans'         ?                        'data scaling'    
http://www.mrc-lmb.cam.ac.uk/harry/pre/aimless.html ?          ? 
3 PDB_EXTRACT 3.23     'SEP. 23, 2016' package PDB                  deposit@deposit.rcsb.org 'data extraction' 
http://sw-tools.pdb.org/apps/PDB_EXTRACT/           C++        ? 
4 XDS         .        ?               program ?                    ?                        'data reduction'  ? ?          ? 
5 REFMAC      .        ?               program ?                    ?                        phasing           ? ?          ? 
# 
_cell.entry_id           7HME 
_cell.length_a           95.721 
_cell.length_b           95.721 
_cell.length_c           45.785 
_cell.angle_alpha        90.000 
_cell.angle_beta         90.000 
_cell.angle_gamma        90.000 
_cell.Z_PDB              8 
_cell.pdbx_unique_axis   ? 
# 
_symmetry.entry_id                         7HME 
_symmetry.space_group_name_H-M             'I 4' 
_symmetry.pdbx_full_space_group_name_H-M   ? 
_symmetry.cell_setting                     ? 
_symmetry.Int_Tables_number                79 
# 
_exptl.crystals_number   1 
_exptl.entry_id          7HME 
_exptl.method            'X-RAY DIFFRACTION' 
# 
_exptl_crystal.id                    1 
_exptl_crystal.pdbx_mosaicity        0.000 
_exptl_crystal.pdbx_mosaicity_esd    ? 
_exptl_crystal.density_Matthews      2.43 
_exptl_crystal.density_diffrn        ? 
_exptl_crystal.density_meas          ? 
_exptl_crystal.density_meas_temp     ? 
_exptl_crystal.density_percent_sol   49.34 
_exptl_crystal.size_max              ? 
_exptl_crystal.size_mid              ? 
_exptl_crystal.size_min              ? 
_exptl_crystal.size_rad              ? 
_exptl_crystal.description           ? 
# 
_exptl_crystal_grow.crystal_id      1 
_exptl_crystal_grow.method          'VAPOR DIFFUSION, SITTING DROP' 
_exptl_crystal_grow.pH              8 
_exptl_crystal_grow.temp            293 
_exptl_crystal_grow.pdbx_details    '4 % PEG 400, 2 M AmmSO4, 0.1 M HEPES pH 8' 
_exptl_crystal_grow.temp_details    ? 
_exptl_crystal_grow.pdbx_pH_range   ? 
# 
_diffrn.id                     1 
_diffrn.ambient_temp           100 
_diffrn.crystal_id             1 
_diffrn.ambient_temp_details   ? 
# 
_diffrn_detector.detector               PIXEL 
_diffrn_detector.type                   'DECTRIS EIGER2 XE 9M' 
_diffrn_detector.pdbx_collection_date   2024-05-23 
_diffrn_detector.diffrn_id              1 
_diffrn_detector.details                ? 
# 
_diffrn_radiation.diffrn_id                        1 
_diffrn_radiation.wavelength_id                    1 
_diffrn_radiation.pdbx_diffrn_protocol             'SINGLE WAVELENGTH' 
_diffrn_radiation.pdbx_monochromatic_or_laue_m_l   ? 
_diffrn_radiation.monochromator                    ? 
_diffrn_radiation.pdbx_scattering_type             x-ray 
# 
_diffrn_radiation_wavelength.id           1 
_diffrn_radiation_wavelength.wavelength   0.92124 
_diffrn_radiation_wavelength.wt           1.0 
# 
_diffrn_source.diffrn_id                   1 
_diffrn_source.source                      SYNCHROTRON 
_diffrn_source.type                        'DIAMOND BEAMLINE I04-1' 
_diffrn_source.pdbx_wavelength_list        0.92124 
_diffrn_source.pdbx_synchrotron_site       Diamond 
_diffrn_source.pdbx_synchrotron_beamline   I04-1 
_diffrn_source.pdbx_wavelength             ? 
# 
_reflns.entry_id                     7HME 
_reflns.pdbx_diffrn_id               1 
_reflns.pdbx_ordinal                 1 
_reflns.observed_criterion_sigma_I   ? 
_reflns.observed_criterion_sigma_F   ? 
_reflns.d_resolution_low             67.670 
_reflns.d_resolution_high            1.510 
_reflns.number_obs                   32650 
_reflns.number_all                   ? 
_reflns.percent_possible_obs         100.000 
_reflns.pdbx_Rmerge_I_obs            0.177 
_reflns.pdbx_Rsym_value              ? 
_reflns.pdbx_netI_over_sigmaI        8.800 
_reflns.B_iso_Wilson_estimate        ? 
_reflns.pdbx_redundancy              13.300 
_reflns.pdbx_Rrim_I_all              0.184 
_reflns.pdbx_Rpim_I_all              0.050 
_reflns.pdbx_CC_half                 0.999 
_reflns.pdbx_netI_over_av_sigmaI     ? 
_reflns.pdbx_number_measured_all     434412 
_reflns.pdbx_scaling_rejects         0 
_reflns.pdbx_chi_squared             ? 
_reflns.Rmerge_F_all                 ? 
_reflns.Rmerge_F_obs                 ? 
_reflns.observed_criterion_F_max     ? 
_reflns.observed_criterion_F_min     ? 
_reflns.observed_criterion_I_max     ? 
_reflns.observed_criterion_I_min     ? 
_reflns.pdbx_d_res_high_opt          ? 
_reflns.pdbx_d_res_low_opt           ? 
_reflns.details                      ? 
# 
loop_
_reflns_shell.pdbx_diffrn_id 
_reflns_shell.pdbx_ordinal 
_reflns_shell.d_res_high 
_reflns_shell.d_res_low 
_reflns_shell.number_measured_obs 
_reflns_shell.number_measured_all 
_reflns_shell.number_unique_obs 
_reflns_shell.pdbx_rejects 
_reflns_shell.Rmerge_I_obs 
_reflns_shell.meanI_over_sigI_obs 
_reflns_shell.pdbx_Rsym_value 
_reflns_shell.pdbx_chi_squared 
_reflns_shell.pdbx_redundancy 
_reflns_shell.percent_possible_obs 
_reflns_shell.pdbx_netI_over_sigmaI_obs 
_reflns_shell.number_possible 
_reflns_shell.number_unique_all 
_reflns_shell.Rmerge_F_all 
_reflns_shell.Rmerge_F_obs 
_reflns_shell.Rmerge_I_all 
_reflns_shell.meanI_over_sigI_all 
_reflns_shell.percent_possible_all 
_reflns_shell.pdbx_Rrim_I_all 
_reflns_shell.pdbx_Rpim_I_all 
_reflns_shell.pdbx_CC_half 
1 1 1.510 1.540  ? 17460 1662 ? 4.703 ? ? ? 10.500 ? 0.400  ? ? ? ? ? ? 100.000 4.945 1.516 0.287 
1 2 8.140 67.670 ? 2769  234  ? 0.049 ? ? ? 11.800 ? 53.000 ? ? ? ? ? ? 99.900  0.052 0.015 0.998 
# 
_refine.entry_id                                 7HME 
_refine.pdbx_refine_id                           'X-RAY DIFFRACTION' 
_refine.ls_d_res_high                            1.5100 
_refine.ls_d_res_low                             67.6900 
_refine.pdbx_ls_sigma_F                          0.000 
_refine.pdbx_data_cutoff_high_absF               ? 
_refine.pdbx_data_cutoff_low_absF                ? 
_refine.ls_percent_reflns_obs                    99.7200 
_refine.ls_number_reflns_obs                     31015 
_refine.ls_number_reflns_all                     ? 
_refine.pdbx_ls_cross_valid_method               THROUGHOUT 
_refine.ls_matrix_type                           ? 
_refine.pdbx_R_Free_selection_details            RANDOM 
_refine.details                                  
'HYDROGENS HAVE BEEN ADDED IN THE RIDING POSITIONS U VALUES      : REFINED INDIVIDUALLY' 
_refine.ls_R_factor_all                          ? 
_refine.ls_R_factor_obs                          0.1853 
_refine.ls_R_factor_R_work                       0.1843 
_refine.ls_wR_factor_R_work                      ? 
_refine.ls_R_factor_R_free                       0.2045 
_refine.ls_wR_factor_R_free                      ? 
_refine.ls_percent_reflns_R_free                 4.8000 
_refine.ls_number_reflns_R_free                  1570 
_refine.ls_number_reflns_R_work                  ? 
_refine.ls_R_factor_R_free_error                 ? 
_refine.B_iso_mean                               23.7200 
_refine.solvent_model_param_bsol                 ? 
_refine.solvent_model_param_ksol                 ? 
_refine.pdbx_isotropic_thermal_model             ? 
_refine.aniso_B[1][1]                            0.0100 
_refine.aniso_B[2][2]                            0.0100 
_refine.aniso_B[3][3]                            -0.0200 
_refine.aniso_B[1][2]                            0.0000 
_refine.aniso_B[1][3]                            0.0000 
_refine.aniso_B[2][3]                            -0.0000 
_refine.correlation_coeff_Fo_to_Fc               0.9690 
_refine.correlation_coeff_Fo_to_Fc_free          0.9600 
_refine.overall_SU_R_Cruickshank_DPI             ? 
_refine.pdbx_overall_SU_R_free_Cruickshank_DPI   ? 
_refine.pdbx_overall_SU_R_Blow_DPI               ? 
_refine.pdbx_overall_SU_R_free_Blow_DPI          ? 
_refine.overall_SU_R_free                        ? 
_refine.pdbx_overall_ESU_R                       0.0810 
_refine.pdbx_overall_ESU_R_Free                  0.0780 
_refine.overall_SU_ML                            0.0780 
_refine.overall_SU_B                             2.3690 
_refine.solvent_model_details                    MASK 
_refine.pdbx_solvent_vdw_probe_radii             1.2000 
_refine.pdbx_solvent_ion_probe_radii             0.8000 
_refine.pdbx_solvent_shrinkage_radii             0.8000 
_refine.ls_number_parameters                     ? 
_refine.ls_number_restraints                     ? 
_refine.pdbx_starting_model                      ? 
_refine.pdbx_method_to_determine_struct          'FOURIER SYNTHESIS' 
_refine.pdbx_stereochemistry_target_values       'MAXIMUM LIKELIHOOD' 
_refine.pdbx_stereochem_target_val_spec_case     ? 
_refine.overall_FOM_work_R_set                   ? 
_refine.B_iso_max                                116.290 
_refine.B_iso_min                                12.900 
_refine.pdbx_overall_phase_error                 ? 
_refine.occupancy_max                            ? 
_refine.occupancy_min                            ? 
_refine.pdbx_diffrn_id                           1 
_refine.pdbx_TLS_residual_ADP_flag               ? 
_refine.pdbx_ls_sigma_I                          ? 
_refine.pdbx_data_cutoff_high_rms_absF           ? 
_refine.ls_R_factor_R_free_error_details         ? 
# 
_refine_hist.cycle_id                         final 
_refine_hist.pdbx_refine_id                   'X-RAY DIFFRACTION' 
_refine_hist.d_res_high                       1.5100 
_refine_hist.d_res_low                        67.6900 
_refine_hist.pdbx_number_atoms_ligand         28 
_refine_hist.number_atoms_solvent             138 
_refine_hist.number_atoms_total               1659 
_refine_hist.pdbx_number_residues_total       185 
_refine_hist.pdbx_B_iso_mean_ligand           43.69 
_refine_hist.pdbx_B_iso_mean_solvent          34.26 
_refine_hist.pdbx_number_atoms_protein        1493 
_refine_hist.pdbx_number_atoms_nucleic_acid   0 
# 
loop_
_refine_ls_restr.pdbx_refine_id 
_refine_ls_restr.type 
_refine_ls_restr.number 
_refine_ls_restr.dev_ideal 
_refine_ls_restr.dev_ideal_target 
_refine_ls_restr.weight 
_refine_ls_restr.pdbx_restraint_function 
'X-RAY DIFFRACTION' r_bond_refined_d       2007 0.010  0.013  ? ? 
'X-RAY DIFFRACTION' r_bond_other_d         1617 0.001  0.015  ? ? 
'X-RAY DIFFRACTION' r_angle_refined_deg    2514 1.586  1.641  ? ? 
'X-RAY DIFFRACTION' r_angle_other_deg      3728 1.371  1.580  ? ? 
'X-RAY DIFFRACTION' r_dihedral_angle_1_deg 235  7.101  5.000  ? ? 
'X-RAY DIFFRACTION' r_dihedral_angle_2_deg 107  27.177 21.215 ? ? 
'X-RAY DIFFRACTION' r_dihedral_angle_3_deg 285  13.016 15.000 ? ? 
'X-RAY DIFFRACTION' r_dihedral_angle_4_deg 15   18.947 15.000 ? ? 
'X-RAY DIFFRACTION' r_chiral_restr         217  0.073  0.200  ? ? 
'X-RAY DIFFRACTION' r_gen_planes_refined   2230 0.009  0.020  ? ? 
'X-RAY DIFFRACTION' r_gen_planes_other     498  0.002  0.020  ? ? 
'X-RAY DIFFRACTION' r_mcbond_it            950  1.946  2.190  ? ? 
'X-RAY DIFFRACTION' r_mcbond_other         938  1.948  2.151  ? ? 
'X-RAY DIFFRACTION' r_mcangle_it           1129 3.096  3.224  ? ? 
# 
_refine_ls_shell.d_res_high                       1.5110 
_refine_ls_shell.d_res_low                        1.5500 
_refine_ls_shell.pdbx_total_number_of_bins_used   20 
_refine_ls_shell.percent_reflns_obs               96.4000 
_refine_ls_shell.number_reflns_R_work             2216 
_refine_ls_shell.R_factor_all                     ? 
_refine_ls_shell.R_factor_R_work                  0.3720 
_refine_ls_shell.R_factor_R_free                  0.3680 
_refine_ls_shell.percent_reflns_R_free            ? 
_refine_ls_shell.number_reflns_R_free             112 
_refine_ls_shell.R_factor_R_free_error            ? 
_refine_ls_shell.number_reflns_all                2328 
_refine_ls_shell.number_reflns_obs                ? 
_refine_ls_shell.pdbx_refine_id                   'X-RAY DIFFRACTION' 
# 
_struct.entry_id                  7HME 
_struct.title                     'PanDDA analysis group deposition -- Crystal Structure of TRIM21 in complex with Z319545618' 
_struct.pdbx_model_details        ? 
_struct.pdbx_CASP_flag            ? 
_struct.pdbx_model_type_details   ? 
# 
_struct_keywords.entry_id        7HME 
_struct_keywords.text            'SGC - Diamond I04-1 fragment screening, PanDDA, XChemExplorer, TRIM21, LIGASE' 
_struct_keywords.pdbx_keywords   LIGASE 
# 
loop_
_struct_asym.id 
_struct_asym.pdbx_blank_PDB_chainid_flag 
_struct_asym.pdbx_modified 
_struct_asym.entity_id 
_struct_asym.details 
A N N 1 ? 
B N N 2 ? 
C N N 3 ? 
D N N 2 ? 
E N N 4 ? 
F N N 5 ? 
# 
_struct_ref.id                         1 
_struct_ref.db_name                    UNP 
_struct_ref.db_code                    RO52_MOUSE 
_struct_ref.pdbx_db_accession          Q62191 
_struct_ref.pdbx_db_isoform            ? 
_struct_ref.entity_id                  1 
_struct_ref.pdbx_seq_one_letter_code   
;VHITLDRNTANSWLIISKDRRQVRMGDTHQNVSDNKERFSNYPMVLGAQRFSSGKMYWEVDVTQKEAWDLGVCRDSVQRK
GQFSLSPENGFWTIWLWQDSYEAGTSPQTTLHIQVPPCQIGIFVDYEAGVVSFYNITDHGSLIYTFSECVFAGPLRPFFN
VGFNYSGGNAAPLKLCPLKM
;
_struct_ref.pdbx_align_begin           291 
# 
_struct_ref_seq.align_id                      1 
_struct_ref_seq.ref_id                        1 
_struct_ref_seq.pdbx_PDB_id_code              7HME 
_struct_ref_seq.pdbx_strand_id                B 
_struct_ref_seq.seq_align_beg                 9 
_struct_ref_seq.pdbx_seq_align_beg_ins_code   ? 
_struct_ref_seq.seq_align_end                 188 
_struct_ref_seq.pdbx_seq_align_end_ins_code   ? 
_struct_ref_seq.pdbx_db_accession             Q62191 
_struct_ref_seq.db_align_beg                  291 
_struct_ref_seq.pdbx_db_align_beg_ins_code    ? 
_struct_ref_seq.db_align_end                  470 
_struct_ref_seq.pdbx_db_align_end_ins_code    ? 
_struct_ref_seq.pdbx_auth_seq_align_beg       15 
_struct_ref_seq.pdbx_auth_seq_align_end       194 
# 
loop_
_struct_ref_seq_dif.align_id 
_struct_ref_seq_dif.pdbx_pdb_id_code 
_struct_ref_seq_dif.mon_id 
_struct_ref_seq_dif.pdbx_pdb_strand_id 
_struct_ref_seq_dif.seq_num 
_struct_ref_seq_dif.pdbx_pdb_ins_code 
_struct_ref_seq_dif.pdbx_seq_db_name 
_struct_ref_seq_dif.pdbx_seq_db_accession_code 
_struct_ref_seq_dif.db_mon_id 
_struct_ref_seq_dif.pdbx_seq_db_seq_num 
_struct_ref_seq_dif.details 
_struct_ref_seq_dif.pdbx_auth_seq_num 
_struct_ref_seq_dif.pdbx_ordinal 
1 7HME MET B 1 ? UNP Q62191 ? ? 'initiating methionine' 7  1 
1 7HME HIS B 2 ? UNP Q62191 ? ? 'expression tag'        8  2 
1 7HME HIS B 3 ? UNP Q62191 ? ? 'expression tag'        9  3 
1 7HME HIS B 4 ? UNP Q62191 ? ? 'expression tag'        10 4 
1 7HME HIS B 5 ? UNP Q62191 ? ? 'expression tag'        11 5 
1 7HME HIS B 6 ? UNP Q62191 ? ? 'expression tag'        12 6 
1 7HME HIS B 7 ? UNP Q62191 ? ? 'expression tag'        13 7 
1 7HME MET B 8 ? UNP Q62191 ? ? 'expression tag'        14 8 
# 
_pdbx_struct_assembly.id                   1 
_pdbx_struct_assembly.details              author_defined_assembly 
_pdbx_struct_assembly.method_details       ? 
_pdbx_struct_assembly.oligomeric_details   monomeric 
_pdbx_struct_assembly.oligomeric_count     1 
# 
_pdbx_struct_assembly_gen.assembly_id       1 
_pdbx_struct_assembly_gen.oper_expression   1 
_pdbx_struct_assembly_gen.asym_id_list      A,B,C,D,E,F 
# 
_pdbx_struct_oper_list.id                   1 
_pdbx_struct_oper_list.type                 'identity operation' 
_pdbx_struct_oper_list.name                 1_555 
_pdbx_struct_oper_list.symmetry_operation   x,y,z 
_pdbx_struct_oper_list.matrix[1][1]         1.0000000000 
_pdbx_struct_oper_list.matrix[1][2]         0.0000000000 
_pdbx_struct_oper_list.matrix[1][3]         0.0000000000 
_pdbx_struct_oper_list.vector[1]            0.0000000000 
_pdbx_struct_oper_list.matrix[2][1]         0.0000000000 
_pdbx_struct_oper_list.matrix[2][2]         1.0000000000 
_pdbx_struct_oper_list.matrix[2][3]         0.0000000000 
_pdbx_struct_oper_list.vector[2]            0.0000000000 
_pdbx_struct_oper_list.matrix[3][1]         0.0000000000 
_pdbx_struct_oper_list.matrix[3][2]         0.0000000000 
_pdbx_struct_oper_list.matrix[3][3]         1.0000000000 
_pdbx_struct_oper_list.vector[3]            0.0000000000 
# 
loop_
_struct_conf.conf_type_id 
_struct_conf.id 
_struct_conf.pdbx_PDB_helix_id 
_struct_conf.beg_label_comp_id 
_struct_conf.beg_label_asym_id 
_struct_conf.beg_label_seq_id 
_struct_conf.pdbx_beg_PDB_ins_code 
_struct_conf.end_label_comp_id 
_struct_conf.end_label_asym_id 
_struct_conf.end_label_seq_id 
_struct_conf.pdbx_end_PDB_ins_code 
_struct_conf.beg_auth_comp_id 
_struct_conf.beg_auth_asym_id 
_struct_conf.beg_auth_seq_id 
_struct_conf.end_auth_comp_id 
_struct_conf.end_auth_asym_id 
_struct_conf.end_auth_seq_id 
_struct_conf.pdbx_PDB_helix_class 
_struct_conf.details 
_struct_conf.pdbx_PDB_helix_length 
HELX_P HELX_P1 AA1 HIS A 4  ? MET A 8  ? HIS B 10  MET B 14  5 ? 5 
HELX_P HELX_P2 AA2 ARG A 15 ? ALA A 18 ? ARG B 21  ALA B 24  5 ? 4 
HELX_P HELX_P3 AA3 SER A 94 ? ASN A 97 ? SER B 100 ASN B 103 5 ? 4 
# 
_struct_conf_type.id          HELX_P 
_struct_conf_type.criteria    ? 
_struct_conf_type.reference   ? 
# 
_struct_mon_prot_cis.pdbx_id                1 
_struct_mon_prot_cis.label_comp_id          SER 
_struct_mon_prot_cis.label_seq_id           114 
_struct_mon_prot_cis.label_asym_id          A 
_struct_mon_prot_cis.label_alt_id           . 
_struct_mon_prot_cis.pdbx_PDB_ins_code      ? 
_struct_mon_prot_cis.auth_comp_id           SER 
_struct_mon_prot_cis.auth_seq_id            120 
_struct_mon_prot_cis.auth_asym_id           B 
_struct_mon_prot_cis.pdbx_label_comp_id_2   PRO 
_struct_mon_prot_cis.pdbx_label_seq_id_2    115 
_struct_mon_prot_cis.pdbx_label_asym_id_2   A 
_struct_mon_prot_cis.pdbx_PDB_ins_code_2    ? 
_struct_mon_prot_cis.pdbx_auth_comp_id_2    PRO 
_struct_mon_prot_cis.pdbx_auth_seq_id_2     121 
_struct_mon_prot_cis.pdbx_auth_asym_id_2    B 
_struct_mon_prot_cis.pdbx_PDB_model_num     1 
_struct_mon_prot_cis.pdbx_omega_angle       0.39 
# 
loop_
_struct_sheet.id 
_struct_sheet.type 
_struct_sheet.number_strands 
_struct_sheet.details 
AA1 ? 7 ? 
AA2 ? 7 ? 
# 
loop_
_struct_sheet_order.sheet_id 
_struct_sheet_order.range_id_1 
_struct_sheet_order.range_id_2 
_struct_sheet_order.offset 
_struct_sheet_order.sense 
AA1 1 2 ? anti-parallel 
AA1 2 3 ? anti-parallel 
AA1 3 4 ? anti-parallel 
AA1 4 5 ? anti-parallel 
AA1 5 6 ? anti-parallel 
AA1 6 7 ? anti-parallel 
AA2 1 2 ? anti-parallel 
AA2 2 3 ? anti-parallel 
AA2 3 4 ? anti-parallel 
AA2 4 5 ? anti-parallel 
AA2 5 6 ? anti-parallel 
AA2 6 7 ? anti-parallel 
# 
loop_
_struct_sheet_range.sheet_id 
_struct_sheet_range.id 
_struct_sheet_range.beg_label_comp_id 
_struct_sheet_range.beg_label_asym_id 
_struct_sheet_range.beg_label_seq_id 
_struct_sheet_range.pdbx_beg_PDB_ins_code 
_struct_sheet_range.end_label_comp_id 
_struct_sheet_range.end_label_asym_id 
_struct_sheet_range.end_label_seq_id 
_struct_sheet_range.pdbx_end_PDB_ins_code 
_struct_sheet_range.beg_auth_comp_id 
_struct_sheet_range.beg_auth_asym_id 
_struct_sheet_range.beg_auth_seq_id 
_struct_sheet_range.end_auth_comp_id 
_struct_sheet_range.end_auth_asym_id 
_struct_sheet_range.end_auth_seq_id 
AA1 1 LEU A 13  ? ASP A 14  ? LEU B 19  ASP B 20  
AA1 2 MET A 52  ? GLY A 55  ? MET B 58  GLY B 61  
AA1 3 LEU A 163 ? ASN A 168 ? LEU B 169 ASN B 174 
AA1 4 TRP A 76  ? ARG A 82  ? TRP B 82  ARG B 88  
AA1 5 PHE A 99  ? TRP A 105 ? PHE B 105 TRP B 111 
AA1 6 SER A 108 ? ALA A 111 ? SER B 114 ALA B 117 
AA1 7 THR A 117 ? THR A 118 ? THR B 123 THR B 124 
AA2 1 LEU A 22  ? ILE A 24  ? LEU B 28  ILE B 30  
AA2 2 GLN A 30  ? MET A 33  ? GLN B 36  MET B 39  
AA2 3 LEU A 181 ? LEU A 183 ? LEU B 187 LEU B 189 
AA2 4 LYS A 63  ? ASP A 69  ? LYS B 69  ASP B 75  
AA2 5 GLN A 127 ? ASP A 133 ? GLN B 133 ASP B 139 
AA2 6 VAL A 138 ? ASN A 143 ? VAL B 144 ASN B 149 
AA2 7 SER A 149 ? PHE A 154 ? SER B 155 PHE B 160 
# 
loop_
_pdbx_struct_sheet_hbond.sheet_id 
_pdbx_struct_sheet_hbond.range_id_1 
_pdbx_struct_sheet_hbond.range_id_2 
_pdbx_struct_sheet_hbond.range_1_label_atom_id 
_pdbx_struct_sheet_hbond.range_1_label_comp_id 
_pdbx_struct_sheet_hbond.range_1_label_asym_id 
_pdbx_struct_sheet_hbond.range_1_label_seq_id 
_pdbx_struct_sheet_hbond.range_1_PDB_ins_code 
_pdbx_struct_sheet_hbond.range_1_auth_atom_id 
_pdbx_struct_sheet_hbond.range_1_auth_comp_id 
_pdbx_struct_sheet_hbond.range_1_auth_asym_id 
_pdbx_struct_sheet_hbond.range_1_auth_seq_id 
_pdbx_struct_sheet_hbond.range_2_label_atom_id 
_pdbx_struct_sheet_hbond.range_2_label_comp_id 
_pdbx_struct_sheet_hbond.range_2_label_asym_id 
_pdbx_struct_sheet_hbond.range_2_label_seq_id 
_pdbx_struct_sheet_hbond.range_2_PDB_ins_code 
_pdbx_struct_sheet_hbond.range_2_auth_atom_id 
_pdbx_struct_sheet_hbond.range_2_auth_comp_id 
_pdbx_struct_sheet_hbond.range_2_auth_asym_id 
_pdbx_struct_sheet_hbond.range_2_auth_seq_id 
AA1 1 2 N ASP A 14  ? N ASP B 20  O LEU A 54  ? O LEU B 60  
AA1 2 3 N GLY A 55  ? N GLY B 61  O PRO A 165 ? O PRO B 171 
AA1 3 4 O ARG A 164 ? O ARG B 170 N CYS A 81  ? N CYS B 87  
AA1 4 5 N LEU A 78  ? N LEU B 84  O ILE A 102 ? O ILE B 108 
AA1 5 6 N TRP A 103 ? N TRP B 109 O GLU A 110 ? O GLU B 116 
AA1 6 7 N ALA A 111 ? N ALA B 117 O THR A 117 ? O THR B 123 
AA2 1 2 N ILE A 23  ? N ILE B 29  O ARG A 32  ? O ARG B 38  
AA2 2 3 N VAL A 31  ? N VAL B 37  O LEU A 181 ? O LEU B 187 
AA2 3 4 O LYS A 182 ? O LYS B 188 N ASP A 69  ? N ASP B 75  
AA2 4 5 N TRP A 66  ? N TRP B 72  O ILE A 130 ? O ILE B 136 
AA2 5 6 N PHE A 131 ? N PHE B 137 O SER A 140 ? O SER B 146 
AA2 6 7 N PHE A 141 ? N PHE B 147 O ILE A 151 ? O ILE B 157 
# 
_pdbx_entry_details.entry_id                   7HME 
_pdbx_entry_details.compound_details           ? 
_pdbx_entry_details.source_details             ? 
_pdbx_entry_details.nonpolymer_details         ? 
_pdbx_entry_details.sequence_details           ? 
_pdbx_entry_details.has_ligand_of_interest     Y 
_pdbx_entry_details.has_protein_modification   N 
# 
_pdbx_validate_torsion.id              1 
_pdbx_validate_torsion.PDB_model_num   1 
_pdbx_validate_torsion.auth_comp_id    ASP 
_pdbx_validate_torsion.auth_asym_id    B 
_pdbx_validate_torsion.auth_seq_id     152 
_pdbx_validate_torsion.PDB_ins_code    ? 
_pdbx_validate_torsion.label_alt_id    ? 
_pdbx_validate_torsion.phi             -106.33 
_pdbx_validate_torsion.psi             55.63 
# 
_pdbx_struct_special_symmetry.id              1 
_pdbx_struct_special_symmetry.PDB_model_num   1 
_pdbx_struct_special_symmetry.auth_asym_id    B 
_pdbx_struct_special_symmetry.auth_comp_id    HOH 
_pdbx_struct_special_symmetry.auth_seq_id     423 
_pdbx_struct_special_symmetry.PDB_ins_code    ? 
_pdbx_struct_special_symmetry.label_asym_id   F 
_pdbx_struct_special_symmetry.label_comp_id   HOH 
_pdbx_struct_special_symmetry.label_seq_id    . 
# 
_phasing.method   MR 
# 
loop_
_pdbx_unobs_or_zero_occ_residues.id 
_pdbx_unobs_or_zero_occ_residues.PDB_model_num 
_pdbx_unobs_or_zero_occ_residues.polymer_flag 
_pdbx_unobs_or_zero_occ_residues.occupancy_flag 
_pdbx_unobs_or_zero_occ_residues.auth_asym_id 
_pdbx_unobs_or_zero_occ_residues.auth_comp_id 
_pdbx_unobs_or_zero_occ_residues.auth_seq_id 
_pdbx_unobs_or_zero_occ_residues.PDB_ins_code 
_pdbx_unobs_or_zero_occ_residues.label_asym_id 
_pdbx_unobs_or_zero_occ_residues.label_comp_id 
_pdbx_unobs_or_zero_occ_residues.label_seq_id 
1 1 Y 1 B MET 7   ? A MET 1   
2 1 Y 1 B LYS 193 ? A LYS 187 
3 1 Y 1 B MET 194 ? A MET 188 
# 
loop_
_chem_comp_atom.comp_id 
_chem_comp_atom.atom_id 
_chem_comp_atom.type_symbol 
_chem_comp_atom.pdbx_aromatic_flag 
_chem_comp_atom.pdbx_stereo_config 
_chem_comp_atom.pdbx_ordinal 
ALA N    N N N 1   
ALA CA   C N S 2   
ALA C    C N N 3   
ALA O    O N N 4   
ALA CB   C N N 5   
ALA OXT  O N N 6   
ALA H    H N N 7   
ALA H2   H N N 8   
ALA HA   H N N 9   
ALA HB1  H N N 10  
ALA HB2  H N N 11  
ALA HB3  H N N 12  
ALA HXT  H N N 13  
ARG N    N N N 14  
ARG CA   C N S 15  
ARG C    C N N 16  
ARG O    O N N 17  
ARG CB   C N N 18  
ARG CG   C N N 19  
ARG CD   C N N 20  
ARG NE   N N N 21  
ARG CZ   C N N 22  
ARG NH1  N N N 23  
ARG NH2  N N N 24  
ARG OXT  O N N 25  
ARG H    H N N 26  
ARG H2   H N N 27  
ARG HA   H N N 28  
ARG HB2  H N N 29  
ARG HB3  H N N 30  
ARG HG2  H N N 31  
ARG HG3  H N N 32  
ARG HD2  H N N 33  
ARG HD3  H N N 34  
ARG HE   H N N 35  
ARG HH11 H N N 36  
ARG HH12 H N N 37  
ARG HH21 H N N 38  
ARG HH22 H N N 39  
ARG HXT  H N N 40  
ASN N    N N N 41  
ASN CA   C N S 42  
ASN C    C N N 43  
ASN O    O N N 44  
ASN CB   C N N 45  
ASN CG   C N N 46  
ASN OD1  O N N 47  
ASN ND2  N N N 48  
ASN OXT  O N N 49  
ASN H    H N N 50  
ASN H2   H N N 51  
ASN HA   H N N 52  
ASN HB2  H N N 53  
ASN HB3  H N N 54  
ASN HD21 H N N 55  
ASN HD22 H N N 56  
ASN HXT  H N N 57  
ASP N    N N N 58  
ASP CA   C N S 59  
ASP C    C N N 60  
ASP O    O N N 61  
ASP CB   C N N 62  
ASP CG   C N N 63  
ASP OD1  O N N 64  
ASP OD2  O N N 65  
ASP OXT  O N N 66  
ASP H    H N N 67  
ASP H2   H N N 68  
ASP HA   H N N 69  
ASP HB2  H N N 70  
ASP HB3  H N N 71  
ASP HD2  H N N 72  
ASP HXT  H N N 73  
CYS N    N N N 74  
CYS CA   C N R 75  
CYS C    C N N 76  
CYS O    O N N 77  
CYS CB   C N N 78  
CYS SG   S N N 79  
CYS OXT  O N N 80  
CYS H    H N N 81  
CYS H2   H N N 82  
CYS HA   H N N 83  
CYS HB2  H N N 84  
CYS HB3  H N N 85  
CYS HG   H N N 86  
CYS HXT  H N N 87  
EDO C1   C N N 88  
EDO O1   O N N 89  
EDO C2   C N N 90  
EDO O2   O N N 91  
EDO H11  H N N 92  
EDO H12  H N N 93  
EDO HO1  H N N 94  
EDO H21  H N N 95  
EDO H22  H N N 96  
EDO HO2  H N N 97  
GLN N    N N N 98  
GLN CA   C N S 99  
GLN C    C N N 100 
GLN O    O N N 101 
GLN CB   C N N 102 
GLN CG   C N N 103 
GLN CD   C N N 104 
GLN OE1  O N N 105 
GLN NE2  N N N 106 
GLN OXT  O N N 107 
GLN H    H N N 108 
GLN H2   H N N 109 
GLN HA   H N N 110 
GLN HB2  H N N 111 
GLN HB3  H N N 112 
GLN HG2  H N N 113 
GLN HG3  H N N 114 
GLN HE21 H N N 115 
GLN HE22 H N N 116 
GLN HXT  H N N 117 
GLU N    N N N 118 
GLU CA   C N S 119 
GLU C    C N N 120 
GLU O    O N N 121 
GLU CB   C N N 122 
GLU CG   C N N 123 
GLU CD   C N N 124 
GLU OE1  O N N 125 
GLU OE2  O N N 126 
GLU OXT  O N N 127 
GLU H    H N N 128 
GLU H2   H N N 129 
GLU HA   H N N 130 
GLU HB2  H N N 131 
GLU HB3  H N N 132 
GLU HG2  H N N 133 
GLU HG3  H N N 134 
GLU HE2  H N N 135 
GLU HXT  H N N 136 
GLY N    N N N 137 
GLY CA   C N N 138 
GLY C    C N N 139 
GLY O    O N N 140 
GLY OXT  O N N 141 
GLY H    H N N 142 
GLY H2   H N N 143 
GLY HA2  H N N 144 
GLY HA3  H N N 145 
GLY HXT  H N N 146 
HIS N    N N N 147 
HIS CA   C N S 148 
HIS C    C N N 149 
HIS O    O N N 150 
HIS CB   C N N 151 
HIS CG   C Y N 152 
HIS ND1  N Y N 153 
HIS CD2  C Y N 154 
HIS CE1  C Y N 155 
HIS NE2  N Y N 156 
HIS OXT  O N N 157 
HIS H    H N N 158 
HIS H2   H N N 159 
HIS HA   H N N 160 
HIS HB2  H N N 161 
HIS HB3  H N N 162 
HIS HD1  H N N 163 
HIS HD2  H N N 164 
HIS HE1  H N N 165 
HIS HE2  H N N 166 
HIS HXT  H N N 167 
HOH O    O N N 168 
HOH H1   H N N 169 
HOH H2   H N N 170 
ILE N    N N N 171 
ILE CA   C N S 172 
ILE C    C N N 173 
ILE O    O N N 174 
ILE CB   C N S 175 
ILE CG1  C N N 176 
ILE CG2  C N N 177 
ILE CD1  C N N 178 
ILE OXT  O N N 179 
ILE H    H N N 180 
ILE H2   H N N 181 
ILE HA   H N N 182 
ILE HB   H N N 183 
ILE HG12 H N N 184 
ILE HG13 H N N 185 
ILE HG21 H N N 186 
ILE HG22 H N N 187 
ILE HG23 H N N 188 
ILE HD11 H N N 189 
ILE HD12 H N N 190 
ILE HD13 H N N 191 
ILE HXT  H N N 192 
LEU N    N N N 193 
LEU CA   C N S 194 
LEU C    C N N 195 
LEU O    O N N 196 
LEU CB   C N N 197 
LEU CG   C N N 198 
LEU CD1  C N N 199 
LEU CD2  C N N 200 
LEU OXT  O N N 201 
LEU H    H N N 202 
LEU H2   H N N 203 
LEU HA   H N N 204 
LEU HB2  H N N 205 
LEU HB3  H N N 206 
LEU HG   H N N 207 
LEU HD11 H N N 208 
LEU HD12 H N N 209 
LEU HD13 H N N 210 
LEU HD21 H N N 211 
LEU HD22 H N N 212 
LEU HD23 H N N 213 
LEU HXT  H N N 214 
LYS N    N N N 215 
LYS CA   C N S 216 
LYS C    C N N 217 
LYS O    O N N 218 
LYS CB   C N N 219 
LYS CG   C N N 220 
LYS CD   C N N 221 
LYS CE   C N N 222 
LYS NZ   N N N 223 
LYS OXT  O N N 224 
LYS H    H N N 225 
LYS H2   H N N 226 
LYS HA   H N N 227 
LYS HB2  H N N 228 
LYS HB3  H N N 229 
LYS HG2  H N N 230 
LYS HG3  H N N 231 
LYS HD2  H N N 232 
LYS HD3  H N N 233 
LYS HE2  H N N 234 
LYS HE3  H N N 235 
LYS HZ1  H N N 236 
LYS HZ2  H N N 237 
LYS HZ3  H N N 238 
LYS HXT  H N N 239 
MET N    N N N 240 
MET CA   C N S 241 
MET C    C N N 242 
MET O    O N N 243 
MET CB   C N N 244 
MET CG   C N N 245 
MET SD   S N N 246 
MET CE   C N N 247 
MET OXT  O N N 248 
MET H    H N N 249 
MET H2   H N N 250 
MET HA   H N N 251 
MET HB2  H N N 252 
MET HB3  H N N 253 
MET HG2  H N N 254 
MET HG3  H N N 255 
MET HE1  H N N 256 
MET HE2  H N N 257 
MET HE3  H N N 258 
MET HXT  H N N 259 
PHE N    N N N 260 
PHE CA   C N S 261 
PHE C    C N N 262 
PHE O    O N N 263 
PHE CB   C N N 264 
PHE CG   C Y N 265 
PHE CD1  C Y N 266 
PHE CD2  C Y N 267 
PHE CE1  C Y N 268 
PHE CE2  C Y N 269 
PHE CZ   C Y N 270 
PHE OXT  O N N 271 
PHE H    H N N 272 
PHE H2   H N N 273 
PHE HA   H N N 274 
PHE HB2  H N N 275 
PHE HB3  H N N 276 
PHE HD1  H N N 277 
PHE HD2  H N N 278 
PHE HE1  H N N 279 
PHE HE2  H N N 280 
PHE HZ   H N N 281 
PHE HXT  H N N 282 
PRO N    N N N 283 
PRO CA   C N S 284 
PRO C    C N N 285 
PRO O    O N N 286 
PRO CB   C N N 287 
PRO CG   C N N 288 
PRO CD   C N N 289 
PRO OXT  O N N 290 
PRO H    H N N 291 
PRO HA   H N N 292 
PRO HB2  H N N 293 
PRO HB3  H N N 294 
PRO HG2  H N N 295 
PRO HG3  H N N 296 
PRO HD2  H N N 297 
PRO HD3  H N N 298 
PRO HXT  H N N 299 
RXS N1   N Y N 300 
RXS C4   C N N 301 
RXS C5   C Y N 302 
RXS C6   C Y N 303 
RXS C7   C Y N 304 
RXS C8   C Y N 305 
RXS C10  C N N 306 
RXS N    N Y N 307 
RXS C    C N N 308 
RXS C1   C Y N 309 
RXS C11  C Y N 310 
RXS C2   C Y N 311 
RXS C3   C Y N 312 
RXS C9   C Y N 313 
RXS N2   N N N 314 
RXS H1   H N N 315 
RXS H2   H N N 316 
RXS H3   H N N 317 
RXS H4   H N N 318 
RXS H5   H N N 319 
RXS H6   H N N 320 
RXS H7   H N N 321 
RXS H8   H N N 322 
RXS H9   H N N 323 
RXS H10  H N N 324 
RXS H11  H N N 325 
SER N    N N N 326 
SER CA   C N S 327 
SER C    C N N 328 
SER O    O N N 329 
SER CB   C N N 330 
SER OG   O N N 331 
SER OXT  O N N 332 
SER H    H N N 333 
SER H2   H N N 334 
SER HA   H N N 335 
SER HB2  H N N 336 
SER HB3  H N N 337 
SER HG   H N N 338 
SER HXT  H N N 339 
SO4 S    S N N 340 
SO4 O1   O N N 341 
SO4 O2   O N N 342 
SO4 O3   O N N 343 
SO4 O4   O N N 344 
THR N    N N N 345 
THR CA   C N S 346 
THR C    C N N 347 
THR O    O N N 348 
THR CB   C N R 349 
THR OG1  O N N 350 
THR CG2  C N N 351 
THR OXT  O N N 352 
THR H    H N N 353 
THR H2   H N N 354 
THR HA   H N N 355 
THR HB   H N N 356 
THR HG1  H N N 357 
THR HG21 H N N 358 
THR HG22 H N N 359 
THR HG23 H N N 360 
THR HXT  H N N 361 
TRP N    N N N 362 
TRP CA   C N S 363 
TRP C    C N N 364 
TRP O    O N N 365 
TRP CB   C N N 366 
TRP CG   C Y N 367 
TRP CD1  C Y N 368 
TRP CD2  C Y N 369 
TRP NE1  N Y N 370 
TRP CE2  C Y N 371 
TRP CE3  C Y N 372 
TRP CZ2  C Y N 373 
TRP CZ3  C Y N 374 
TRP CH2  C Y N 375 
TRP OXT  O N N 376 
TRP H    H N N 377 
TRP H2   H N N 378 
TRP HA   H N N 379 
TRP HB2  H N N 380 
TRP HB3  H N N 381 
TRP HD1  H N N 382 
TRP HE1  H N N 383 
TRP HE3  H N N 384 
TRP HZ2  H N N 385 
TRP HZ3  H N N 386 
TRP HH2  H N N 387 
TRP HXT  H N N 388 
TYR N    N N N 389 
TYR CA   C N S 390 
TYR C    C N N 391 
TYR O    O N N 392 
TYR CB   C N N 393 
TYR CG   C Y N 394 
TYR CD1  C Y N 395 
TYR CD2  C Y N 396 
TYR CE1  C Y N 397 
TYR CE2  C Y N 398 
TYR CZ   C Y N 399 
TYR OH   O N N 400 
TYR OXT  O N N 401 
TYR H    H N N 402 
TYR H2   H N N 403 
TYR HA   H N N 404 
TYR HB2  H N N 405 
TYR HB3  H N N 406 
TYR HD1  H N N 407 
TYR HD2  H N N 408 
TYR HE1  H N N 409 
TYR HE2  H N N 410 
TYR HH   H N N 411 
TYR HXT  H N N 412 
VAL N    N N N 413 
VAL CA   C N S 414 
VAL C    C N N 415 
VAL O    O N N 416 
VAL CB   C N N 417 
VAL CG1  C N N 418 
VAL CG2  C N N 419 
VAL OXT  O N N 420 
VAL H    H N N 421 
VAL H2   H N N 422 
VAL HA   H N N 423 
VAL HB   H N N 424 
VAL HG11 H N N 425 
VAL HG12 H N N 426 
VAL HG13 H N N 427 
VAL HG21 H N N 428 
VAL HG22 H N N 429 
VAL HG23 H N N 430 
VAL HXT  H N N 431 
# 
loop_
_chem_comp_bond.comp_id 
_chem_comp_bond.atom_id_1 
_chem_comp_bond.atom_id_2 
_chem_comp_bond.value_order 
_chem_comp_bond.pdbx_aromatic_flag 
_chem_comp_bond.pdbx_stereo_config 
_chem_comp_bond.pdbx_ordinal 
ALA N   CA   sing N N 1   
ALA N   H    sing N N 2   
ALA N   H2   sing N N 3   
ALA CA  C    sing N N 4   
ALA CA  CB   sing N N 5   
ALA CA  HA   sing N N 6   
ALA C   O    doub N N 7   
ALA C   OXT  sing N N 8   
ALA CB  HB1  sing N N 9   
ALA CB  HB2  sing N N 10  
ALA CB  HB3  sing N N 11  
ALA OXT HXT  sing N N 12  
ARG N   CA   sing N N 13  
ARG N   H    sing N N 14  
ARG N   H2   sing N N 15  
ARG CA  C    sing N N 16  
ARG CA  CB   sing N N 17  
ARG CA  HA   sing N N 18  
ARG C   O    doub N N 19  
ARG C   OXT  sing N N 20  
ARG CB  CG   sing N N 21  
ARG CB  HB2  sing N N 22  
ARG CB  HB3  sing N N 23  
ARG CG  CD   sing N N 24  
ARG CG  HG2  sing N N 25  
ARG CG  HG3  sing N N 26  
ARG CD  NE   sing N N 27  
ARG CD  HD2  sing N N 28  
ARG CD  HD3  sing N N 29  
ARG NE  CZ   sing N N 30  
ARG NE  HE   sing N N 31  
ARG CZ  NH1  sing N N 32  
ARG CZ  NH2  doub N N 33  
ARG NH1 HH11 sing N N 34  
ARG NH1 HH12 sing N N 35  
ARG NH2 HH21 sing N N 36  
ARG NH2 HH22 sing N N 37  
ARG OXT HXT  sing N N 38  
ASN N   CA   sing N N 39  
ASN N   H    sing N N 40  
ASN N   H2   sing N N 41  
ASN CA  C    sing N N 42  
ASN CA  CB   sing N N 43  
ASN CA  HA   sing N N 44  
ASN C   O    doub N N 45  
ASN C   OXT  sing N N 46  
ASN CB  CG   sing N N 47  
ASN CB  HB2  sing N N 48  
ASN CB  HB3  sing N N 49  
ASN CG  OD1  doub N N 50  
ASN CG  ND2  sing N N 51  
ASN ND2 HD21 sing N N 52  
ASN ND2 HD22 sing N N 53  
ASN OXT HXT  sing N N 54  
ASP N   CA   sing N N 55  
ASP N   H    sing N N 56  
ASP N   H2   sing N N 57  
ASP CA  C    sing N N 58  
ASP CA  CB   sing N N 59  
ASP CA  HA   sing N N 60  
ASP C   O    doub N N 61  
ASP C   OXT  sing N N 62  
ASP CB  CG   sing N N 63  
ASP CB  HB2  sing N N 64  
ASP CB  HB3  sing N N 65  
ASP CG  OD1  doub N N 66  
ASP CG  OD2  sing N N 67  
ASP OD2 HD2  sing N N 68  
ASP OXT HXT  sing N N 69  
CYS N   CA   sing N N 70  
CYS N   H    sing N N 71  
CYS N   H2   sing N N 72  
CYS CA  C    sing N N 73  
CYS CA  CB   sing N N 74  
CYS CA  HA   sing N N 75  
CYS C   O    doub N N 76  
CYS C   OXT  sing N N 77  
CYS CB  SG   sing N N 78  
CYS CB  HB2  sing N N 79  
CYS CB  HB3  sing N N 80  
CYS SG  HG   sing N N 81  
CYS OXT HXT  sing N N 82  
EDO C1  O1   sing N N 83  
EDO C1  C2   sing N N 84  
EDO C1  H11  sing N N 85  
EDO C1  H12  sing N N 86  
EDO O1  HO1  sing N N 87  
EDO C2  O2   sing N N 88  
EDO C2  H21  sing N N 89  
EDO C2  H22  sing N N 90  
EDO O2  HO2  sing N N 91  
GLN N   CA   sing N N 92  
GLN N   H    sing N N 93  
GLN N   H2   sing N N 94  
GLN CA  C    sing N N 95  
GLN CA  CB   sing N N 96  
GLN CA  HA   sing N N 97  
GLN C   O    doub N N 98  
GLN C   OXT  sing N N 99  
GLN CB  CG   sing N N 100 
GLN CB  HB2  sing N N 101 
GLN CB  HB3  sing N N 102 
GLN CG  CD   sing N N 103 
GLN CG  HG2  sing N N 104 
GLN CG  HG3  sing N N 105 
GLN CD  OE1  doub N N 106 
GLN CD  NE2  sing N N 107 
GLN NE2 HE21 sing N N 108 
GLN NE2 HE22 sing N N 109 
GLN OXT HXT  sing N N 110 
GLU N   CA   sing N N 111 
GLU N   H    sing N N 112 
GLU N   H2   sing N N 113 
GLU CA  C    sing N N 114 
GLU CA  CB   sing N N 115 
GLU CA  HA   sing N N 116 
GLU C   O    doub N N 117 
GLU C   OXT  sing N N 118 
GLU CB  CG   sing N N 119 
GLU CB  HB2  sing N N 120 
GLU CB  HB3  sing N N 121 
GLU CG  CD   sing N N 122 
GLU CG  HG2  sing N N 123 
GLU CG  HG3  sing N N 124 
GLU CD  OE1  doub N N 125 
GLU CD  OE2  sing N N 126 
GLU OE2 HE2  sing N N 127 
GLU OXT HXT  sing N N 128 
GLY N   CA   sing N N 129 
GLY N   H    sing N N 130 
GLY N   H2   sing N N 131 
GLY CA  C    sing N N 132 
GLY CA  HA2  sing N N 133 
GLY CA  HA3  sing N N 134 
GLY C   O    doub N N 135 
GLY C   OXT  sing N N 136 
GLY OXT HXT  sing N N 137 
HIS N   CA   sing N N 138 
HIS N   H    sing N N 139 
HIS N   H2   sing N N 140 
HIS CA  C    sing N N 141 
HIS CA  CB   sing N N 142 
HIS CA  HA   sing N N 143 
HIS C   O    doub N N 144 
HIS C   OXT  sing N N 145 
HIS CB  CG   sing N N 146 
HIS CB  HB2  sing N N 147 
HIS CB  HB3  sing N N 148 
HIS CG  ND1  sing Y N 149 
HIS CG  CD2  doub Y N 150 
HIS ND1 CE1  doub Y N 151 
HIS ND1 HD1  sing N N 152 
HIS CD2 NE2  sing Y N 153 
HIS CD2 HD2  sing N N 154 
HIS CE1 NE2  sing Y N 155 
HIS CE1 HE1  sing N N 156 
HIS NE2 HE2  sing N N 157 
HIS OXT HXT  sing N N 158 
HOH O   H1   sing N N 159 
HOH O   H2   sing N N 160 
ILE N   CA   sing N N 161 
ILE N   H    sing N N 162 
ILE N   H2   sing N N 163 
ILE CA  C    sing N N 164 
ILE CA  CB   sing N N 165 
ILE CA  HA   sing N N 166 
ILE C   O    doub N N 167 
ILE C   OXT  sing N N 168 
ILE CB  CG1  sing N N 169 
ILE CB  CG2  sing N N 170 
ILE CB  HB   sing N N 171 
ILE CG1 CD1  sing N N 172 
ILE CG1 HG12 sing N N 173 
ILE CG1 HG13 sing N N 174 
ILE CG2 HG21 sing N N 175 
ILE CG2 HG22 sing N N 176 
ILE CG2 HG23 sing N N 177 
ILE CD1 HD11 sing N N 178 
ILE CD1 HD12 sing N N 179 
ILE CD1 HD13 sing N N 180 
ILE OXT HXT  sing N N 181 
LEU N   CA   sing N N 182 
LEU N   H    sing N N 183 
LEU N   H2   sing N N 184 
LEU CA  C    sing N N 185 
LEU CA  CB   sing N N 186 
LEU CA  HA   sing N N 187 
LEU C   O    doub N N 188 
LEU C   OXT  sing N N 189 
LEU CB  CG   sing N N 190 
LEU CB  HB2  sing N N 191 
LEU CB  HB3  sing N N 192 
LEU CG  CD1  sing N N 193 
LEU CG  CD2  sing N N 194 
LEU CG  HG   sing N N 195 
LEU CD1 HD11 sing N N 196 
LEU CD1 HD12 sing N N 197 
LEU CD1 HD13 sing N N 198 
LEU CD2 HD21 sing N N 199 
LEU CD2 HD22 sing N N 200 
LEU CD2 HD23 sing N N 201 
LEU OXT HXT  sing N N 202 
LYS N   CA   sing N N 203 
LYS N   H    sing N N 204 
LYS N   H2   sing N N 205 
LYS CA  C    sing N N 206 
LYS CA  CB   sing N N 207 
LYS CA  HA   sing N N 208 
LYS C   O    doub N N 209 
LYS C   OXT  sing N N 210 
LYS CB  CG   sing N N 211 
LYS CB  HB2  sing N N 212 
LYS CB  HB3  sing N N 213 
LYS CG  CD   sing N N 214 
LYS CG  HG2  sing N N 215 
LYS CG  HG3  sing N N 216 
LYS CD  CE   sing N N 217 
LYS CD  HD2  sing N N 218 
LYS CD  HD3  sing N N 219 
LYS CE  NZ   sing N N 220 
LYS CE  HE2  sing N N 221 
LYS CE  HE3  sing N N 222 
LYS NZ  HZ1  sing N N 223 
LYS NZ  HZ2  sing N N 224 
LYS NZ  HZ3  sing N N 225 
LYS OXT HXT  sing N N 226 
MET N   CA   sing N N 227 
MET N   H    sing N N 228 
MET N   H2   sing N N 229 
MET CA  C    sing N N 230 
MET CA  CB   sing N N 231 
MET CA  HA   sing N N 232 
MET C   O    doub N N 233 
MET C   OXT  sing N N 234 
MET CB  CG   sing N N 235 
MET CB  HB2  sing N N 236 
MET CB  HB3  sing N N 237 
MET CG  SD   sing N N 238 
MET CG  HG2  sing N N 239 
MET CG  HG3  sing N N 240 
MET SD  CE   sing N N 241 
MET CE  HE1  sing N N 242 
MET CE  HE2  sing N N 243 
MET CE  HE3  sing N N 244 
MET OXT HXT  sing N N 245 
PHE N   CA   sing N N 246 
PHE N   H    sing N N 247 
PHE N   H2   sing N N 248 
PHE CA  C    sing N N 249 
PHE CA  CB   sing N N 250 
PHE CA  HA   sing N N 251 
PHE C   O    doub N N 252 
PHE C   OXT  sing N N 253 
PHE CB  CG   sing N N 254 
PHE CB  HB2  sing N N 255 
PHE CB  HB3  sing N N 256 
PHE CG  CD1  doub Y N 257 
PHE CG  CD2  sing Y N 258 
PHE CD1 CE1  sing Y N 259 
PHE CD1 HD1  sing N N 260 
PHE CD2 CE2  doub Y N 261 
PHE CD2 HD2  sing N N 262 
PHE CE1 CZ   doub Y N 263 
PHE CE1 HE1  sing N N 264 
PHE CE2 CZ   sing Y N 265 
PHE CE2 HE2  sing N N 266 
PHE CZ  HZ   sing N N 267 
PHE OXT HXT  sing N N 268 
PRO N   CA   sing N N 269 
PRO N   CD   sing N N 270 
PRO N   H    sing N N 271 
PRO CA  C    sing N N 272 
PRO CA  CB   sing N N 273 
PRO CA  HA   sing N N 274 
PRO C   O    doub N N 275 
PRO C   OXT  sing N N 276 
PRO CB  CG   sing N N 277 
PRO CB  HB2  sing N N 278 
PRO CB  HB3  sing N N 279 
PRO CG  CD   sing N N 280 
PRO CG  HG2  sing N N 281 
PRO CG  HG3  sing N N 282 
PRO CD  HD2  sing N N 283 
PRO CD  HD3  sing N N 284 
PRO OXT HXT  sing N N 285 
RXS N   C2   sing Y N 286 
RXS N   C1   doub Y N 287 
RXS C2  C3   doub Y N 288 
RXS C   C1   sing N N 289 
RXS C1  N1   sing Y N 290 
RXS C3  N1   sing Y N 291 
RXS N1  C4   sing N N 292 
RXS C4  C5   sing N N 293 
RXS C6  C5   doub Y N 294 
RXS C6  C7   sing Y N 295 
RXS C5  C11  sing Y N 296 
RXS C7  C8   doub Y N 297 
RXS C11 C9   doub Y N 298 
RXS C8  C9   sing Y N 299 
RXS C9  C10  sing N N 300 
RXS C10 N2   trip N N 301 
RXS C4  H1   sing N N 302 
RXS C4  H2   sing N N 303 
RXS C6  H3   sing N N 304 
RXS C7  H4   sing N N 305 
RXS C8  H5   sing N N 306 
RXS C   H6   sing N N 307 
RXS C   H7   sing N N 308 
RXS C   H8   sing N N 309 
RXS C11 H9   sing N N 310 
RXS C2  H10  sing N N 311 
RXS C3  H11  sing N N 312 
SER N   CA   sing N N 313 
SER N   H    sing N N 314 
SER N   H2   sing N N 315 
SER CA  C    sing N N 316 
SER CA  CB   sing N N 317 
SER CA  HA   sing N N 318 
SER C   O    doub N N 319 
SER C   OXT  sing N N 320 
SER CB  OG   sing N N 321 
SER CB  HB2  sing N N 322 
SER CB  HB3  sing N N 323 
SER OG  HG   sing N N 324 
SER OXT HXT  sing N N 325 
SO4 S   O1   doub N N 326 
SO4 S   O2   doub N N 327 
SO4 S   O3   sing N N 328 
SO4 S   O4   sing N N 329 
THR N   CA   sing N N 330 
THR N   H    sing N N 331 
THR N   H2   sing N N 332 
THR CA  C    sing N N 333 
THR CA  CB   sing N N 334 
THR CA  HA   sing N N 335 
THR C   O    doub N N 336 
THR C   OXT  sing N N 337 
THR CB  OG1  sing N N 338 
THR CB  CG2  sing N N 339 
THR CB  HB   sing N N 340 
THR OG1 HG1  sing N N 341 
THR CG2 HG21 sing N N 342 
THR CG2 HG22 sing N N 343 
THR CG2 HG23 sing N N 344 
THR OXT HXT  sing N N 345 
TRP N   CA   sing N N 346 
TRP N   H    sing N N 347 
TRP N   H2   sing N N 348 
TRP CA  C    sing N N 349 
TRP CA  CB   sing N N 350 
TRP CA  HA   sing N N 351 
TRP C   O    doub N N 352 
TRP C   OXT  sing N N 353 
TRP CB  CG   sing N N 354 
TRP CB  HB2  sing N N 355 
TRP CB  HB3  sing N N 356 
TRP CG  CD1  doub Y N 357 
TRP CG  CD2  sing Y N 358 
TRP CD1 NE1  sing Y N 359 
TRP CD1 HD1  sing N N 360 
TRP CD2 CE2  doub Y N 361 
TRP CD2 CE3  sing Y N 362 
TRP NE1 CE2  sing Y N 363 
TRP NE1 HE1  sing N N 364 
TRP CE2 CZ2  sing Y N 365 
TRP CE3 CZ3  doub Y N 366 
TRP CE3 HE3  sing N N 367 
TRP CZ2 CH2  doub Y N 368 
TRP CZ2 HZ2  sing N N 369 
TRP CZ3 CH2  sing Y N 370 
TRP CZ3 HZ3  sing N N 371 
TRP CH2 HH2  sing N N 372 
TRP OXT HXT  sing N N 373 
TYR N   CA   sing N N 374 
TYR N   H    sing N N 375 
TYR N   H2   sing N N 376 
TYR CA  C    sing N N 377 
TYR CA  CB   sing N N 378 
TYR CA  HA   sing N N 379 
TYR C   O    doub N N 380 
TYR C   OXT  sing N N 381 
TYR CB  CG   sing N N 382 
TYR CB  HB2  sing N N 383 
TYR CB  HB3  sing N N 384 
TYR CG  CD1  doub Y N 385 
TYR CG  CD2  sing Y N 386 
TYR CD1 CE1  sing Y N 387 
TYR CD1 HD1  sing N N 388 
TYR CD2 CE2  doub Y N 389 
TYR CD2 HD2  sing N N 390 
TYR CE1 CZ   doub Y N 391 
TYR CE1 HE1  sing N N 392 
TYR CE2 CZ   sing Y N 393 
TYR CE2 HE2  sing N N 394 
TYR CZ  OH   sing N N 395 
TYR OH  HH   sing N N 396 
TYR OXT HXT  sing N N 397 
VAL N   CA   sing N N 398 
VAL N   H    sing N N 399 
VAL N   H2   sing N N 400 
VAL CA  C    sing N N 401 
VAL CA  CB   sing N N 402 
VAL CA  HA   sing N N 403 
VAL C   O    doub N N 404 
VAL C   OXT  sing N N 405 
VAL CB  CG1  sing N N 406 
VAL CB  CG2  sing N N 407 
VAL CB  HB   sing N N 408 
VAL CG1 HG11 sing N N 409 
VAL CG1 HG12 sing N N 410 
VAL CG1 HG13 sing N N 411 
VAL CG2 HG21 sing N N 412 
VAL CG2 HG22 sing N N 413 
VAL CG2 HG23 sing N N 414 
VAL OXT HXT  sing N N 415 
# 
_pdbx_audit_support.ordinal                1 
_pdbx_audit_support.funding_organization   'European Union (EU)' 
_pdbx_audit_support.grant_number           875510 
_pdbx_audit_support.country                'European Union' 
# 
_pdbx_deposit_group.group_id            G_1002320 
_pdbx_deposit_group.group_description   
;PRYSPRY domain of murine TRIM21 screened against the DSI-poised Fragment Library by X-ray Crystallography at the XChem facility of Diamon Light Source
;
_pdbx_deposit_group.group_title         'PanDDA analysis group deposition' 
_pdbx_deposit_group.group_type          'changed state' 
# 
_pdbx_initial_refinement_model.id               1 
_pdbx_initial_refinement_model.entity_id_list   ? 
_pdbx_initial_refinement_model.type             'experimental model' 
_pdbx_initial_refinement_model.source_name      PDB 
_pdbx_initial_refinement_model.accession_code   2VOK 
_pdbx_initial_refinement_model.details          ? 
# 
_atom_sites.entry_id                    7HME 
_atom_sites.fract_transf_matrix[1][1]   0.00456109 
_atom_sites.fract_transf_matrix[1][2]   -0.00759568 
_atom_sites.fract_transf_matrix[1][3]   -0.00553551 
_atom_sites.fract_transf_matrix[2][1]   0.00938523 
_atom_sites.fract_transf_matrix[2][2]   0.00401052 
_atom_sites.fract_transf_matrix[2][3]   0.00223000 
_atom_sites.fract_transf_matrix[3][1]   0.00105301 
_atom_sites.fract_transf_matrix[3][2]   -0.01243208 
_atom_sites.fract_transf_matrix[3][3]   0.01792662 
_atom_sites.fract_transf_vector[1]      -0.298377 
_atom_sites.fract_transf_vector[2]      -0.117861 
_atom_sites.fract_transf_vector[3]      -0.503488 
# 
loop_
_atom_type.symbol 
C 
N 
O 
S 
# 
loop_
_atom_site.group_PDB 
_atom_site.id 
_atom_site.type_symbol 
_atom_site.label_atom_id 
_atom_site.label_alt_id 
_atom_site.label_comp_id 
_atom_site.label_asym_id 
_atom_site.label_entity_id 
_atom_site.label_seq_id 
_atom_site.pdbx_PDB_ins_code 
_atom_site.Cartn_x 
_atom_site.Cartn_y 
_atom_site.Cartn_z 
_atom_site.occupancy 
_atom_site.B_iso_or_equiv 
_atom_site.pdbx_formal_charge 
_atom_site.auth_seq_id 
_atom_site.auth_comp_id 
_atom_site.auth_asym_id 
_atom_site.auth_atom_id 
_atom_site.pdbx_PDB_model_num 
ATOM   1    N N   . HIS A 1 2   ? 5.371   -19.242 2.140   1.00 108.94 ? 8   HIS B N   1 
ATOM   2    C CA  . HIS A 1 2   ? 5.180   -18.851 0.707   1.00 103.59 ? 8   HIS B CA  1 
ATOM   3    C C   . HIS A 1 2   ? 6.514   -18.966 -0.049  1.00 109.04 ? 8   HIS B C   1 
ATOM   4    O O   . HIS A 1 2   ? 7.572   -18.671 0.559   1.00 113.42 ? 8   HIS B O   1 
ATOM   5    C CB  . HIS A 1 2   ? 4.575   -17.439 0.616   1.00 94.72  ? 8   HIS B CB  1 
ATOM   6    C CG  . HIS A 1 2   ? 5.560   -16.336 0.830   1.00 86.16  ? 8   HIS B CG  1 
ATOM   7    N ND1 . HIS A 1 2   ? 6.109   -15.624 -0.219  1.00 82.84  ? 8   HIS B ND1 1 
ATOM   8    C CD2 . HIS A 1 2   ? 6.105   -15.828 1.958   1.00 83.36  ? 8   HIS B CD2 1 
ATOM   9    C CE1 . HIS A 1 2   ? 6.951   -14.729 0.254   1.00 83.40  ? 8   HIS B CE1 1 
ATOM   10   N NE2 . HIS A 1 2   ? 6.966   -14.829 1.586   1.00 80.90  ? 8   HIS B NE2 1 
ATOM   11   N N   . HIS A 1 3   ? 6.456   -19.368 -1.326  1.00 108.46 ? 9   HIS B N   1 
ATOM   12   C CA  . HIS A 1 3   ? 7.608   -19.456 -2.268  1.00 105.91 ? 9   HIS B CA  1 
ATOM   13   C C   . HIS A 1 3   ? 7.417   -18.445 -3.420  1.00 93.84  ? 9   HIS B C   1 
ATOM   14   O O   . HIS A 1 3   ? 7.731   -18.811 -4.574  1.00 86.57  ? 9   HIS B O   1 
ATOM   15   C CB  . HIS A 1 3   ? 7.777   -20.915 -2.749  1.00 110.66 ? 9   HIS B CB  1 
ATOM   16   C CG  . HIS A 1 3   ? 8.008   -21.919 -1.657  1.00 116.20 ? 9   HIS B CG  1 
ATOM   17   N ND1 . HIS A 1 3   ? 9.230   -22.056 -1.008  1.00 113.89 ? 9   HIS B ND1 1 
ATOM   18   C CD2 . HIS A 1 3   ? 7.197   -22.856 -1.115  1.00 116.29 ? 9   HIS B CD2 1 
ATOM   19   C CE1 . HIS A 1 3   ? 9.150   -23.017 -0.108  1.00 109.14 ? 9   HIS B CE1 1 
ATOM   20   N NE2 . HIS A 1 3   ? 7.913   -23.525 -0.156  1.00 113.48 ? 9   HIS B NE2 1 
ATOM   21   N N   . HIS A 1 4   ? 6.956   -17.215 -3.109  1.00 80.90  ? 10  HIS B N   1 
ATOM   22   C CA  . HIS A 1 4   ? 6.481   -16.167 -4.066  1.00 66.75  ? 10  HIS B CA  1 
ATOM   23   C C   . HIS A 1 4   ? 7.614   -15.211 -4.460  1.00 62.83  ? 10  HIS B C   1 
ATOM   24   O O   . HIS A 1 4   ? 7.427   -14.469 -5.454  1.00 50.42  ? 10  HIS B O   1 
ATOM   25   C CB  . HIS A 1 4   ? 5.297   -15.368 -3.485  1.00 57.80  ? 10  HIS B CB  1 
ATOM   26   C CG  . HIS A 1 4   ? 4.044   -16.163 -3.317  1.00 58.84  ? 10  HIS B CG  1 
ATOM   27   N ND1 . HIS A 1 4   ? 3.598   -17.084 -4.273  1.00 57.66  ? 10  HIS B ND1 1 
ATOM   28   C CD2 . HIS A 1 4   ? 3.121   -16.172 -2.333  1.00 53.51  ? 10  HIS B CD2 1 
ATOM   29   C CE1 . HIS A 1 4   ? 2.470   -17.631 -3.865  1.00 58.44  ? 10  HIS B CE1 1 
ATOM   30   N NE2 . HIS A 1 4   ? 2.152   -17.084 -2.681  1.00 58.96  ? 10  HIS B NE2 1 
ATOM   31   N N   . HIS A 1 5   ? 8.735   -15.245 -3.721  1.00 64.11  ? 11  HIS B N   1 
ATOM   32   C CA  . HIS A 1 5   ? 9.931   -14.365 -3.873  1.00 70.86  ? 11  HIS B CA  1 
ATOM   33   C C   . HIS A 1 5   ? 10.394  -14.262 -5.340  1.00 68.33  ? 11  HIS B C   1 
ATOM   34   O O   . HIS A 1 5   ? 10.880  -13.172 -5.716  1.00 70.08  ? 11  HIS B O   1 
ATOM   35   C CB  . HIS A 1 5   ? 11.084  -14.850 -2.974  1.00 76.48  ? 11  HIS B CB  1 
ATOM   36   C CG  . HIS A 1 5   ? 10.705  -15.036 -1.543  1.00 89.16  ? 11  HIS B CG  1 
ATOM   37   N ND1 . HIS A 1 5   ? 10.603  -16.291 -0.964  1.00 101.31 ? 11  HIS B ND1 1 
ATOM   38   C CD2 . HIS A 1 5   ? 10.389  -14.144 -0.578  1.00 93.59  ? 11  HIS B CD2 1 
ATOM   39   C CE1 . HIS A 1 5   ? 10.243  -16.162 0.300   1.00 102.88 ? 11  HIS B CE1 1 
ATOM   40   N NE2 . HIS A 1 5   ? 10.103  -14.854 0.560   1.00 100.91 ? 11  HIS B NE2 1 
ATOM   41   N N   . HIS A 1 6   ? 10.266  -15.338 -6.134  1.00 64.72  ? 12  HIS B N   1 
ATOM   42   C CA  . HIS A 1 6   ? 10.779  -15.445 -7.532  1.00 59.43  ? 12  HIS B CA  1 
ATOM   43   C C   . HIS A 1 6   ? 9.873   -14.720 -8.546  1.00 51.97  ? 12  HIS B C   1 
ATOM   44   O O   . HIS A 1 6   ? 10.279  -14.661 -9.721  1.00 56.15  ? 12  HIS B O   1 
ATOM   45   C CB  . HIS A 1 6   ? 11.020  -16.915 -7.922  1.00 69.61  ? 12  HIS B CB  1 
ATOM   46   C CG  . HIS A 1 6   ? 9.791   -17.754 -8.026  1.00 74.42  ? 12  HIS B CG  1 
ATOM   47   N ND1 . HIS A 1 6   ? 9.079   -17.885 -9.207  1.00 78.19  ? 12  HIS B ND1 1 
ATOM   48   C CD2 . HIS A 1 6   ? 9.159   -18.526 -7.116  1.00 77.71  ? 12  HIS B CD2 1 
ATOM   49   C CE1 . HIS A 1 6   ? 8.053   -18.692 -9.014  1.00 74.64  ? 12  HIS B CE1 1 
ATOM   50   N NE2 . HIS A 1 6   ? 8.078   -19.096 -7.738  1.00 80.56  ? 12  HIS B NE2 1 
ATOM   51   N N   . HIS A 1 7   ? 8.707   -14.192 -8.132  1.00 42.12  ? 13  HIS B N   1 
ATOM   52   C CA  . HIS A 1 7   ? 7.871   -13.229 -8.919  1.00 35.16  ? 13  HIS B CA  1 
ATOM   53   C C   . HIS A 1 7   ? 8.178   -11.796 -8.485  1.00 32.47  ? 13  HIS B C   1 
ATOM   54   O O   . HIS A 1 7   ? 7.323   -10.911 -8.715  1.00 25.98  ? 13  HIS B O   1 
ATOM   55   C CB  . HIS A 1 7   ? 6.376   -13.514 -8.730  1.00 33.82  ? 13  HIS B CB  1 
ATOM   56   C CG  . HIS A 1 7   ? 6.015   -14.894 -9.153  1.00 34.00  ? 13  HIS B CG  1 
ATOM   57   N ND1 . HIS A 1 7   ? 6.139   -15.291 -10.476 1.00 32.42  ? 13  HIS B ND1 1 
ATOM   58   C CD2 . HIS A 1 7   ? 5.584   -15.966 -8.448  1.00 35.78  ? 13  HIS B CD2 1 
ATOM   59   C CE1 . HIS A 1 7   ? 5.788   -16.559 -10.583 1.00 36.35  ? 13  HIS B CE1 1 
ATOM   60   N NE2 . HIS A 1 7   ? 5.456   -17.010 -9.346  1.00 38.74  ? 13  HIS B NE2 1 
ATOM   61   N N   . MET A 1 8   ? 9.332   -11.586 -7.854  1.00 32.11  ? 14  MET B N   1 
ATOM   62   C CA  . MET A 1 8   ? 9.737   -10.270 -7.283  1.00 36.55  ? 14  MET B CA  1 
ATOM   63   C C   . MET A 1 8   ? 9.782   -9.218  -8.416  1.00 34.64  ? 14  MET B C   1 
ATOM   64   O O   . MET A 1 8   ? 10.262  -9.506  -9.518  1.00 33.61  ? 14  MET B O   1 
ATOM   65   C CB  . MET A 1 8   ? 11.078  -10.428 -6.542  1.00 43.27  ? 14  MET B CB  1 
ATOM   66   C CG  . MET A 1 8   ? 11.675  -9.161  -5.869  1.00 52.40  ? 14  MET B CG  1 
ATOM   67   S SD  . MET A 1 8   ? 10.776  -8.401  -4.446  1.00 61.04  ? 14  MET B SD  1 
ATOM   68   C CE  . MET A 1 8   ? 11.680  -8.980  -3.007  1.00 54.29  ? 14  MET B CE  1 
ATOM   69   N N   . VAL A 1 9   ? 9.211   -8.036  -8.183  1.00 27.77  ? 15  VAL B N   1 
ATOM   70   C CA  . VAL A 1 9   ? 9.198   -6.913  -9.159  1.00 27.54  ? 15  VAL B CA  1 
ATOM   71   C C   . VAL A 1 9   ? 9.806   -5.687  -8.458  1.00 30.76  ? 15  VAL B C   1 
ATOM   72   O O   . VAL A 1 9   ? 9.667   -5.565  -7.214  1.00 28.98  ? 15  VAL B O   1 
ATOM   73   C CB  . VAL A 1 9   ? 7.784   -6.644  -9.714  1.00 29.95  ? 15  VAL B CB  1 
ATOM   74   C CG1 . VAL A 1 9   ? 7.317   -7.797  -10.599 1.00 31.92  ? 15  VAL B CG1 1 
ATOM   75   C CG2 . VAL A 1 9   ? 6.765   -6.371  -8.621  1.00 29.11  ? 15  VAL B CG2 1 
ATOM   76   N N   . HIS A 1 10  ? 10.479  -4.826  -9.224  1.00 28.25  ? 16  HIS B N   1 
ATOM   77   C CA  . HIS A 1 10  ? 11.137  -3.609  -8.701  1.00 27.31  ? 16  HIS B CA  1 
ATOM   78   C C   . HIS A 1 10  ? 10.109  -2.472  -8.740  1.00 27.07  ? 16  HIS B C   1 
ATOM   79   O O   . HIS A 1 10  ? 9.741   -1.997  -9.852  1.00 28.06  ? 16  HIS B O   1 
ATOM   80   C CB  . HIS A 1 10  ? 12.409  -3.311  -9.494  1.00 30.40  ? 16  HIS B CB  1 
ATOM   81   C CG  . HIS A 1 10  ? 13.214  -2.180  -8.944  1.00 33.13  ? 16  HIS B CG  1 
ATOM   82   N ND1 . HIS A 1 10  ? 14.072  -2.328  -7.866  1.00 35.81  ? 16  HIS B ND1 1 
ATOM   83   C CD2 . HIS A 1 10  ? 13.289  -0.875  -9.316  1.00 38.24  ? 16  HIS B CD2 1 
ATOM   84   C CE1 . HIS A 1 10  ? 14.643  -1.161  -7.591  1.00 36.50  ? 16  HIS B CE1 1 
ATOM   85   N NE2 . HIS A 1 10  ? 14.186  -0.247  -8.476  1.00 40.27  ? 16  HIS B NE2 1 
ATOM   86   N N   . ILE A 1 11  ? 9.575   -2.102  -7.576  1.00 22.44  ? 17  ILE B N   1 
ATOM   87   C CA  . ILE A 1 11  ? 8.518   -1.070  -7.498  1.00 22.18  ? 17  ILE B CA  1 
ATOM   88   C C   . ILE A 1 11  ? 9.195   0.275   -7.214  1.00 22.81  ? 17  ILE B C   1 
ATOM   89   O O   . ILE A 1 11  ? 10.137  0.304   -6.453  1.00 21.21  ? 17  ILE B O   1 
ATOM   90   C CB  . ILE A 1 11  ? 7.466   -1.414  -6.426  1.00 22.11  ? 17  ILE B CB  1 
ATOM   91   C CG1 . ILE A 1 11  ? 6.800   -2.763  -6.715  1.00 24.94  ? 17  ILE B CG1 1 
ATOM   92   C CG2 . ILE A 1 11  ? 6.467   -0.272  -6.311  1.00 22.87  ? 17  ILE B CG2 1 
ATOM   93   C CD1 . ILE A 1 11  ? 6.128   -2.882  -8.086  1.00 24.98  ? 17  ILE B CD1 1 
ATOM   94   N N   . THR A 1 12  ? 8.715   1.312   -7.872  1.00 21.22  ? 18  THR B N   1 
ATOM   95   C CA  . THR A 1 12  ? 9.102   2.715   -7.595  1.00 21.96  ? 18  THR B CA  1 
ATOM   96   C C   . THR A 1 12  ? 7.843   3.575   -7.467  1.00 22.28  ? 18  THR B C   1 
ATOM   97   O O   . THR A 1 12  ? 6.773   3.201   -7.962  1.00 21.66  ? 18  THR B O   1 
ATOM   98   C CB  . THR A 1 12  ? 10.056  3.243   -8.677  1.00 23.34  ? 18  THR B CB  1 
ATOM   99   O OG1 . THR A 1 12  ? 9.363   3.214   -9.916  1.00 24.09  ? 18  THR B OG1 1 
ATOM   100  C CG2 . THR A 1 12  ? 11.382  2.502   -8.751  1.00 26.66  ? 18  THR B CG2 1 
ATOM   101  N N   . LEU A 1 13  ? 7.955   4.675   -6.717  1.00 19.72  ? 19  LEU B N   1 
ATOM   102  C CA  . LEU A 1 13  ? 6.803   5.534   -6.361  1.00 22.11  ? 19  LEU B CA  1 
ATOM   103  C C   . LEU A 1 13  ? 6.646   6.623   -7.421  1.00 21.96  ? 19  LEU B C   1 
ATOM   104  O O   . LEU A 1 13  ? 7.661   7.093   -7.958  1.00 21.83  ? 19  LEU B O   1 
ATOM   105  C CB  . LEU A 1 13  ? 7.069   6.104   -4.961  1.00 21.61  ? 19  LEU B CB  1 
ATOM   106  C CG  . LEU A 1 13  ? 7.240   5.050   -3.882  1.00 23.18  ? 19  LEU B CG  1 
ATOM   107  C CD1 . LEU A 1 13  ? 7.739   5.661   -2.592  1.00 24.17  ? 19  LEU B CD1 1 
ATOM   108  C CD2 . LEU A 1 13  ? 5.925   4.289   -3.672  1.00 23.69  ? 19  LEU B CD2 1 
ATOM   109  N N   . ASP A 1 14  ? 5.414   6.956   -7.743  1.00 19.73  ? 20  ASP B N   1 
ATOM   110  C CA  . ASP A 1 14  ? 5.075   7.979   -8.749  1.00 22.57  ? 20  ASP B CA  1 
ATOM   111  C C   . ASP A 1 14  ? 4.783   9.291   -7.982  1.00 22.12  ? 20  ASP B C   1 
ATOM   112  O O   . ASP A 1 14  ? 3.659   9.445   -7.446  1.00 20.32  ? 20  ASP B O   1 
ATOM   113  C CB  . ASP A 1 14  ? 3.905   7.498   -9.604  1.00 22.28  ? 20  ASP B CB  1 
ATOM   114  C CG  . ASP A 1 14  ? 3.454   8.467   -10.686 1.00 27.06  ? 20  ASP B CG  1 
ATOM   115  O OD1 . ASP A 1 14  ? 3.913   9.622   -10.654 1.00 26.07  ? 20  ASP B OD1 1 
ATOM   116  O OD2 . ASP A 1 14  ? 2.645   8.044   -11.558 1.00 26.59  ? 20  ASP B OD2 1 
ATOM   117  N N   A ARG A 1 15  ? 5.776   10.189  -7.940  0.25 22.18  ? 21  ARG B N   1 
ATOM   118  N N   B ARG A 1 15  ? 5.765   10.195  -7.948  0.25 23.43  ? 21  ARG B N   1 
ATOM   119  C CA  A ARG A 1 15  ? 5.710   11.557  -7.339  0.25 23.41  ? 21  ARG B CA  1 
ATOM   120  C CA  B ARG A 1 15  ? 5.693   11.527  -7.280  0.25 25.50  ? 21  ARG B CA  1 
ATOM   121  C C   A ARG A 1 15  ? 4.400   12.259  -7.700  0.25 22.29  ? 21  ARG B C   1 
ATOM   122  C C   B ARG A 1 15  ? 4.432   12.292  -7.710  0.25 23.44  ? 21  ARG B C   1 
ATOM   123  O O   A ARG A 1 15  ? 3.872   13.004  -6.863  0.25 21.24  ? 21  ARG B O   1 
ATOM   124  O O   B ARG A 1 15  ? 3.940   13.097  -6.908  0.25 22.08  ? 21  ARG B O   1 
ATOM   125  C CB  A ARG A 1 15  ? 6.808   12.475  -7.894  0.25 24.76  ? 21  ARG B CB  1 
ATOM   126  C CB  B ARG A 1 15  ? 6.932   12.369  -7.618  0.25 29.01  ? 21  ARG B CB  1 
ATOM   127  C CG  A ARG A 1 15  ? 8.209   11.896  -7.832  0.25 26.12  ? 21  ARG B CG  1 
ATOM   128  C CG  B ARG A 1 15  ? 8.240   11.845  -7.043  0.25 32.04  ? 21  ARG B CG  1 
ATOM   129  C CD  A ARG A 1 15  ? 9.300   12.893  -8.183  0.25 25.64  ? 21  ARG B CD  1 
ATOM   130  C CD  B ARG A 1 15  ? 8.997   10.919  -7.992  0.25 35.80  ? 21  ARG B CD  1 
ATOM   131  N NE  A ARG A 1 15  ? 10.557  12.413  -7.628  0.25 24.54  ? 21  ARG B NE  1 
ATOM   132  N NE  B ARG A 1 15  ? 10.105  11.536  -8.730  0.25 36.79  ? 21  ARG B NE  1 
ATOM   133  C CZ  A ARG A 1 15  ? 10.874  12.528  -6.351  0.25 23.65  ? 21  ARG B CZ  1 
ATOM   134  C CZ  B ARG A 1 15  ? 10.090  11.836  -10.032 0.25 39.21  ? 21  ARG B CZ  1 
ATOM   135  N NH1 A ARG A 1 15  ? 10.026  13.116  -5.531  0.25 24.00  ? 21  ARG B NH1 1 
ATOM   136  N NH1 B ARG A 1 15  ? 9.019   11.603  -10.769 0.25 39.94  ? 21  ARG B NH1 1 
ATOM   137  N NH2 A ARG A 1 15  ? 12.013  12.051  -5.894  0.25 24.73  ? 21  ARG B NH2 1 
ATOM   138  N NH2 B ARG A 1 15  ? 11.157  12.366  -10.599 0.25 40.42  ? 21  ARG B NH2 1 
ATOM   139  N N   . ASN A 1 16  ? 3.951   12.085  -8.941  1.00 22.95  ? 22  ASN B N   1 
ATOM   140  C CA  . ASN A 1 16  ? 2.825   12.866  -9.495  1.00 22.17  ? 22  ASN B CA  1 
ATOM   141  C C   . ASN A 1 16  ? 1.504   12.456  -8.844  1.00 20.14  ? 22  ASN B C   1 
ATOM   142  O O   . ASN A 1 16  ? 0.575   13.278  -8.876  1.00 19.68  ? 22  ASN B O   1 
ATOM   143  C CB  . ASN A 1 16  ? 2.815   12.782  -11.024 1.00 28.60  ? 22  ASN B CB  1 
ATOM   144  C CG  . ASN A 1 16  ? 3.894   13.666  -11.622 1.00 32.53  ? 22  ASN B CG  1 
ATOM   145  O OD1 . ASN A 1 16  ? 4.506   14.489  -10.926 1.00 40.26  ? 22  ASN B OD1 1 
ATOM   146  N ND2 . ASN A 1 16  ? 4.151   13.489  -12.904 1.00 41.36  ? 22  ASN B ND2 1 
ATOM   147  N N   . THR A 1 17  ? 1.418   11.247  -8.262  1.00 17.56  ? 23  THR B N   1 
ATOM   148  C CA  . THR A 1 17  ? 0.185   10.787  -7.585  1.00 17.87  ? 23  THR B CA  1 
ATOM   149  C C   . THR A 1 17  ? 0.210   11.161  -6.101  1.00 17.41  ? 23  THR B C   1 
ATOM   150  O O   . THR A 1 17  ? -0.827  10.975  -5.446  1.00 17.84  ? 23  THR B O   1 
ATOM   151  C CB  . THR A 1 17  ? -0.037  9.275   -7.732  1.00 17.66  ? 23  THR B CB  1 
ATOM   152  O OG1 . THR A 1 17  ? 1.027   8.641   -7.028  1.00 16.85  ? 23  THR B OG1 1 
ATOM   153  C CG2 . THR A 1 17  ? -0.117  8.854   -9.189  1.00 18.73  ? 23  THR B CG2 1 
ATOM   154  N N   . ALA A 1 18  ? 1.336   11.632  -5.570  1.00 18.31  ? 24  ALA B N   1 
ATOM   155  C CA  . ALA A 1 18  ? 1.525   11.789  -4.108  1.00 17.18  ? 24  ALA B CA  1 
ATOM   156  C C   . ALA A 1 18  ? 0.718   12.986  -3.591  1.00 20.85  ? 24  ALA B C   1 
ATOM   157  O O   . ALA A 1 18  ? 0.702   14.039  -4.241  1.00 17.87  ? 24  ALA B O   1 
ATOM   158  C CB  . ALA A 1 18  ? 2.976   11.966  -3.785  1.00 19.43  ? 24  ALA B CB  1 
ATOM   159  N N   . ASN A 1 19  ? 0.098   12.839  -2.426  1.00 18.86  ? 25  ASN B N   1 
ATOM   160  C CA  . ASN A 1 19  ? -0.335  13.984  -1.597  1.00 19.46  ? 25  ASN B CA  1 
ATOM   161  C C   . ASN A 1 19  ? 0.829   14.985  -1.527  1.00 18.73  ? 25  ASN B C   1 
ATOM   162  O O   . ASN A 1 19  ? 2.017   14.594  -1.419  1.00 17.46  ? 25  ASN B O   1 
ATOM   163  C CB  . ASN A 1 19  ? -0.808  13.472  -0.233  1.00 19.44  ? 25  ASN B CB  1 
ATOM   164  C CG  . ASN A 1 19  ? -1.300  14.603  0.610   1.00 24.83  ? 25  ASN B CG  1 
ATOM   165  O OD1 . ASN A 1 19  ? -0.494  15.290  1.211   1.00 25.43  ? 25  ASN B OD1 1 
ATOM   166  N ND2 . ASN A 1 19  ? -2.608  14.812  0.624   1.00 24.29  ? 25  ASN B ND2 1 
ATOM   167  N N   . SER A 1 20  ? 0.514   16.265  -1.588  1.00 18.82  ? 26  SER B N   1 
ATOM   168  C CA  . SER A 1 20  ? 1.470   17.391  -1.733  1.00 21.03  ? 26  SER B CA  1 
ATOM   169  C C   . SER A 1 20  ? 2.340   17.562  -0.472  1.00 20.85  ? 26  SER B C   1 
ATOM   170  O O   . SER A 1 20  ? 3.346   18.288  -0.567  1.00 21.15  ? 26  SER B O   1 
ATOM   171  C CB  . SER A 1 20  ? 0.699   18.637  -2.061  1.00 22.47  ? 26  SER B CB  1 
ATOM   172  O OG  . SER A 1 20  ? -0.081  18.951  -0.917  1.00 24.53  ? 26  SER B OG  1 
ATOM   173  N N   . TRP A 1 21  ? 2.043   16.863  0.626   1.00 17.96  ? 27  TRP B N   1 
ATOM   174  C CA  . TRP A 1 21  ? 2.847   16.857  1.867   1.00 18.92  ? 27  TRP B CA  1 
ATOM   175  C C   . TRP A 1 21  ? 3.851   15.721  1.899   1.00 18.08  ? 27  TRP B C   1 
ATOM   176  O O   . TRP A 1 21  ? 4.626   15.663  2.847   1.00 18.04  ? 27  TRP B O   1 
ATOM   177  C CB  . TRP A 1 21  ? 1.940   16.782  3.074   1.00 20.51  ? 27  TRP B CB  1 
ATOM   178  C CG  . TRP A 1 21  ? 1.238   18.077  3.351   1.00 22.66  ? 27  TRP B CG  1 
ATOM   179  C CD1 . TRP A 1 21  ? 0.531   18.848  2.475   1.00 23.77  ? 27  TRP B CD1 1 
ATOM   180  C CD2 . TRP A 1 21  ? 1.172   18.741  4.619   1.00 24.62  ? 27  TRP B CD2 1 
ATOM   181  N NE1 . TRP A 1 21  ? 0.049   19.969  3.110   1.00 26.28  ? 27  TRP B NE1 1 
ATOM   182  C CE2 . TRP A 1 21  ? 0.374   19.892  4.440   1.00 24.50  ? 27  TRP B CE2 1 
ATOM   183  C CE3 . TRP A 1 21  ? 1.662   18.435  5.894   1.00 25.03  ? 27  TRP B CE3 1 
ATOM   184  C CZ2 . TRP A 1 21  ? 0.123   20.785  5.491   1.00 27.99  ? 27  TRP B CZ2 1 
ATOM   185  C CZ3 . TRP A 1 21  ? 1.409   19.314  6.933   1.00 27.90  ? 27  TRP B CZ3 1 
ATOM   186  C CH2 . TRP A 1 21  ? 0.632   20.458  6.731   1.00 27.09  ? 27  TRP B CH2 1 
ATOM   187  N N   . LEU A 1 22  ? 3.838   14.807  0.913   1.00 18.34  ? 28  LEU B N   1 
ATOM   188  C CA  . LEU A 1 22  ? 4.770   13.654  0.995   1.00 16.30  ? 28  LEU B CA  1 
ATOM   189  C C   . LEU A 1 22  ? 6.124   14.042  0.408   1.00 17.53  ? 28  LEU B C   1 
ATOM   190  O O   . LEU A 1 22  ? 6.184   14.818  -0.576  1.00 17.48  ? 28  LEU B O   1 
ATOM   191  C CB  . LEU A 1 22  ? 4.186   12.455  0.228   1.00 15.37  ? 28  LEU B CB  1 
ATOM   192  C CG  . LEU A 1 22  ? 2.861   11.905  0.783   1.00 17.12  ? 28  LEU B CG  1 
ATOM   193  C CD1 . LEU A 1 22  ? 2.440   10.647  0.038   1.00 16.39  ? 28  LEU B CD1 1 
ATOM   194  C CD2 . LEU A 1 22  ? 2.979   11.552  2.237   1.00 17.85  ? 28  LEU B CD2 1 
ATOM   195  N N   . ILE A 1 23  ? 7.141   13.368  0.910   1.00 16.37  ? 29  ILE B N   1 
ATOM   196  C CA  . ILE A 1 23  ? 8.542   13.480  0.421   1.00 16.68  ? 29  ILE B CA  1 
ATOM   197  C C   . ILE A 1 23  ? 8.954   12.089  -0.021  1.00 17.46  ? 29  ILE B C   1 
ATOM   198  O O   . ILE A 1 23  ? 9.062   11.160  0.835   1.00 18.08  ? 29  ILE B O   1 
ATOM   199  C CB  . ILE A 1 23  ? 9.494   14.022  1.483   1.00 18.31  ? 29  ILE B CB  1 
ATOM   200  C CG1 . ILE A 1 23  ? 9.034   15.381  2.048   1.00 18.07  ? 29  ILE B CG1 1 
ATOM   201  C CG2 . ILE A 1 23  ? 10.922  14.064  0.906   1.00 20.68  ? 29  ILE B CG2 1 
ATOM   202  C CD1 . ILE A 1 23  ? 9.757   15.820  3.270   1.00 19.00  ? 29  ILE B CD1 1 
ATOM   203  N N   . ILE A 1 24  ? 9.171   11.971  -1.314  1.00 21.08  ? 30  ILE B N   1 
ATOM   204  C CA  . ILE A 1 24  ? 9.670   10.726  -1.938  1.00 22.61  ? 30  ILE B CA  1 
ATOM   205  C C   . ILE A 1 24  ? 11.174  10.871  -2.167  1.00 23.84  ? 30  ILE B C   1 
ATOM   206  O O   . ILE A 1 24  ? 11.642  11.933  -2.693  1.00 23.64  ? 30  ILE B O   1 
ATOM   207  C CB  . ILE A 1 24  ? 8.906   10.426  -3.220  1.00 22.11  ? 30  ILE B CB  1 
ATOM   208  C CG1 . ILE A 1 24  ? 7.466   10.050  -2.890  1.00 23.27  ? 30  ILE B CG1 1 
ATOM   209  C CG2 . ILE A 1 24  ? 9.596   9.316   -4.003  1.00 21.86  ? 30  ILE B CG2 1 
ATOM   210  C CD1 . ILE A 1 24  ? 6.573   10.277  -3.978  1.00 28.01  ? 30  ILE B CD1 1 
ATOM   211  N N   . SER A 1 25  ? 11.909  9.842   -1.793  1.00 21.83  ? 31  SER B N   1 
ATOM   212  C CA  . SER A 1 25  ? 13.382  9.840   -1.889  1.00 21.29  ? 31  SER B CA  1 
ATOM   213  C C   . SER A 1 25  ? 13.810  9.946   -3.365  1.00 21.32  ? 31  SER B C   1 
ATOM   214  O O   . SER A 1 25  ? 13.042  9.598   -4.288  1.00 21.60  ? 31  SER B O   1 
ATOM   215  C CB  . SER A 1 25  ? 13.940  8.622   -1.211  1.00 22.64  ? 31  SER B CB  1 
ATOM   216  O OG  . SER A 1 25  ? 13.496  7.447   -1.874  1.00 21.89  ? 31  SER B OG  1 
ATOM   217  N N   . LYS A 1 26  ? 15.075  10.335  -3.596  1.00 25.76  ? 32  LYS B N   1 
ATOM   218  C CA  . LYS A 1 26  ? 15.639  10.480  -4.963  1.00 26.46  ? 32  LYS B CA  1 
ATOM   219  C C   . LYS A 1 26  ? 15.488  9.178   -5.760  1.00 22.42  ? 32  LYS B C   1 
ATOM   220  O O   . LYS A 1 26  ? 15.176  9.256   -6.948  1.00 25.53  ? 32  LYS B O   1 
ATOM   221  C CB  . LYS A 1 26  ? 17.122  10.823  -4.845  1.00 29.72  ? 32  LYS B CB  1 
ATOM   222  C CG  . LYS A 1 26  ? 17.802  11.020  -6.186  1.00 35.39  ? 32  LYS B CG  1 
ATOM   223  C CD  . LYS A 1 26  ? 19.140  11.701  -6.054  1.00 38.50  ? 32  LYS B CD  1 
ATOM   224  C CE  . LYS A 1 26  ? 20.014  11.095  -4.980  1.00 42.87  ? 32  LYS B CE  1 
ATOM   225  N NZ  . LYS A 1 26  ? 21.211  11.932  -4.785  1.00 47.54  ? 32  LYS B NZ  1 
ATOM   226  N N   . ASP A 1 27  ? 15.737  8.037   -5.109  1.00 24.21  ? 33  ASP B N   1 
ATOM   227  C CA  . ASP A 1 27  ? 15.659  6.692   -5.751  1.00 24.01  ? 33  ASP B CA  1 
ATOM   228  C C   . ASP A 1 27  ? 14.202  6.235   -5.932  1.00 22.61  ? 33  ASP B C   1 
ATOM   229  O O   . ASP A 1 27  ? 14.000  5.159   -6.546  1.00 22.03  ? 33  ASP B O   1 
ATOM   230  C CB  . ASP A 1 27  ? 16.521  5.694   -4.971  1.00 25.58  ? 33  ASP B CB  1 
ATOM   231  C CG  . ASP A 1 27  ? 16.011  5.286   -3.601  1.00 27.69  ? 33  ASP B CG  1 
ATOM   232  O OD1 . ASP A 1 27  ? 14.912  5.746   -3.181  1.00 26.29  ? 33  ASP B OD1 1 
ATOM   233  O OD2 . ASP A 1 27  ? 16.725  4.507   -2.951  1.00 32.80  ? 33  ASP B OD2 1 
ATOM   234  N N   . ARG A 1 28  ? 13.221  7.002   -5.457  1.00 21.22  ? 34  ARG B N   1 
ATOM   235  C CA  . ARG A 1 28  ? 11.766  6.685   -5.564  1.00 22.32  ? 34  ARG B CA  1 
ATOM   236  C C   . ARG A 1 28  ? 11.452  5.329   -4.873  1.00 19.93  ? 34  ARG B C   1 
ATOM   237  O O   . ARG A 1 28  ? 10.450  4.701   -5.236  1.00 21.48  ? 34  ARG B O   1 
ATOM   238  C CB  . ARG A 1 28  ? 11.338  6.792   -7.038  1.00 27.55  ? 34  ARG B CB  1 
ATOM   239  C CG  . ARG A 1 28  ? 11.609  8.177   -7.632  1.00 31.80  ? 34  ARG B CG  1 
ATOM   240  C CD  . ARG A 1 28  ? 11.196  8.415   -9.061  1.00 40.42  ? 34  ARG B CD  1 
ATOM   241  N NE  . ARG A 1 28  ? 11.697  7.401   -9.968  1.00 51.76  ? 34  ARG B NE  1 
ATOM   242  C CZ  . ARG A 1 28  ? 10.975  6.397   -10.487 1.00 66.80  ? 34  ARG B CZ  1 
ATOM   243  N NH1 . ARG A 1 28  ? 9.680   6.255   -10.204 1.00 66.97  ? 34  ARG B NH1 1 
ATOM   244  N NH2 . ARG A 1 28  ? 11.561  5.535   -11.309 1.00 70.85  ? 34  ARG B NH2 1 
ATOM   245  N N   . ARG A 1 29  ? 12.182  4.949   -3.824  1.00 19.66  ? 35  ARG B N   1 
ATOM   246  C CA  . ARG A 1 29  ? 11.928  3.715   -3.058  1.00 20.75  ? 35  ARG B CA  1 
ATOM   247  C C   . ARG A 1 29  ? 11.468  3.994   -1.631  1.00 19.03  ? 35  ARG B C   1 
ATOM   248  O O   . ARG A 1 29  ? 11.125  3.008   -0.940  1.00 19.28  ? 35  ARG B O   1 
ATOM   249  C CB  . ARG A 1 29  ? 13.194  2.864   -3.055  1.00 21.32  ? 35  ARG B CB  1 
ATOM   250  C CG  . ARG A 1 29  ? 13.565  2.460   -4.473  1.00 24.49  ? 35  ARG B CG  1 
ATOM   251  C CD  . ARG A 1 29  ? 12.883  1.217   -4.972  1.00 27.46  ? 35  ARG B CD  1 
ATOM   252  N NE  . ARG A 1 29  ? 13.487  0.044   -4.349  1.00 28.92  ? 35  ARG B NE  1 
ATOM   253  C CZ  . ARG A 1 29  ? 13.013  -1.189  -4.493  1.00 30.56  ? 35  ARG B CZ  1 
ATOM   254  N NH1 . ARG A 1 29  ? 11.965  -1.398  -5.269  1.00 29.55  ? 35  ARG B NH1 1 
ATOM   255  N NH2 . ARG A 1 29  ? 13.608  -2.201  -3.881  1.00 27.41  ? 35  ARG B NH2 1 
ATOM   256  N N   . GLN A 1 30  ? 11.505  5.251   -1.170  1.00 17.68  ? 36  GLN B N   1 
ATOM   257  C CA  . GLN A 1 30  ? 11.029  5.626   0.184   1.00 18.52  ? 36  GLN B CA  1 
ATOM   258  C C   . GLN A 1 30  ? 10.091  6.834   0.128   1.00 18.23  ? 36  GLN B C   1 
ATOM   259  O O   . GLN A 1 30  ? 10.267  7.719   -0.744  1.00 17.77  ? 36  GLN B O   1 
ATOM   260  C CB  . GLN A 1 30  ? 12.156  6.002   1.133   1.00 22.05  ? 36  GLN B CB  1 
ATOM   261  C CG  . GLN A 1 30  ? 13.299  5.037   1.089   1.00 26.49  ? 36  GLN B CG  1 
ATOM   262  C CD  . GLN A 1 30  ? 14.271  5.294   2.204   1.00 29.47  ? 36  GLN B CD  1 
ATOM   263  O OE1 . GLN A 1 30  ? 13.986  6.001   3.173   1.00 31.85  ? 36  GLN B OE1 1 
ATOM   264  N NE2 . GLN A 1 30  ? 15.413  4.648   2.086   1.00 33.48  ? 36  GLN B NE2 1 
ATOM   265  N N   . VAL A 1 31  ? 9.115   6.853   1.031   1.00 17.54  ? 37  VAL B N   1 
ATOM   266  C CA  . VAL A 1 31  ? 8.158   7.980   1.148   1.00 17.56  ? 37  VAL B CA  1 
ATOM   267  C C   . VAL A 1 31  ? 7.937   8.238   2.640   1.00 18.27  ? 37  VAL B C   1 
ATOM   268  O O   . VAL A 1 31  ? 7.762   7.301   3.415   1.00 18.12  ? 37  VAL B O   1 
ATOM   269  C CB  . VAL A 1 31  ? 6.875   7.727   0.335   1.00 17.95  ? 37  VAL B CB  1 
ATOM   270  C CG1 . VAL A 1 31  ? 6.155   6.414   0.701   1.00 17.05  ? 37  VAL B CG1 1 
ATOM   271  C CG2 . VAL A 1 31  ? 5.922   8.911   0.426   1.00 19.06  ? 37  VAL B CG2 1 
ATOM   272  N N   . ARG A 1 32  ? 7.889   9.503   3.025   1.00 17.46  ? 38  ARG B N   1 
ATOM   273  C CA  . ARG A 1 32  ? 7.468   9.889   4.377   1.00 19.41  ? 38  ARG B CA  1 
ATOM   274  C C   . ARG A 1 32  ? 6.622   11.165  4.304   1.00 19.38  ? 38  ARG B C   1 
ATOM   275  O O   . ARG A 1 32  ? 6.637   11.902  3.265   1.00 17.32  ? 38  ARG B O   1 
ATOM   276  C CB  . ARG A 1 32  ? 8.665   10.065  5.314   1.00 21.47  ? 38  ARG B CB  1 
ATOM   277  C CG  . ARG A 1 32  ? 9.534   11.263  4.976   1.00 23.64  ? 38  ARG B CG  1 
ATOM   278  C CD  . ARG A 1 32  ? 10.807  11.296  5.823   1.00 25.55  ? 38  ARG B CD  1 
ATOM   279  N NE  . ARG A 1 32  ? 11.648  12.392  5.370   1.00 30.95  ? 38  ARG B NE  1 
ATOM   280  C CZ  . ARG A 1 32  ? 11.598  13.649  5.797   1.00 31.93  ? 38  ARG B CZ  1 
ATOM   281  N NH1 . ARG A 1 32  ? 10.694  14.034  6.682   1.00 34.81  ? 38  ARG B NH1 1 
ATOM   282  N NH2 . ARG A 1 32  ? 12.435  14.540  5.274   1.00 36.75  ? 38  ARG B NH2 1 
ATOM   283  N N   . MET A 1 33  ? 5.892   11.398  5.391   0.70 21.27  ? 39  MET B N   1 
ATOM   284  C CA  . MET A 1 33  ? 5.057   12.604  5.611   0.70 23.57  ? 39  MET B CA  1 
ATOM   285  C C   . MET A 1 33  ? 5.988   13.768  5.933   0.70 23.23  ? 39  MET B C   1 
ATOM   286  O O   . MET A 1 33  ? 6.784   13.617  6.865   0.70 24.82  ? 39  MET B O   1 
ATOM   287  C CB  . MET A 1 33  ? 4.114   12.388  6.799   0.70 24.92  ? 39  MET B CB  1 
ATOM   288  C CG  . MET A 1 33  ? 3.414   13.658  7.239   0.70 26.97  ? 39  MET B CG  1 
ATOM   289  S SD  . MET A 1 33  ? 2.296   14.222  5.942   0.70 28.66  ? 39  MET B SD  1 
ATOM   290  C CE  . MET A 1 33  ? 0.738   13.619  6.579   0.70 27.73  ? 39  MET B CE  1 
ATOM   291  N N   . GLY A 1 34  ? 5.899   14.862  5.180   1.00 22.08  ? 40  GLY B N   1 
ATOM   292  C CA  . GLY A 1 34  ? 6.590   16.118  5.531   1.00 24.16  ? 40  GLY B CA  1 
ATOM   293  C C   . GLY A 1 34  ? 5.850   16.903  6.602   1.00 24.07  ? 40  GLY B C   1 
ATOM   294  O O   . GLY A 1 34  ? 4.687   16.594  6.886   1.00 22.47  ? 40  GLY B O   1 
ATOM   295  N N   . ASP A 1 35  ? 6.491   17.902  7.216   1.00 29.10  ? 41  ASP B N   1 
ATOM   296  C CA  . ASP A 1 35  ? 5.805   18.686  8.288   1.00 35.68  ? 41  ASP B CA  1 
ATOM   297  C C   . ASP A 1 35  ? 5.064   19.877  7.634   1.00 33.38  ? 41  ASP B C   1 
ATOM   298  O O   . ASP A 1 35  ? 4.450   20.669  8.369   1.00 32.29  ? 41  ASP B O   1 
ATOM   299  C CB  . ASP A 1 35  ? 6.766   19.033  9.441   1.00 45.41  ? 41  ASP B CB  1 
ATOM   300  C CG  . ASP A 1 35  ? 7.076   17.877  10.407  1.00 57.61  ? 41  ASP B CG  1 
ATOM   301  O OD1 . ASP A 1 35  ? 6.321   16.868  10.412  1.00 63.30  ? 41  ASP B OD1 1 
ATOM   302  O OD2 . ASP A 1 35  ? 8.075   17.981  11.172  1.00 61.01  ? 41  ASP B OD2 1 
ATOM   303  N N   . THR A 1 36  ? 5.003   19.933  6.297   1.00 27.98  ? 42  THR B N   1 
ATOM   304  C CA  . THR A 1 36  ? 4.361   21.043  5.534   1.00 27.21  ? 42  THR B CA  1 
ATOM   305  C C   . THR A 1 36  ? 4.110   20.636  4.080   1.00 24.88  ? 42  THR B C   1 
ATOM   306  O O   . THR A 1 36  ? 4.655   19.584  3.634   1.00 20.83  ? 42  THR B O   1 
ATOM   307  C CB  . THR A 1 36  ? 5.255   22.285  5.644   1.00 28.05  ? 42  THR B CB  1 
ATOM   308  O OG1 . THR A 1 36  ? 4.506   23.376  5.130   1.00 28.07  ? 42  THR B OG1 1 
ATOM   309  C CG2 . THR A 1 36  ? 6.539   22.143  4.861   1.00 31.63  ? 42  THR B CG2 1 
ATOM   310  N N   . HIS A 1 37  ? 3.345   21.442  3.329   1.00 24.50  ? 43  HIS B N   1 
ATOM   311  C CA  . HIS A 1 37  ? 3.239   21.369  1.841   1.00 25.00  ? 43  HIS B CA  1 
ATOM   312  C C   . HIS A 1 37  ? 4.639   21.356  1.217   1.00 27.03  ? 43  HIS B C   1 
ATOM   313  O O   . HIS A 1 37  ? 5.441   22.239  1.571   1.00 25.22  ? 43  HIS B O   1 
ATOM   314  C CB  . HIS A 1 37  ? 2.340   22.510  1.322   1.00 25.97  ? 43  HIS B CB  1 
ATOM   315  C CG  . HIS A 1 37  ? 1.946   22.443  -0.120  1.00 22.97  ? 43  HIS B CG  1 
ATOM   316  N ND1 . HIS A 1 37  ? 2.861   22.612  -1.136  1.00 22.70  ? 43  HIS B ND1 1 
ATOM   317  C CD2 . HIS A 1 37  ? 0.724   22.328  -0.698  1.00 21.99  ? 43  HIS B CD2 1 
ATOM   318  C CE1 . HIS A 1 37  ? 2.214   22.585  -2.295  1.00 24.29  ? 43  HIS B CE1 1 
ATOM   319  N NE2 . HIS A 1 37  ? 0.899   22.371  -2.051  1.00 23.00  ? 43  HIS B NE2 1 
ATOM   320  N N   . GLN A 1 38  ? 4.904   20.438  0.259   1.00 21.63  ? 44  GLN B N   1 
ATOM   321  C CA  . GLN A 1 38  ? 6.264   20.213  -0.296  1.00 22.56  ? 44  GLN B CA  1 
ATOM   322  C C   . GLN A 1 38  ? 6.533   21.031  -1.581  1.00 24.08  ? 44  GLN B C   1 
ATOM   323  O O   . GLN A 1 38  ? 7.531   20.726  -2.305  1.00 24.99  ? 44  GLN B O   1 
ATOM   324  C CB  . GLN A 1 38  ? 6.484   18.697  -0.447  1.00 21.24  ? 44  GLN B CB  1 
ATOM   325  C CG  . GLN A 1 38  ? 6.563   17.978  0.880   1.00 21.37  ? 44  GLN B CG  1 
ATOM   326  C CD  . GLN A 1 38  ? 7.580   18.576  1.812   1.00 21.72  ? 44  GLN B CD  1 
ATOM   327  O OE1 . GLN A 1 38  ? 7.291   18.911  2.957   1.00 24.29  ? 44  GLN B OE1 1 
ATOM   328  N NE2 . GLN A 1 38  ? 8.796   18.753  1.319   1.00 20.71  ? 44  GLN B NE2 1 
ATOM   329  N N   . ASN A 1 39  ? 5.781   22.111  -1.810  1.00 21.81  ? 45  ASN B N   1 
ATOM   330  C CA  . ASN A 1 39  ? 6.090   23.160  -2.825  1.00 20.87  ? 45  ASN B CA  1 
ATOM   331  C C   . ASN A 1 39  ? 5.962   22.586  -4.238  1.00 22.26  ? 45  ASN B C   1 
ATOM   332  O O   . ASN A 1 39  ? 6.733   22.981  -5.139  1.00 24.80  ? 45  ASN B O   1 
ATOM   333  C CB  . ASN A 1 39  ? 7.444   23.834  -2.557  1.00 21.82  ? 45  ASN B CB  1 
ATOM   334  C CG  . ASN A 1 39  ? 7.524   25.220  -3.188  1.00 20.52  ? 45  ASN B CG  1 
ATOM   335  O OD1 . ASN A 1 39  ? 6.489   25.862  -3.362  1.00 20.82  ? 45  ASN B OD1 1 
ATOM   336  N ND2 . ASN A 1 39  ? 8.704   25.619  -3.666  1.00 20.63  ? 45  ASN B ND2 1 
ATOM   337  N N   . VAL A 1 40  ? 4.987   21.691  -4.445  1.00 21.58  ? 46  VAL B N   1 
ATOM   338  C CA  . VAL A 1 40  ? 4.659   21.098  -5.772  1.00 22.47  ? 46  VAL B CA  1 
ATOM   339  C C   . VAL A 1 40  ? 3.334   21.706  -6.236  1.00 22.72  ? 46  VAL B C   1 
ATOM   340  O O   . VAL A 1 40  ? 2.540   22.085  -5.378  1.00 23.04  ? 46  VAL B O   1 
ATOM   341  C CB  . VAL A 1 40  ? 4.570   19.565  -5.678  1.00 22.67  ? 46  VAL B CB  1 
ATOM   342  C CG1 . VAL A 1 40  ? 5.912   18.951  -5.330  1.00 26.81  ? 46  VAL B CG1 1 
ATOM   343  C CG2 . VAL A 1 40  ? 3.527   19.086  -4.680  1.00 24.85  ? 46  VAL B CG2 1 
ATOM   344  N N   . SER A 1 41  ? 3.102   21.757  -7.540  1.00 23.88  ? 47  SER B N   1 
ATOM   345  C CA  . SER A 1 41  ? 1.794   22.152  -8.114  1.00 26.86  ? 47  SER B CA  1 
ATOM   346  C C   . SER A 1 41  ? 0.749   21.061  -7.877  1.00 25.24  ? 47  SER B C   1 
ATOM   347  O O   . SER A 1 41  ? 1.089   19.892  -7.777  1.00 23.10  ? 47  SER B O   1 
ATOM   348  C CB  . SER A 1 41  ? 1.912   22.480  -9.578  1.00 29.07  ? 47  SER B CB  1 
ATOM   349  O OG  . SER A 1 41  ? 2.409   21.361  -10.297 1.00 30.82  ? 47  SER B OG  1 
ATOM   350  N N   . ASP A 1 42  ? -0.518  21.445  -7.879  1.00 25.73  ? 48  ASP B N   1 
ATOM   351  C CA  . ASP A 1 42  ? -1.633  20.484  -7.816  1.00 26.14  ? 48  ASP B CA  1 
ATOM   352  C C   . ASP A 1 42  ? -1.835  19.879  -9.203  1.00 26.16  ? 48  ASP B C   1 
ATOM   353  O O   . ASP A 1 42  ? -1.465  20.506  -10.210 1.00 26.77  ? 48  ASP B O   1 
ATOM   354  C CB  . ASP A 1 42  ? -2.883  21.157  -7.274  1.00 28.61  ? 48  ASP B CB  1 
ATOM   355  C CG  . ASP A 1 42  ? -3.914  20.151  -6.804  1.00 35.09  ? 48  ASP B CG  1 
ATOM   356  O OD1 . ASP A 1 42  ? -3.522  19.024  -6.321  1.00 26.65  ? 48  ASP B OD1 1 
ATOM   357  O OD2 . ASP A 1 42  ? -5.091  20.453  -7.020  1.00 41.58  ? 48  ASP B OD2 1 
ATOM   358  N N   . ASN A 1 43  ? -2.390  18.674  -9.247  1.00 24.52  ? 49  ASN B N   1 
ATOM   359  C CA  . ASN A 1 43  ? -2.782  17.968  -10.494 1.00 25.08  ? 49  ASN B CA  1 
ATOM   360  C C   . ASN A 1 43  ? -3.902  16.986  -10.130 1.00 26.18  ? 49  ASN B C   1 
ATOM   361  O O   . ASN A 1 43  ? -4.180  16.754  -8.918  1.00 25.08  ? 49  ASN B O   1 
ATOM   362  C CB  . ASN A 1 43  ? -1.582  17.358  -11.200 1.00 24.97  ? 49  ASN B CB  1 
ATOM   363  C CG  . ASN A 1 43  ? -1.016  16.175  -10.447 1.00 25.76  ? 49  ASN B CG  1 
ATOM   364  O OD1 . ASN A 1 43  ? -1.740  15.224  -10.185 1.00 29.39  ? 49  ASN B OD1 1 
ATOM   365  N ND2 . ASN A 1 43  ? 0.239   16.226  -10.064 1.00 24.85  ? 49  ASN B ND2 1 
ATOM   366  N N   . LYS A 1 44  ? -4.599  16.486  -11.135 1.00 24.69  ? 50  LYS B N   1 
ATOM   367  C CA  . LYS A 1 44  ? -5.821  15.672  -10.917 1.00 27.78  ? 50  LYS B CA  1 
ATOM   368  C C   . LYS A 1 44  ? -5.439  14.269  -10.379 1.00 24.54  ? 50  LYS B C   1 
ATOM   369  O O   . LYS A 1 44  ? -6.361  13.585  -9.857  1.00 24.25  ? 50  LYS B O   1 
ATOM   370  C CB  . LYS A 1 44  ? -6.578  15.595  -12.252 1.00 33.16  ? 50  LYS B CB  1 
ATOM   371  C CG  . LYS A 1 44  ? -5.804  14.873  -13.340 1.00 39.54  ? 50  LYS B CG  1 
ATOM   372  C CD  . LYS A 1 44  ? -6.459  14.882  -14.702 1.00 49.04  ? 50  LYS B CD  1 
ATOM   373  C CE  . LYS A 1 44  ? -5.994  13.711  -15.544 1.00 55.21  ? 50  LYS B CE  1 
ATOM   374  N NZ  . LYS A 1 44  ? -6.737  13.646  -16.827 1.00 61.49  ? 50  LYS B NZ  1 
ATOM   375  N N   . GLU A 1 45  ? -4.173  13.853  -10.523 1.00 22.57  ? 51  GLU B N   1 
ATOM   376  C CA  . GLU A 1 45  ? -3.657  12.548  -10.016 1.00 25.48  ? 51  GLU B CA  1 
ATOM   377  C C   . GLU A 1 45  ? -3.511  12.551  -8.485  1.00 22.77  ? 51  GLU B C   1 
ATOM   378  O O   . GLU A 1 45  ? -3.586  11.463  -7.872  1.00 22.14  ? 51  GLU B O   1 
ATOM   379  C CB  . GLU A 1 45  ? -2.308  12.219  -10.649 1.00 30.18  ? 51  GLU B CB  1 
ATOM   380  C CG  . GLU A 1 45  ? -2.361  11.828  -12.118 1.00 38.70  ? 51  GLU B CG  1 
ATOM   381  C CD  . GLU A 1 45  ? -0.987  11.358  -12.603 1.00 47.88  ? 51  GLU B CD  1 
ATOM   382  O OE1 . GLU A 1 45  ? -0.115  12.234  -12.860 1.00 66.77  ? 51  GLU B OE1 1 
ATOM   383  O OE2 . GLU A 1 45  ? -0.748  10.123  -12.654 1.00 57.39  ? 51  GLU B OE2 1 
ATOM   384  N N   . ARG A 1 46  ? -3.234  13.684  -7.840  1.00 21.26  ? 52  ARG B N   1 
ATOM   385  C CA  . ARG A 1 46  ? -2.755  13.651  -6.426  1.00 20.04  ? 52  ARG B CA  1 
ATOM   386  C C   . ARG A 1 46  ? -3.878  13.267  -5.479  1.00 18.82  ? 52  ARG B C   1 
ATOM   387  O O   . ARG A 1 46  ? -4.990  13.826  -5.596  1.00 20.99  ? 52  ARG B O   1 
ATOM   388  C CB  . ARG A 1 46  ? -2.235  15.030  -5.979  1.00 20.05  ? 52  ARG B CB  1 
ATOM   389  C CG  . ARG A 1 46  ? -0.963  15.482  -6.669  1.00 19.94  ? 52  ARG B CG  1 
ATOM   390  C CD  . ARG A 1 46  ? -0.328  16.640  -5.873  1.00 18.74  ? 52  ARG B CD  1 
ATOM   391  N NE  . ARG A 1 46  ? 0.749   17.156  -6.678  1.00 19.17  ? 52  ARG B NE  1 
ATOM   392  C CZ  . ARG A 1 46  ? 1.906   16.545  -6.862  1.00 21.32  ? 52  ARG B CZ  1 
ATOM   393  N NH1 . ARG A 1 46  ? 2.211   15.394  -6.255  1.00 19.30  ? 52  ARG B NH1 1 
ATOM   394  N NH2 . ARG A 1 46  ? 2.774   17.077  -7.691  1.00 22.85  ? 52  ARG B NH2 1 
ATOM   395  N N   . PHE A 1 47  ? -3.620  12.337  -4.540  1.00 18.62  ? 53  PHE B N   1 
ATOM   396  C CA  . PHE A 1 47  ? -4.568  12.075  -3.440  1.00 17.95  ? 53  PHE B CA  1 
ATOM   397  C C   . PHE A 1 47  ? -4.657  13.357  -2.598  1.00 21.22  ? 53  PHE B C   1 
ATOM   398  O O   . PHE A 1 47  ? -3.635  13.730  -2.021  1.00 21.05  ? 53  PHE B O   1 
ATOM   399  C CB  . PHE A 1 47  ? -4.176  10.871  -2.591  1.00 17.89  ? 53  PHE B CB  1 
ATOM   400  C CG  . PHE A 1 47  ? -4.385  9.554   -3.302  1.00 16.87  ? 53  PHE B CG  1 
ATOM   401  C CD1 . PHE A 1 47  ? -5.650  8.988   -3.369  1.00 16.60  ? 53  PHE B CD1 1 
ATOM   402  C CD2 . PHE A 1 47  ? -3.324  8.938   -3.936  1.00 18.05  ? 53  PHE B CD2 1 
ATOM   403  C CE1 . PHE A 1 47  ? -5.849  7.780   -4.041  1.00 17.50  ? 53  PHE B CE1 1 
ATOM   404  C CE2 . PHE A 1 47  ? -3.539  7.743   -4.622  1.00 17.67  ? 53  PHE B CE2 1 
ATOM   405  C CZ  . PHE A 1 47  ? -4.799  7.193   -4.699  1.00 17.03  ? 53  PHE B CZ  1 
ATOM   406  N N   . SER A 1 48  ? -5.848  13.946  -2.472  1.00 20.08  ? 54  SER B N   1 
ATOM   407  C CA  . SER A 1 48  ? -5.998  15.249  -1.765  1.00 20.80  ? 54  SER B CA  1 
ATOM   408  C C   . SER A 1 48  ? -6.179  15.082  -0.244  1.00 20.73  ? 54  SER B C   1 
ATOM   409  O O   . SER A 1 48  ? -5.640  15.916  0.498   1.00 25.62  ? 54  SER B O   1 
ATOM   410  C CB  . SER A 1 48  ? -7.117  16.068  -2.390  1.00 21.93  ? 54  SER B CB  1 
ATOM   411  O OG  . SER A 1 48  ? -8.360  15.435  -2.178  1.00 23.35  ? 54  SER B OG  1 
ATOM   412  N N   . ASN A 1 49  ? -6.898  14.083  0.263   1.00 19.52  ? 55  ASN B N   1 
ATOM   413  C CA  . ASN A 1 49  ? -7.379  14.080  1.666   1.00 21.21  ? 55  ASN B CA  1 
ATOM   414  C C   . ASN A 1 49  ? -6.472  13.263  2.590   1.00 20.74  ? 55  ASN B C   1 
ATOM   415  O O   . ASN A 1 49  ? -6.609  13.377  3.846   1.00 20.92  ? 55  ASN B O   1 
ATOM   416  C CB  . ASN A 1 49  ? -8.811  13.599  1.794   1.00 22.13  ? 55  ASN B CB  1 
ATOM   417  C CG  . ASN A 1 49  ? -9.831  14.610  1.292   1.00 27.15  ? 55  ASN B CG  1 
ATOM   418  O OD1 . ASN A 1 49  ? -9.660  15.237  0.249   1.00 28.30  ? 55  ASN B OD1 1 
ATOM   419  N ND2 . ASN A 1 49  ? -10.933 14.720  2.014   1.00 29.59  ? 55  ASN B ND2 1 
ATOM   420  N N   . TYR A 1 50  ? -5.615  12.416  2.022   1.00 18.07  ? 56  TYR B N   1 
ATOM   421  C CA  . TYR A 1 50  ? -4.851  11.439  2.825   1.00 16.87  ? 56  TYR B CA  1 
ATOM   422  C C   . TYR A 1 50  ? -3.427  11.376  2.319   1.00 16.31  ? 56  TYR B C   1 
ATOM   423  O O   . TYR A 1 50  ? -3.151  11.701  1.153   1.00 17.35  ? 56  TYR B O   1 
ATOM   424  C CB  . TYR A 1 50  ? -5.480  10.052  2.706   1.00 17.33  ? 56  TYR B CB  1 
ATOM   425  C CG  . TYR A 1 50  ? -6.980  10.020  2.876   1.00 19.42  ? 56  TYR B CG  1 
ATOM   426  C CD1 . TYR A 1 50  ? -7.552  10.109  4.133   1.00 20.82  ? 56  TYR B CD1 1 
ATOM   427  C CD2 . TYR A 1 50  ? -7.819  9.866   1.788   1.00 19.51  ? 56  TYR B CD2 1 
ATOM   428  C CE1 . TYR A 1 50  ? -8.933  10.089  4.303   1.00 22.86  ? 56  TYR B CE1 1 
ATOM   429  C CE2 . TYR A 1 50  ? -9.205  9.893   1.929   1.00 19.38  ? 56  TYR B CE2 1 
ATOM   430  C CZ  . TYR A 1 50  ? -9.753  9.944   3.197   1.00 21.90  ? 56  TYR B CZ  1 
ATOM   431  O OH  . TYR A 1 50  ? -11.112 9.922   3.345   1.00 23.12  ? 56  TYR B OH  1 
ATOM   432  N N   . PRO A 1 51  ? -2.499  10.888  3.162   1.00 14.99  ? 57  PRO B N   1 
ATOM   433  C CA  . PRO A 1 51  ? -1.070  10.813  2.806   1.00 15.66  ? 57  PRO B CA  1 
ATOM   434  C C   . PRO A 1 51  ? -0.752  9.581   1.937   1.00 15.60  ? 57  PRO B C   1 
ATOM   435  O O   . PRO A 1 51  ? 0.106   8.777   2.298   1.00 16.52  ? 57  PRO B O   1 
ATOM   436  C CB  . PRO A 1 51  ? -0.367  10.656  4.173   1.00 16.89  ? 57  PRO B CB  1 
ATOM   437  C CG  . PRO A 1 51  ? -1.427  11.011  5.198   1.00 17.62  ? 57  PRO B CG  1 
ATOM   438  C CD  . PRO A 1 51  ? -2.730  10.630  4.571   1.00 16.21  ? 57  PRO B CD  1 
ATOM   439  N N   . MET A 1 52  ? -1.368  9.543   0.761   1.00 15.20  ? 58  MET B N   1 
ATOM   440  C CA  . MET A 1 52  ? -1.314  8.374   -0.157  1.00 15.00  ? 58  MET B CA  1 
ATOM   441  C C   . MET A 1 52  ? -0.450  8.658   -1.399  1.00 16.57  ? 58  MET B C   1 
ATOM   442  O O   . MET A 1 52  ? -0.284  9.815   -1.827  1.00 16.51  ? 58  MET B O   1 
ATOM   443  C CB  . MET A 1 52  ? -2.726  7.970   -0.575  1.00 16.18  ? 58  MET B CB  1 
ATOM   444  C CG  . MET A 1 52  ? -3.528  7.378   0.556   1.00 15.68  ? 58  MET B CG  1 
ATOM   445  S SD  . MET A 1 52  ? -5.319  7.377   0.114   1.00 18.26  ? 58  MET B SD  1 
ATOM   446  C CE  . MET A 1 52  ? -6.120  6.728   1.571   1.00 18.66  ? 58  MET B CE  1 
ATOM   447  N N   . VAL A 1 53  ? 0.097   7.594   -1.988  1.00 16.92  ? 59  VAL B N   1 
ATOM   448  C CA  . VAL A 1 53  ? 0.890   7.666   -3.242  1.00 16.99  ? 59  VAL B CA  1 
ATOM   449  C C   . VAL A 1 53  ? 0.772   6.286   -3.916  1.00 16.63  ? 59  VAL B C   1 
ATOM   450  O O   . VAL A 1 53  ? 0.546   5.268   -3.199  1.00 15.89  ? 59  VAL B O   1 
ATOM   451  C CB  . VAL A 1 53  ? 2.345   8.082   -2.958  1.00 17.10  ? 59  VAL B CB  1 
ATOM   452  C CG1 . VAL A 1 53  ? 3.043   7.086   -2.061  1.00 17.20  ? 59  VAL B CG1 1 
ATOM   453  C CG2 . VAL A 1 53  ? 3.155   8.345   -4.231  1.00 17.68  ? 59  VAL B CG2 1 
ATOM   454  N N   . LEU A 1 54  ? 0.900   6.251   -5.220  1.00 16.42  ? 60  LEU B N   1 
ATOM   455  C CA  . LEU A 1 54  ? 0.870   4.999   -6.013  1.00 16.20  ? 60  LEU B CA  1 
ATOM   456  C C   . LEU A 1 54  ? 2.280   4.626   -6.472  1.00 18.05  ? 60  LEU B C   1 
ATOM   457  O O   . LEU A 1 54  ? 3.143   5.521   -6.724  1.00 18.84  ? 60  LEU B O   1 
ATOM   458  C CB  . LEU A 1 54  ? -0.030  5.161   -7.230  1.00 16.73  ? 60  LEU B CB  1 
ATOM   459  C CG  . LEU A 1 54  ? -1.476  5.528   -6.936  1.00 16.99  ? 60  LEU B CG  1 
ATOM   460  C CD1 . LEU A 1 54  ? -2.353  5.459   -8.167  1.00 19.00  ? 60  LEU B CD1 1 
ATOM   461  C CD2 . LEU A 1 54  ? -2.053  4.669   -5.803  1.00 16.93  ? 60  LEU B CD2 1 
ATOM   462  N N   . GLY A 1 55  ? 2.502   3.336   -6.707  1.00 16.71  ? 61  GLY B N   1 
ATOM   463  C CA  . GLY A 1 55  ? 3.682   2.918   -7.491  1.00 16.46  ? 61  GLY B CA  1 
ATOM   464  C C   . GLY A 1 55  ? 3.493   3.310   -8.946  1.00 15.88  ? 61  GLY B C   1 
ATOM   465  O O   . GLY A 1 55  ? 2.321   3.491   -9.379  1.00 18.20  ? 61  GLY B O   1 
ATOM   466  N N   . ALA A 1 56  ? 4.584   3.426   -9.679  1.00 17.50  ? 62  ALA B N   1 
ATOM   467  C CA  . ALA A 1 56  ? 4.605   3.829   -11.104 1.00 21.05  ? 62  ALA B CA  1 
ATOM   468  C C   . ALA A 1 56  ? 4.129   2.662   -11.967 1.00 22.38  ? 62  ALA B C   1 
ATOM   469  O O   . ALA A 1 56  ? 3.503   2.912   -13.022 1.00 26.66  ? 62  ALA B O   1 
ATOM   470  C CB  . ALA A 1 56  ? 5.995   4.255   -11.485 1.00 21.88  ? 62  ALA B CB  1 
ATOM   471  N N   . GLN A 1 57  ? 4.415   1.442   -11.518 1.00 21.66  ? 63  GLN B N   1 
ATOM   472  C CA  . GLN A 1 57  ? 4.120   0.201   -12.273 1.00 21.33  ? 63  GLN B CA  1 
ATOM   473  C C   . GLN A 1 57  ? 2.609   -0.005  -12.385 1.00 24.14  ? 63  GLN B C   1 
ATOM   474  O O   . GLN A 1 57  ? 1.894   0.220   -11.403 1.00 21.13  ? 63  GLN B O   1 
ATOM   475  C CB  . GLN A 1 57  ? 4.810   -0.998  -11.608 1.00 22.95  ? 63  GLN B CB  1 
ATOM   476  C CG  . GLN A 1 57  ? 6.331   -0.996  -11.735 1.00 25.64  ? 63  GLN B CG  1 
ATOM   477  C CD  . GLN A 1 57  ? 6.985   0.093   -10.908 1.00 24.12  ? 63  GLN B CD  1 
ATOM   478  O OE1 . GLN A 1 57  ? 6.588   0.368   -9.799  1.00 23.91  ? 63  GLN B OE1 1 
ATOM   479  N NE2 . GLN A 1 57  ? 8.014   0.732   -11.437 1.00 26.97  ? 63  GLN B NE2 1 
ATOM   480  N N   . ARG A 1 58  ? 2.147   -0.474  -13.550 1.00 22.43  ? 64  ARG B N   1 
ATOM   481  C CA  . ARG A 1 58  ? 0.749   -0.873  -13.824 1.00 24.15  ? 64  ARG B CA  1 
ATOM   482  C C   . ARG A 1 58  ? 0.768   -2.353  -14.201 1.00 23.19  ? 64  ARG B C   1 
ATOM   483  O O   . ARG A 1 58  ? 1.645   -2.753  -15.000 1.00 25.26  ? 64  ARG B O   1 
ATOM   484  C CB  . ARG A 1 58  ? 0.134   -0.125  -15.021 1.00 29.89  ? 64  ARG B CB  1 
ATOM   485  C CG  . ARG A 1 58  ? -0.349  1.303   -14.781 1.00 36.62  ? 64  ARG B CG  1 
ATOM   486  C CD  . ARG A 1 58  ? 0.721   2.215   -14.205 1.00 41.14  ? 64  ARG B CD  1 
ATOM   487  N NE  . ARG A 1 58  ? 0.743   3.677   -14.402 1.00 47.50  ? 64  ARG B NE  1 
ATOM   488  C CZ  . ARG A 1 58  ? -0.152  4.468   -15.008 1.00 49.66  ? 64  ARG B CZ  1 
ATOM   489  N NH1 . ARG A 1 58  ? 0.084   5.769   -15.049 1.00 50.24  ? 64  ARG B NH1 1 
ATOM   490  N NH2 . ARG A 1 58  ? -1.269  4.011   -15.550 1.00 51.00  ? 64  ARG B NH2 1 
ATOM   491  N N   . PHE A 1 59  ? -0.089  -3.153  -13.587 1.00 21.61  ? 65  PHE B N   1 
ATOM   492  C CA  . PHE A 1 59  ? -0.136  -4.633  -13.804 1.00 21.99  ? 65  PHE B CA  1 
ATOM   493  C C   . PHE A 1 59  ? -1.533  -4.989  -14.320 1.00 20.67  ? 65  PHE B C   1 
ATOM   494  O O   . PHE A 1 59  ? -2.519  -4.607  -13.701 1.00 18.59  ? 65  PHE B O   1 
ATOM   495  C CB  . PHE A 1 59  ? 0.157   -5.361  -12.474 1.00 24.21  ? 65  PHE B CB  1 
ATOM   496  C CG  . PHE A 1 59  ? 1.490   -5.010  -11.854 1.00 25.04  ? 65  PHE B CG  1 
ATOM   497  C CD1 . PHE A 1 59  ? 2.670   -5.168  -12.571 1.00 29.00  ? 65  PHE B CD1 1 
ATOM   498  C CD2 . PHE A 1 59  ? 1.571   -4.530  -10.569 1.00 29.98  ? 65  PHE B CD2 1 
ATOM   499  C CE1 . PHE A 1 59  ? 3.906   -4.861  -12.019 1.00 29.76  ? 65  PHE B CE1 1 
ATOM   500  C CE2 . PHE A 1 59  ? 2.807   -4.228  -10.014 1.00 28.52  ? 65  PHE B CE2 1 
ATOM   501  C CZ  . PHE A 1 59  ? 3.962   -4.372  -10.745 1.00 27.81  ? 65  PHE B CZ  1 
ATOM   502  N N   A SER A 1 60  ? -1.620  -5.754  -15.412 0.25 19.63  ? 66  SER B N   1 
ATOM   503  N N   B SER A 1 60  ? -1.615  -5.745  -15.422 0.25 21.12  ? 66  SER B N   1 
ATOM   504  C CA  A SER A 1 60  ? -2.913  -6.223  -15.974 0.25 19.53  ? 66  SER B CA  1 
ATOM   505  C CA  B SER A 1 60  ? -2.891  -6.227  -16.019 0.25 22.06  ? 66  SER B CA  1 
ATOM   506  C C   A SER A 1 60  ? -2.872  -7.743  -16.189 0.25 19.31  ? 66  SER B C   1 
ATOM   507  C C   B SER A 1 60  ? -2.805  -7.727  -16.317 0.25 22.10  ? 66  SER B C   1 
ATOM   508  O O   A SER A 1 60  ? -3.889  -8.315  -16.610 0.25 19.12  ? 66  SER B O   1 
ATOM   509  O O   B SER A 1 60  ? -3.624  -8.227  -17.111 0.25 21.26  ? 66  SER B O   1 
ATOM   510  C CB  A SER A 1 60  ? -3.244  -5.464  -17.233 0.25 19.51  ? 66  SER B CB  1 
ATOM   511  C CB  B SER A 1 60  ? -3.217  -5.467  -17.267 0.25 22.73  ? 66  SER B CB  1 
ATOM   512  O OG  A SER A 1 60  ? -3.613  -4.117  -16.920 0.25 18.28  ? 66  SER B OG  1 
ATOM   513  O OG  B SER A 1 60  ? -2.158  -5.567  -18.199 0.25 23.03  ? 66  SER B OG  1 
ATOM   514  N N   A SER A 1 61  ? -1.738  -8.376  -15.879 0.25 19.13  ? 67  SER B N   1 
ATOM   515  N N   B SER A 1 61  ? -1.821  -8.409  -15.736 0.25 22.34  ? 67  SER B N   1 
ATOM   516  C CA  A SER A 1 61  ? -1.549  -9.840  -16.017 0.25 19.71  ? 67  SER B CA  1 
ATOM   517  C CA  B SER A 1 61  ? -1.583  -9.848  -15.983 0.25 23.12  ? 67  SER B CA  1 
ATOM   518  C C   A SER A 1 61  ? -0.467  -10.322 -15.048 0.25 20.72  ? 67  SER B C   1 
ATOM   519  C C   B SER A 1 61  ? -0.404  -10.334 -15.143 0.25 22.79  ? 67  SER B C   1 
ATOM   520  O O   A SER A 1 61  ? 0.209   -9.472  -14.455 0.25 19.88  ? 67  SER B O   1 
ATOM   521  O O   B SER A 1 61  ? 0.437   -9.500  -14.769 0.25 21.97  ? 67  SER B O   1 
ATOM   522  C CB  A SER A 1 61  ? -1.197  -10.181 -17.440 0.25 19.20  ? 67  SER B CB  1 
ATOM   523  C CB  B SER A 1 61  ? -1.349  -10.081 -17.451 0.25 23.82  ? 67  SER B CB  1 
ATOM   524  O OG  A SER A 1 61  ? 0.156   -9.849  -17.701 0.25 17.89  ? 67  SER B OG  1 
ATOM   525  O OG  B SER A 1 61  ? -1.072  -11.448 -17.693 0.25 25.61  ? 67  SER B OG  1 
ATOM   526  N N   . GLY A 1 62  ? -0.351  -11.640 -14.883 1.00 22.39  ? 68  GLY B N   1 
ATOM   527  C CA  . GLY A 1 62  ? 0.823   -12.261 -14.254 1.00 24.37  ? 68  GLY B CA  1 
ATOM   528  C C   . GLY A 1 62  ? 0.760   -12.261 -12.732 1.00 23.16  ? 68  GLY B C   1 
ATOM   529  O O   . GLY A 1 62  ? -0.297  -11.957 -12.128 1.00 21.55  ? 68  GLY B O   1 
ATOM   530  N N   . LYS A 1 63  ? 1.870   -12.675 -12.159 1.00 23.48  ? 69  LYS B N   1 
ATOM   531  C CA  . LYS A 1 63  ? 2.101   -12.745 -10.710 1.00 24.23  ? 69  LYS B CA  1 
ATOM   532  C C   . LYS A 1 63  ? 3.219   -11.763 -10.376 1.00 25.75  ? 69  LYS B C   1 
ATOM   533  O O   . LYS A 1 63  ? 4.241   -11.748 -11.085 1.00 24.68  ? 69  LYS B O   1 
ATOM   534  C CB  . LYS A 1 63  ? 2.440   -14.180 -10.304 1.00 27.25  ? 69  LYS B CB  1 
ATOM   535  C CG  . LYS A 1 63  ? 1.382   -15.220 -10.658 1.00 27.47  ? 69  LYS B CG  1 
ATOM   536  C CD  . LYS A 1 63  ? 1.827   -16.656 -10.355 1.00 32.16  ? 69  LYS B CD  1 
ATOM   537  C CE  . LYS A 1 63  ? 0.916   -17.683 -10.986 1.00 36.40  ? 69  LYS B CE  1 
ATOM   538  N NZ  . LYS A 1 63  ? 1.096   -19.000 -10.338 1.00 40.18  ? 69  LYS B NZ  1 
ATOM   539  N N   . MET A 1 64  ? 3.031   -11.009 -9.289  1.00 23.35  ? 70  MET B N   1 
ATOM   540  C CA  . MET A 1 64  ? 3.879   -9.869  -8.874  1.00 22.26  ? 70  MET B CA  1 
ATOM   541  C C   . MET A 1 64  ? 4.047   -9.941  -7.357  1.00 19.34  ? 70  MET B C   1 
ATOM   542  O O   . MET A 1 64  ? 3.073   -10.264 -6.677  1.00 19.42  ? 70  MET B O   1 
ATOM   543  C CB  . MET A 1 64  ? 3.206   -8.539  -9.194  1.00 22.35  ? 70  MET B CB  1 
ATOM   544  C CG  . MET A 1 64  ? 3.254   -8.118  -10.654 1.00 25.91  ? 70  MET B CG  1 
ATOM   545  S SD  . MET A 1 64  ? 2.155   -9.019  -11.786 1.00 26.56  ? 70  MET B SD  1 
ATOM   546  C CE  . MET A 1 64  ? 0.541   -8.776  -11.053 1.00 25.33  ? 70  MET B CE  1 
ATOM   547  N N   . TYR A 1 65  ? 5.251   -9.743  -6.864  1.00 17.96  ? 71  TYR B N   1 
ATOM   548  C CA  . TYR A 1 65  ? 5.546   -9.758  -5.407  1.00 18.22  ? 71  TYR B CA  1 
ATOM   549  C C   . TYR A 1 65  ? 6.466   -8.581  -5.093  1.00 19.30  ? 71  TYR B C   1 
ATOM   550  O O   . TYR A 1 65  ? 7.491   -8.322  -5.834  1.00 19.73  ? 71  TYR B O   1 
ATOM   551  C CB  . TYR A 1 65  ? 6.186   -11.092 -5.025  1.00 20.72  ? 71  TYR B CB  1 
ATOM   552  C CG  . TYR A 1 65  ? 6.561   -11.214 -3.573  1.00 20.11  ? 71  TYR B CG  1 
ATOM   553  C CD1 . TYR A 1 65  ? 5.600   -11.533 -2.634  1.00 20.95  ? 71  TYR B CD1 1 
ATOM   554  C CD2 . TYR A 1 65  ? 7.862   -10.978 -3.142  1.00 20.59  ? 71  TYR B CD2 1 
ATOM   555  C CE1 . TYR A 1 65  ? 5.910   -11.583 -1.282  1.00 21.97  ? 71  TYR B CE1 1 
ATOM   556  C CE2 . TYR A 1 65  ? 8.195   -11.058 -1.795  1.00 21.27  ? 71  TYR B CE2 1 
ATOM   557  C CZ  . TYR A 1 65  ? 7.224   -11.377 -0.874  1.00 21.37  ? 71  TYR B CZ  1 
ATOM   558  O OH  . TYR A 1 65  ? 7.574   -11.444 0.439   1.00 22.61  ? 71  TYR B OH  1 
ATOM   559  N N   . TRP A 1 66  ? 6.223   -7.913  -3.976  1.00 17.22  ? 72  TRP B N   1 
ATOM   560  C CA  . TRP A 1 66  ? 7.142   -6.869  -3.475  1.00 17.89  ? 72  TRP B CA  1 
ATOM   561  C C   . TRP A 1 66  ? 7.067   -6.823  -1.943  1.00 18.64  ? 72  TRP B C   1 
ATOM   562  O O   . TRP A 1 66  ? 6.083   -7.396  -1.353  1.00 17.82  ? 72  TRP B O   1 
ATOM   563  C CB  . TRP A 1 66  ? 6.910   -5.502  -4.160  1.00 17.09  ? 72  TRP B CB  1 
ATOM   564  C CG  . TRP A 1 66  ? 5.597   -4.831  -3.887  1.00 17.58  ? 72  TRP B CG  1 
ATOM   565  C CD1 . TRP A 1 66  ? 5.310   -3.869  -2.940  1.00 16.55  ? 72  TRP B CD1 1 
ATOM   566  C CD2 . TRP A 1 66  ? 4.391   -5.013  -4.641  1.00 18.37  ? 72  TRP B CD2 1 
ATOM   567  N NE1 . TRP A 1 66  ? 4.000   -3.459  -3.072  1.00 16.52  ? 72  TRP B NE1 1 
ATOM   568  C CE2 . TRP A 1 66  ? 3.403   -4.185  -4.071  1.00 17.67  ? 72  TRP B CE2 1 
ATOM   569  C CE3 . TRP A 1 66  ? 4.038   -5.871  -5.696  1.00 21.66  ? 72  TRP B CE3 1 
ATOM   570  C CZ2 . TRP A 1 66  ? 2.108   -4.130  -4.581  1.00 19.75  ? 72  TRP B CZ2 1 
ATOM   571  C CZ3 . TRP A 1 66  ? 2.759   -5.807  -6.200  1.00 23.66  ? 72  TRP B CZ3 1 
ATOM   572  C CH2 . TRP A 1 66  ? 1.806   -4.962  -5.642  1.00 21.28  ? 72  TRP B CH2 1 
ATOM   573  N N   . GLU A 1 67  ? 8.045   -6.165  -1.314  1.00 18.50  ? 73  GLU B N   1 
ATOM   574  C CA  . GLU A 1 67  ? 8.099   -6.064  0.164   1.00 16.35  ? 73  GLU B CA  1 
ATOM   575  C C   . GLU A 1 67  ? 8.237   -4.612  0.584   1.00 16.79  ? 73  GLU B C   1 
ATOM   576  O O   . GLU A 1 67  ? 8.917   -3.851  -0.104  1.00 17.53  ? 73  GLU B O   1 
ATOM   577  C CB  . GLU A 1 67  ? 9.235   -6.922  0.695   1.00 18.53  ? 73  GLU B CB  1 
ATOM   578  C CG  . GLU A 1 67  ? 9.001   -8.425  0.426   1.00 20.64  ? 73  GLU B CG  1 
ATOM   579  C CD  . GLU A 1 67  ? 10.071  -9.331  1.010   1.00 25.55  ? 73  GLU B CD  1 
ATOM   580  O OE1 . GLU A 1 67  ? 11.070  -8.763  1.498   1.00 26.88  ? 73  GLU B OE1 1 
ATOM   581  O OE2 . GLU A 1 67  ? 9.902   -10.606 0.982   1.00 23.04  ? 73  GLU B OE2 1 
ATOM   582  N N   . VAL A 1 68  ? 7.582   -4.283  1.692   1.00 15.77  ? 74  VAL B N   1 
ATOM   583  C CA  . VAL A 1 68  ? 7.590   -2.909  2.242   1.00 15.51  ? 74  VAL B CA  1 
ATOM   584  C C   . VAL A 1 68  ? 8.014   -2.952  3.708   1.00 17.46  ? 74  VAL B C   1 
ATOM   585  O O   . VAL A 1 68  ? 7.443   -3.756  4.479   1.00 17.66  ? 74  VAL B O   1 
ATOM   586  C CB  . VAL A 1 68  ? 6.213   -2.234  2.100   1.00 15.93  ? 74  VAL B CB  1 
ATOM   587  C CG1 . VAL A 1 68  ? 6.305   -0.775  2.508   1.00 17.01  ? 74  VAL B CG1 1 
ATOM   588  C CG2 . VAL A 1 68  ? 5.636   -2.385  0.712   1.00 17.72  ? 74  VAL B CG2 1 
ATOM   589  N N   . ASP A 1 69  ? 8.900   -2.041  4.087   1.00 17.12  ? 75  ASP B N   1 
ATOM   590  C CA  . ASP A 1 69  ? 9.394   -1.877  5.478   1.00 18.82  ? 75  ASP B CA  1 
ATOM   591  C C   . ASP A 1 69  ? 8.477   -0.884  6.180   1.00 17.87  ? 75  ASP B C   1 
ATOM   592  O O   . ASP A 1 69  ? 8.218   0.229   5.608   1.00 19.08  ? 75  ASP B O   1 
ATOM   593  C CB  . ASP A 1 69  ? 10.859  -1.437  5.471   1.00 21.01  ? 75  ASP B CB  1 
ATOM   594  C CG  . ASP A 1 69  ? 11.472  -1.487  6.857   1.00 24.36  ? 75  ASP B CG  1 
ATOM   595  O OD1 . ASP A 1 69  ? 10.970  -0.812  7.740   1.00 23.77  ? 75  ASP B OD1 1 
ATOM   596  O OD2 . ASP A 1 69  ? 12.376  -2.283  7.053   1.00 33.23  ? 75  ASP B OD2 1 
ATOM   597  N N   . VAL A 1 70  ? 7.922   -1.296  7.313   1.00 18.12  ? 76  VAL B N   1 
ATOM   598  C CA  . VAL A 1 70  ? 6.981   -0.492  8.135   1.00 18.92  ? 76  VAL B CA  1 
ATOM   599  C C   . VAL A 1 70  ? 7.564   -0.221  9.542   1.00 18.67  ? 76  VAL B C   1 
ATOM   600  O O   . VAL A 1 70  ? 6.806   0.128   10.440  1.00 19.08  ? 76  VAL B O   1 
ATOM   601  C CB  . VAL A 1 70  ? 5.586   -1.152  8.174   1.00 17.83  ? 76  VAL B CB  1 
ATOM   602  C CG1 . VAL A 1 70  ? 4.997   -1.283  6.748   1.00 17.88  ? 76  VAL B CG1 1 
ATOM   603  C CG2 . VAL A 1 70  ? 5.581   -2.493  8.890   1.00 18.71  ? 76  VAL B CG2 1 
ATOM   604  N N   . THR A 1 71  ? 8.865   -0.441  9.746   1.00 18.99  ? 77  THR B N   1 
ATOM   605  C CA  . THR A 1 71  ? 9.523   -0.320  11.058  1.00 20.87  ? 77  THR B CA  1 
ATOM   606  C C   . THR A 1 71  ? 9.145   1.004   11.735  1.00 22.08  ? 77  THR B C   1 
ATOM   607  O O   . THR A 1 71  ? 9.211   2.040   11.081  1.00 19.91  ? 77  THR B O   1 
ATOM   608  C CB  . THR A 1 71  ? 11.041  -0.423  10.895  1.00 20.60  ? 77  THR B CB  1 
ATOM   609  O OG1 . THR A 1 71  ? 11.363  -1.728  10.420  1.00 25.15  ? 77  THR B OG1 1 
ATOM   610  C CG2 . THR A 1 71  ? 11.714  -0.152  12.217  1.00 23.90  ? 77  THR B CG2 1 
ATOM   611  N N   . GLN A 1 72  ? 8.735   0.920   13.007  1.00 24.32  ? 78  GLN B N   1 
ATOM   612  C CA  . GLN A 1 72  ? 8.476   2.011   14.003  1.00 29.95  ? 78  GLN B CA  1 
ATOM   613  C C   . GLN A 1 72  ? 7.254   2.856   13.611  1.00 28.73  ? 78  GLN B C   1 
ATOM   614  O O   . GLN A 1 72  ? 6.987   3.842   14.291  1.00 30.79  ? 78  GLN B O   1 
ATOM   615  C CB  . GLN A 1 72  ? 9.729   2.844   14.318  1.00 38.95  ? 78  GLN B CB  1 
ATOM   616  C CG  . GLN A 1 72  ? 10.364  3.567   13.138  1.00 48.59  ? 78  GLN B CG  1 
ATOM   617  C CD  . GLN A 1 72  ? 11.143  4.830   13.455  1.00 57.61  ? 78  GLN B CD  1 
ATOM   618  O OE1 . GLN A 1 72  ? 12.231  5.059   12.915  1.00 61.35  ? 78  GLN B OE1 1 
ATOM   619  N NE2 . GLN A 1 72  ? 10.553  5.714   14.250  1.00 59.11  ? 78  GLN B NE2 1 
ATOM   620  N N   . LYS A 1 73  ? 6.474   2.466   12.613  1.00 20.72  ? 79  LYS B N   1 
ATOM   621  C CA  . LYS A 1 73  ? 5.237   3.207   12.293  1.00 19.41  ? 79  LYS B CA  1 
ATOM   622  C C   . LYS A 1 73  ? 4.062   2.771   13.182  1.00 18.63  ? 79  LYS B C   1 
ATOM   623  O O   . LYS A 1 73  ? 3.917   1.561   13.502  1.00 20.24  ? 79  LYS B O   1 
ATOM   624  C CB  . LYS A 1 73  ? 4.937   3.044   10.802  1.00 19.41  ? 79  LYS B CB  1 
ATOM   625  C CG  . LYS A 1 73  ? 5.944   3.759   9.895   1.00 19.94  ? 79  LYS B CG  1 
ATOM   626  C CD  . LYS A 1 73  ? 5.512   3.888   8.444   1.00 20.76  ? 79  LYS B CD  1 
ATOM   627  C CE  . LYS A 1 73  ? 4.335   4.826   8.206   1.00 18.47  ? 79  LYS B CE  1 
ATOM   628  N NZ  . LYS A 1 73  ? 4.567   6.204   8.742   1.00 17.99  ? 79  LYS B NZ  1 
ATOM   629  N N   . GLU A 1 74  ? 3.206   3.731   13.498  1.00 16.73  ? 80  GLU B N   1 
ATOM   630  C CA  . GLU A 1 74  ? 1.972   3.581   14.309  1.00 18.01  ? 80  GLU B CA  1 
ATOM   631  C C   . GLU A 1 74  ? 0.762   3.372   13.391  1.00 18.13  ? 80  GLU B C   1 
ATOM   632  O O   . GLU A 1 74  ? -0.282  2.895   13.854  1.00 16.64  ? 80  GLU B O   1 
ATOM   633  C CB  . GLU A 1 74  ? 1.730   4.845   15.148  1.00 19.49  ? 80  GLU B CB  1 
ATOM   634  C CG  . GLU A 1 74  ? 2.689   4.989   16.303  1.00 21.37  ? 80  GLU B CG  1 
ATOM   635  C CD  . GLU A 1 74  ? 2.459   6.314   17.038  1.00 22.33  ? 80  GLU B CD  1 
ATOM   636  O OE1 . GLU A 1 74  ? 3.110   6.498   18.056  1.00 22.64  ? 80  GLU B OE1 1 
ATOM   637  O OE2 . GLU A 1 74  ? 1.637   7.160   16.551  1.00 24.81  ? 80  GLU B OE2 1 
ATOM   638  N N   . ALA A 1 75  ? 0.838   3.849   12.149  1.00 17.22  ? 81  ALA B N   1 
ATOM   639  C CA  . ALA A 1 75  ? -0.326  3.807   11.248  1.00 16.61  ? 81  ALA B CA  1 
ATOM   640  C C   . ALA A 1 75  ? 0.153   3.787   9.800   1.00 17.77  ? 81  ALA B C   1 
ATOM   641  O O   . ALA A 1 75  ? 1.109   4.539   9.464   1.00 16.49  ? 81  ALA B O   1 
ATOM   642  C CB  . ALA A 1 75  ? -1.235  4.984   11.503  1.00 18.63  ? 81  ALA B CB  1 
ATOM   643  N N   . TRP A 1 76  ? -0.513  2.987   8.967   1.00 15.75  ? 82  TRP B N   1 
ATOM   644  C CA  . TRP A 1 76  ? -0.219  2.881   7.511   1.00 16.70  ? 82  TRP B CA  1 
ATOM   645  C C   . TRP A 1 76  ? -1.292  2.041   6.856   1.00 15.56  ? 82  TRP B C   1 
ATOM   646  O O   . TRP A 1 76  ? -1.956  1.254   7.596   1.00 15.98  ? 82  TRP B O   1 
ATOM   647  C CB  . TRP A 1 76  ? 1.190   2.297   7.266   1.00 16.34  ? 82  TRP B CB  1 
ATOM   648  C CG  . TRP A 1 76  ? 1.536   1.041   7.999   1.00 16.25  ? 82  TRP B CG  1 
ATOM   649  C CD1 . TRP A 1 76  ? 2.260   0.957   9.149   1.00 18.40  ? 82  TRP B CD1 1 
ATOM   650  C CD2 . TRP A 1 76  ? 1.104   -0.308  7.719   1.00 15.82  ? 82  TRP B CD2 1 
ATOM   651  N NE1 . TRP A 1 76  ? 2.339   -0.329  9.594   1.00 17.89  ? 82  TRP B NE1 1 
ATOM   652  C CE2 . TRP A 1 76  ? 1.640   -1.131  8.733   1.00 17.53  ? 82  TRP B CE2 1 
ATOM   653  C CE3 . TRP A 1 76  ? 0.313   -0.883  6.718   1.00 16.84  ? 82  TRP B CE3 1 
ATOM   654  C CZ2 . TRP A 1 76  ? 1.444   -2.501  8.774   1.00 15.25  ? 82  TRP B CZ2 1 
ATOM   655  C CZ3 . TRP A 1 76  ? 0.124   -2.244  6.741   1.00 15.80  ? 82  TRP B CZ3 1 
ATOM   656  C CH2 . TRP A 1 76  ? 0.690   -3.041  7.758   1.00 17.05  ? 82  TRP B CH2 1 
ATOM   657  N N   . ASP A 1 77  ? -1.398  2.169   5.533   1.00 14.87  ? 83  ASP B N   1 
ATOM   658  C CA  . ASP A 1 77  ? -2.201  1.265   4.672   1.00 16.53  ? 83  ASP B CA  1 
ATOM   659  C C   . ASP A 1 77  ? -1.263  0.752   3.584   1.00 15.18  ? 83  ASP B C   1 
ATOM   660  O O   . ASP A 1 77  ? -0.492  1.572   3.037   1.00 15.67  ? 83  ASP B O   1 
ATOM   661  C CB  . ASP A 1 77  ? -3.439  1.942   4.052   1.00 17.77  ? 83  ASP B CB  1 
ATOM   662  C CG  . ASP A 1 77  ? -4.298  2.880   4.904   1.00 21.33  ? 83  ASP B CG  1 
ATOM   663  O OD1 . ASP A 1 77  ? -4.510  2.601   6.048   1.00 22.43  ? 83  ASP B OD1 1 
ATOM   664  O OD2 . ASP A 1 77  ? -4.781  3.894   4.372   1.00 22.00  ? 83  ASP B OD2 1 
ATOM   665  N N   . LEU A 1 78  ? -1.402  -0.515  3.180   1.00 14.70  ? 84  LEU B N   1 
ATOM   666  C CA  . LEU A 1 78  ? -0.627  -1.040  2.039   1.00 15.47  ? 84  LEU B CA  1 
ATOM   667  C C   . LEU A 1 78  ? -1.513  -1.983  1.228   1.00 14.20  ? 84  LEU B C   1 
ATOM   668  O O   . LEU A 1 78  ? -2.353  -2.678  1.815   1.00 14.04  ? 84  LEU B O   1 
ATOM   669  C CB  . LEU A 1 78  ? 0.572   -1.857  2.529   1.00 15.40  ? 84  LEU B CB  1 
ATOM   670  C CG  . LEU A 1 78  ? 1.716   -1.103  3.185   1.00 16.87  ? 84  LEU B CG  1 
ATOM   671  C CD1 . LEU A 1 78  ? 2.679   -2.102  3.828   1.00 18.40  ? 84  LEU B CD1 1 
ATOM   672  C CD2 . LEU A 1 78  ? 2.395   -0.230  2.157   1.00 17.44  ? 84  LEU B CD2 1 
ATOM   673  N N   . GLY A 1 79  ? -1.256  -2.035  -0.056  1.00 13.84  ? 85  GLY B N   1 
ATOM   674  C CA  . GLY A 1 79  ? -1.779  -3.103  -0.924  1.00 14.21  ? 85  GLY B CA  1 
ATOM   675  C C   . GLY A 1 79  ? -1.707  -2.687  -2.375  1.00 13.79  ? 85  GLY B C   1 
ATOM   676  O O   . GLY A 1 79  ? -0.647  -2.256  -2.809  1.00 13.59  ? 85  GLY B O   1 
ATOM   677  N N   A VAL A 1 80  ? -2.817  -2.863  -3.102  0.25 13.82  ? 86  VAL B N   1 
ATOM   678  N N   B VAL A 1 80  ? -2.823  -2.822  -3.095  0.25 14.32  ? 86  VAL B N   1 
ATOM   679  C CA  A VAL A 1 80  ? -2.958  -2.541  -4.551  0.25 13.67  ? 86  VAL B CA  1 
ATOM   680  C CA  B VAL A 1 80  ? -2.926  -2.521  -4.551  0.25 14.45  ? 86  VAL B CA  1 
ATOM   681  C C   A VAL A 1 80  ? -4.291  -1.828  -4.743  0.25 14.02  ? 86  VAL B C   1 
ATOM   682  C C   B VAL A 1 80  ? -4.298  -1.897  -4.792  0.25 14.41  ? 86  VAL B C   1 
ATOM   683  O O   A VAL A 1 80  ? -5.195  -1.994  -3.907  0.25 15.07  ? 86  VAL B O   1 
ATOM   684  O O   B VAL A 1 80  ? -5.235  -2.197  -4.035  0.25 15.02  ? 86  VAL B O   1 
ATOM   685  C CB  A VAL A 1 80  ? -2.894  -3.805  -5.434  0.25 13.57  ? 86  VAL B CB  1 
ATOM   686  C CB  B VAL A 1 80  ? -2.731  -3.792  -5.402  0.25 15.15  ? 86  VAL B CB  1 
ATOM   687  C CG1 A VAL A 1 80  ? -1.469  -4.292  -5.605  0.25 13.51  ? 86  VAL B CG1 1 
ATOM   688  C CG1 B VAL A 1 80  ? -4.013  -4.594  -5.522  0.25 15.26  ? 86  VAL B CG1 1 
ATOM   689  C CG2 A VAL A 1 80  ? -3.762  -4.922  -4.886  0.25 13.63  ? 86  VAL B CG2 1 
ATOM   690  C CG2 B VAL A 1 80  ? -2.178  -3.481  -6.780  0.25 15.85  ? 86  VAL B CG2 1 
ATOM   691  N N   . CYS A 1 81  ? -4.422  -1.082  -5.833  1.00 14.17  ? 87  CYS B N   1 
ATOM   692  C CA  . CYS A 1 81  ? -5.709  -0.460  -6.166  1.00 15.23  ? 87  CYS B CA  1 
ATOM   693  C C   . CYS A 1 81  ? -5.818  -0.367  -7.688  1.00 15.19  ? 87  CYS B C   1 
ATOM   694  O O   . CYS A 1 81  ? -4.801  -0.471  -8.411  1.00 15.64  ? 87  CYS B O   1 
ATOM   695  C CB  . CYS A 1 81  ? -5.823  0.901   -5.493  1.00 17.08  ? 87  CYS B CB  1 
ATOM   696  S SG  . CYS A 1 81  ? -4.654  2.133   -6.135  1.00 18.47  ? 87  CYS B SG  1 
ATOM   697  N N   A ARG A 1 82  ? -7.038  -0.152  -8.161  0.25 14.81  ? 88  ARG B N   1 
ATOM   698  N N   B ARG A 1 82  ? -7.040  -0.161  -8.169  0.25 14.75  ? 88  ARG B N   1 
ATOM   699  C CA  A ARG A 1 82  ? -7.310  0.124   -9.590  0.25 16.08  ? 88  ARG B CA  1 
ATOM   700  C CA  B ARG A 1 82  ? -7.332  0.066   -9.608  0.25 15.96  ? 88  ARG B CA  1 
ATOM   701  C C   A ARG A 1 82  ? -6.620  1.428   -9.967  0.25 16.40  ? 88  ARG B C   1 
ATOM   702  C C   B ARG A 1 82  ? -6.724  1.417   -10.001 0.25 16.29  ? 88  ARG B C   1 
ATOM   703  O O   A ARG A 1 82  ? -6.536  2.337   -9.113  0.25 16.64  ? 88  ARG B O   1 
ATOM   704  O O   B ARG A 1 82  ? -6.802  2.358   -9.175  0.25 16.51  ? 88  ARG B O   1 
ATOM   705  C CB  A ARG A 1 82  ? -8.815  0.234   -9.832  0.25 15.92  ? 88  ARG B CB  1 
ATOM   706  C CB  B ARG A 1 82  ? -8.850  0.018   -9.831  0.25 15.68  ? 88  ARG B CB  1 
ATOM   707  C CG  A ARG A 1 82  ? -9.536  -1.087  -9.663  0.25 16.07  ? 88  ARG B CG  1 
ATOM   708  C CG  B ARG A 1 82  ? -9.259  -0.288  -11.263 0.25 15.89  ? 88  ARG B CG  1 
ATOM   709  C CD  A ARG A 1 82  ? -11.016 -0.867  -9.839  0.25 17.09  ? 88  ARG B CD  1 
ATOM   710  C CD  B ARG A 1 82  ? -10.762 -0.259  -11.425 0.25 16.11  ? 88  ARG B CD  1 
ATOM   711  N NE  A ARG A 1 82  ? -11.767 -2.059  -9.499  0.25 16.09  ? 88  ARG B NE  1 
ATOM   712  N NE  B ARG A 1 82  ? -11.423 -1.311  -10.676 0.25 16.62  ? 88  ARG B NE  1 
ATOM   713  C CZ  A ARG A 1 82  ? -13.001 -2.040  -9.035  0.25 16.29  ? 88  ARG B CZ  1 
ATOM   714  C CZ  B ARG A 1 82  ? -12.381 -1.104  -9.776  0.25 16.51  ? 88  ARG B CZ  1 
ATOM   715  N NH1 A ARG A 1 82  ? -13.603 -0.886  -8.814  0.25 16.21  ? 88  ARG B NH1 1 
ATOM   716  N NH1 B ARG A 1 82  ? -12.789 0.126   -9.522  0.25 17.88  ? 88  ARG B NH1 1 
ATOM   717  N NH2 A ARG A 1 82  ? -13.616 -3.175  -8.775  0.25 16.58  ? 88  ARG B NH2 1 
ATOM   718  N NH2 B ARG A 1 82  ? -12.920 -2.123  -9.135  0.25 16.40  ? 88  ARG B NH2 1 
ATOM   719  N N   . ASP A 1 83  ? -6.141  1.520   -11.205 1.00 16.80  ? 89  ASP B N   1 
ATOM   720  C CA  . ASP A 1 83  ? -5.556  2.793   -11.704 1.00 19.96  ? 89  ASP B CA  1 
ATOM   721  C C   . ASP A 1 83  ? -6.620  3.895   -11.683 1.00 21.09  ? 89  ASP B C   1 
ATOM   722  O O   . ASP A 1 83  ? -6.225  5.068   -11.553 1.00 24.20  ? 89  ASP B O   1 
ATOM   723  C CB  . ASP A 1 83  ? -4.973  2.611   -13.098 1.00 24.20  ? 89  ASP B CB  1 
ATOM   724  C CG  . ASP A 1 83  ? -5.998  2.250   -14.156 1.00 30.61  ? 89  ASP B CG  1 
ATOM   725  O OD1 . ASP A 1 83  ? -7.187  1.948   -13.798 1.00 35.35  ? 89  ASP B OD1 1 
ATOM   726  O OD2 . ASP A 1 83  ? -5.606  2.266   -15.349 1.00 34.10  ? 89  ASP B OD2 1 
ATOM   727  N N   . SER A 1 84  ? -7.913  3.565   -11.702 1.00 19.62  ? 90  SER B N   1 
ATOM   728  C CA  . SER A 1 84  ? -9.022  4.552   -11.826 1.00 22.16  ? 90  SER B CA  1 
ATOM   729  C C   . SER A 1 84  ? -9.663  4.906   -10.474 1.00 19.71  ? 90  SER B C   1 
ATOM   730  O O   . SER A 1 84  ? -10.735 5.512   -10.485 1.00 20.09  ? 90  SER B O   1 
ATOM   731  C CB  . SER A 1 84  ? -10.059 4.038   -12.801 1.00 23.50  ? 90  SER B CB  1 
ATOM   732  O OG  . SER A 1 84  ? -10.529 2.766   -12.407 1.00 24.59  ? 90  SER B OG  1 
ATOM   733  N N   . VAL A 1 85  ? -9.030  4.588   -9.339  1.00 18.05  ? 91  VAL B N   1 
ATOM   734  C CA  . VAL A 1 85  ? -9.581  4.944   -8.012  1.00 20.16  ? 91  VAL B CA  1 
ATOM   735  C C   . VAL A 1 85  ? -9.706  6.471   -7.926  1.00 18.81  ? 91  VAL B C   1 
ATOM   736  O O   . VAL A 1 85  ? -8.863  7.201   -8.497  1.00 18.61  ? 91  VAL B O   1 
ATOM   737  C CB  . VAL A 1 85  ? -8.814  4.373   -6.795  1.00 18.87  ? 91  VAL B CB  1 
ATOM   738  C CG1 . VAL A 1 85  ? -8.963  2.867   -6.742  1.00 19.28  ? 91  VAL B CG1 1 
ATOM   739  C CG2 . VAL A 1 85  ? -7.360  4.802   -6.694  1.00 18.70  ? 91  VAL B CG2 1 
ATOM   740  N N   . GLN A 1 86  ? -10.770 6.894   -7.248  1.00 20.44  ? 92  GLN B N   1 
ATOM   741  C CA  . GLN A 1 86  ? -11.027 8.324   -6.880  1.00 22.53  ? 92  GLN B CA  1 
ATOM   742  C C   . GLN A 1 86  ? -9.777  8.862   -6.169  1.00 20.79  ? 92  GLN B C   1 
ATOM   743  O O   . GLN A 1 86  ? -9.191  8.151   -5.329  1.00 21.12  ? 92  GLN B O   1 
ATOM   744  C CB  . GLN A 1 86  ? -12.315 8.379   -6.045  1.00 24.60  ? 92  GLN B CB  1 
ATOM   745  C CG  . GLN A 1 86  ? -12.538 9.632   -5.201  1.00 28.67  ? 92  GLN B CG  1 
ATOM   746  C CD  . GLN A 1 86  ? -13.698 9.440   -4.236  1.00 31.32  ? 92  GLN B CD  1 
ATOM   747  O OE1 . GLN A 1 86  ? -14.389 8.408   -4.247  1.00 33.49  ? 92  GLN B OE1 1 
ATOM   748  N NE2 . GLN A 1 86  ? -13.932 10.434  -3.375  1.00 33.54  ? 92  GLN B NE2 1 
ATOM   749  N N   . ARG A 1 87  ? -9.375  10.099  -6.487  1.00 20.54  ? 93  ARG B N   1 
ATOM   750  C CA  . ARG A 1 87  ? -8.205  10.785  -5.885  1.00 18.45  ? 93  ARG B CA  1 
ATOM   751  C C   . ARG A 1 87  ? -8.655  11.886  -4.924  1.00 20.10  ? 93  ARG B C   1 
ATOM   752  O O   . ARG A 1 87  ? -7.876  12.146  -4.021  1.00 18.48  ? 93  ARG B O   1 
ATOM   753  C CB  . ARG A 1 87  ? -7.270  11.370  -6.951  1.00 19.55  ? 93  ARG B CB  1 
ATOM   754  C CG  . ARG A 1 87  ? -6.827  10.374  -8.010  1.00 18.75  ? 93  ARG B CG  1 
ATOM   755  C CD  . ARG A 1 87  ? -6.141  9.135   -7.450  1.00 20.40  ? 93  ARG B CD  1 
ATOM   756  N NE  . ARG A 1 87  ? -5.988  8.151   -8.528  1.00 23.87  ? 93  ARG B NE  1 
ATOM   757  C CZ  . ARG A 1 87  ? -4.958  8.073   -9.360  1.00 22.35  ? 93  ARG B CZ  1 
ATOM   758  N NH1 . ARG A 1 87  ? -3.949  8.917   -9.275  1.00 24.79  ? 93  ARG B NH1 1 
ATOM   759  N NH2 . ARG A 1 87  ? -4.973  7.172   -10.320 1.00 25.05  ? 93  ARG B NH2 1 
ATOM   760  N N   . LYS A 1 88  ? -9.838  12.503  -5.108  1.00 19.71  ? 94  LYS B N   1 
ATOM   761  C CA  . LYS A 1 88  ? -10.210 13.744  -4.383  1.00 21.78  ? 94  LYS B CA  1 
ATOM   762  C C   . LYS A 1 88  ? -11.351 13.449  -3.422  1.00 23.92  ? 94  LYS B C   1 
ATOM   763  O O   . LYS A 1 88  ? -12.189 12.614  -3.758  1.00 25.12  ? 94  LYS B O   1 
ATOM   764  C CB  . LYS A 1 88  ? -10.615 14.856  -5.353  1.00 23.59  ? 94  LYS B CB  1 
ATOM   765  C CG  . LYS A 1 88  ? -9.660  15.093  -6.507  1.00 24.88  ? 94  LYS B CG  1 
ATOM   766  C CD  . LYS A 1 88  ? -8.237  15.382  -6.067  1.00 23.70  ? 94  LYS B CD  1 
ATOM   767  C CE  . LYS A 1 88  ? -7.390  15.852  -7.228  1.00 24.17  ? 94  LYS B CE  1 
ATOM   768  N NZ  . LYS A 1 88  ? -6.002  16.152  -6.807  1.00 24.57  ? 94  LYS B NZ  1 
ATOM   769  N N   . GLY A 1 89  ? -11.326 14.094  -2.265  1.00 21.48  ? 95  GLY B N   1 
ATOM   770  C CA  . GLY A 1 89  ? -12.404 13.959  -1.278  1.00 24.01  ? 95  GLY B CA  1 
ATOM   771  C C   . GLY A 1 89  ? -12.233 12.738  -0.428  1.00 24.21  ? 95  GLY B C   1 
ATOM   772  O O   . GLY A 1 89  ? -11.094 12.135  -0.449  1.00 23.68  ? 95  GLY B O   1 
ATOM   773  N N   . GLN A 1 90  ? -13.281 12.423  0.325   1.00 24.86  ? 96  GLN B N   1 
ATOM   774  C CA  . GLN A 1 90  ? -13.291 11.344  1.320   1.00 27.29  ? 96  GLN B CA  1 
ATOM   775  C C   . GLN A 1 90  ? -13.772 10.069  0.645   1.00 24.26  ? 96  GLN B C   1 
ATOM   776  O O   . GLN A 1 90  ? -14.596 10.135  -0.286  1.00 24.53  ? 96  GLN B O   1 
ATOM   777  C CB  . GLN A 1 90  ? -14.151 11.731  2.518   1.00 33.59  ? 96  GLN B CB  1 
ATOM   778  C CG  . GLN A 1 90  ? -13.519 12.831  3.347   1.00 39.10  ? 96  GLN B CG  1 
ATOM   779  C CD  . GLN A 1 90  ? -14.555 13.469  4.224   1.00 49.15  ? 96  GLN B CD  1 
ATOM   780  O OE1 . GLN A 1 90  ? -14.594 13.212  5.422   1.00 60.03  ? 96  GLN B OE1 1 
ATOM   781  N NE2 . GLN A 1 90  ? -15.426 14.258  3.610   1.00 54.46  ? 96  GLN B NE2 1 
ATOM   782  N N   . PHE A 1 91  ? -13.194 8.955   1.050   1.00 19.85  ? 97  PHE B N   1 
ATOM   783  C CA  . PHE A 1 91  ? -13.590 7.617   0.561   1.00 21.66  ? 97  PHE B CA  1 
ATOM   784  C C   . PHE A 1 91  ? -13.072 6.571   1.522   1.00 22.17  ? 97  PHE B C   1 
ATOM   785  O O   . PHE A 1 91  ? -12.135 6.826   2.310   1.00 22.65  ? 97  PHE B O   1 
ATOM   786  C CB  . PHE A 1 91  ? -13.087 7.389   -0.857  1.00 21.44  ? 97  PHE B CB  1 
ATOM   787  C CG  . PHE A 1 91  ? -11.596 7.501   -1.004  1.00 20.85  ? 97  PHE B CG  1 
ATOM   788  C CD1 . PHE A 1 91  ? -10.783 6.423   -0.705  1.00 23.20  ? 97  PHE B CD1 1 
ATOM   789  C CD2 . PHE A 1 91  ? -11.015 8.669   -1.468  1.00 20.80  ? 97  PHE B CD2 1 
ATOM   790  C CE1 . PHE A 1 91  ? -9.412  6.514   -0.886  1.00 21.47  ? 97  PHE B CE1 1 
ATOM   791  C CE2 . PHE A 1 91  ? -9.651  8.764   -1.641  1.00 21.90  ? 97  PHE B CE2 1 
ATOM   792  C CZ  . PHE A 1 91  ? -8.855  7.686   -1.354  1.00 22.70  ? 97  PHE B CZ  1 
ATOM   793  N N   A SER A 1 92  ? -13.680 5.387   1.485   0.25 23.20  ? 98  SER B N   1 
ATOM   794  N N   B SER A 1 92  ? -13.686 5.389   1.471   0.25 22.55  ? 98  SER B N   1 
ATOM   795  C CA  A SER A 1 92  ? -13.255 4.213   2.287   0.25 23.53  ? 98  SER B CA  1 
ATOM   796  C CA  B SER A 1 92  ? -13.282 4.195   2.254   0.25 22.51  ? 98  SER B CA  1 
ATOM   797  C C   A SER A 1 92  ? -12.412 3.282   1.412   0.25 22.34  ? 98  SER B C   1 
ATOM   798  C C   B SER A 1 92  ? -12.389 3.300   1.392   0.25 21.79  ? 98  SER B C   1 
ATOM   799  O O   A SER A 1 92  ? -12.658 3.237   0.184   0.25 21.30  ? 98  SER B O   1 
ATOM   800  O O   B SER A 1 92  ? -12.572 3.301   0.149   0.25 20.85  ? 98  SER B O   1 
ATOM   801  C CB  A SER A 1 92  ? -14.448 3.505   2.852   0.25 26.31  ? 98  SER B CB  1 
ATOM   802  C CB  B SER A 1 92  ? -14.489 3.450   2.753   0.25 24.41  ? 98  SER B CB  1 
ATOM   803  O OG  A SER A 1 92  ? -15.487 3.473   1.890   0.25 27.75  ? 98  SER B OG  1 
ATOM   804  O OG  B SER A 1 92  ? -15.224 4.257   3.660   0.25 24.33  ? 98  SER B OG  1 
ATOM   805  N N   . LEU A 1 93  ? -11.459 2.580   2.031   1.00 20.18  ? 99  LEU B N   1 
ATOM   806  C CA  . LEU A 1 93  ? -10.635 1.556   1.361   1.00 21.67  ? 99  LEU B CA  1 
ATOM   807  C C   . LEU A 1 93  ? -11.429 0.250   1.358   1.00 21.01  ? 99  LEU B C   1 
ATOM   808  O O   . LEU A 1 93  ? -11.560 -0.377  2.399   1.00 22.95  ? 99  LEU B O   1 
ATOM   809  C CB  . LEU A 1 93  ? -9.298  1.360   2.088   1.00 20.34  ? 99  LEU B CB  1 
ATOM   810  C CG  . LEU A 1 93  ? -8.380  2.573   2.128   1.00 22.35  ? 99  LEU B CG  1 
ATOM   811  C CD1 . LEU A 1 93  ? -7.108  2.236   2.920   1.00 24.08  ? 99  LEU B CD1 1 
ATOM   812  C CD2 . LEU A 1 93  ? -8.017  3.064   0.738   1.00 22.25  ? 99  LEU B CD2 1 
ATOM   813  N N   . SER A 1 94  ? -11.991 -0.145  0.223   1.00 18.53  ? 100 SER B N   1 
ATOM   814  C CA  . SER A 1 94  ? -12.813 -1.362  0.099   1.00 18.71  ? 100 SER B CA  1 
ATOM   815  C C   . SER A 1 94  ? -12.654 -1.860  -1.321  1.00 16.59  ? 100 SER B C   1 
ATOM   816  O O   . SER A 1 94  ? -12.393 -1.053  -2.220  1.00 16.70  ? 100 SER B O   1 
ATOM   817  C CB  . SER A 1 94  ? -14.277 -1.080  0.386   1.00 19.24  ? 100 SER B CB  1 
ATOM   818  O OG  . SER A 1 94  ? -14.800 -0.238  -0.661  1.00 22.45  ? 100 SER B OG  1 
ATOM   819  N N   . PRO A 1 95  ? -12.876 -3.153  -1.574  1.00 16.69  ? 101 PRO B N   1 
ATOM   820  C CA  . PRO A 1 95  ? -12.851 -3.657  -2.940  1.00 17.87  ? 101 PRO B CA  1 
ATOM   821  C C   . PRO A 1 95  ? -13.910 -2.986  -3.827  1.00 18.99  ? 101 PRO B C   1 
ATOM   822  O O   . PRO A 1 95  ? -13.633 -2.730  -5.006  1.00 16.97  ? 101 PRO B O   1 
ATOM   823  C CB  . PRO A 1 95  ? -13.085 -5.166  -2.742  1.00 18.78  ? 101 PRO B CB  1 
ATOM   824  C CG  . PRO A 1 95  ? -12.487 -5.427  -1.367  1.00 19.34  ? 101 PRO B CG  1 
ATOM   825  C CD  . PRO A 1 95  ? -12.959 -4.227  -0.576  1.00 18.49  ? 101 PRO B CD  1 
ATOM   826  N N   . GLU A 1 96  ? -15.052 -2.604  -3.249  1.00 20.17  ? 102 GLU B N   1 
ATOM   827  C CA  . GLU A 1 96  ? -16.093 -1.885  -4.048  1.00 24.57  ? 102 GLU B CA  1 
ATOM   828  C C   . GLU A 1 96  ? -15.534 -0.575  -4.609  1.00 24.21  ? 102 GLU B C   1 
ATOM   829  O O   . GLU A 1 96  ? -15.948 -0.173  -5.737  1.00 23.19  ? 102 GLU B O   1 
ATOM   830  C CB  . GLU A 1 96  ? -17.346 -1.596  -3.219  1.00 30.10  ? 102 GLU B CB  1 
ATOM   831  C CG  . GLU A 1 96  ? -17.894 -2.852  -2.566  1.00 40.12  ? 102 GLU B CG  1 
ATOM   832  C CD  . GLU A 1 96  ? -17.504 -3.065  -1.103  1.00 47.14  ? 102 GLU B CD  1 
ATOM   833  O OE1 . GLU A 1 96  ? -16.428 -3.717  -0.826  1.00 32.90  ? 102 GLU B OE1 1 
ATOM   834  O OE2 . GLU A 1 96  ? -18.295 -2.583  -0.227  1.00 52.44  ? 102 GLU B OE2 1 
ATOM   835  N N   . ASN A 1 97  ? -14.646 0.099   -3.865  1.00 21.20  ? 103 ASN B N   1 
ATOM   836  C CA  . ASN A 1 97  ? -14.019 1.366   -4.308  1.00 18.48  ? 103 ASN B CA  1 
ATOM   837  C C   . ASN A 1 97  ? -12.722 1.118   -5.088  1.00 18.07  ? 103 ASN B C   1 
ATOM   838  O O   . ASN A 1 97  ? -12.126 2.102   -5.506  1.00 20.09  ? 103 ASN B O   1 
ATOM   839  C CB  . ASN A 1 97  ? -13.781 2.329   -3.127  1.00 18.88  ? 103 ASN B CB  1 
ATOM   840  C CG  . ASN A 1 97  ? -15.066 2.899   -2.564  1.00 24.26  ? 103 ASN B CG  1 
ATOM   841  O OD1 . ASN A 1 97  ? -16.105 2.899   -3.245  1.00 24.61  ? 103 ASN B OD1 1 
ATOM   842  N ND2 . ASN A 1 97  ? -15.019 3.384   -1.330  1.00 25.32  ? 103 ASN B ND2 1 
ATOM   843  N N   . GLY A 1 98  ? -12.328 -0.131  -5.363  1.00 16.67  ? 104 GLY B N   1 
ATOM   844  C CA  . GLY A 1 98  ? -11.112 -0.412  -6.138  1.00 17.04  ? 104 GLY B CA  1 
ATOM   845  C C   . GLY A 1 98  ? -9.852  -0.576  -5.309  1.00 16.49  ? 104 GLY B C   1 
ATOM   846  O O   . GLY A 1 98  ? -8.784  -0.460  -5.876  1.00 15.73  ? 104 GLY B O   1 
ATOM   847  N N   . PHE A 1 99  ? -9.938  -0.915  -4.009  1.00 16.70  ? 105 PHE B N   1 
ATOM   848  C CA  . PHE A 1 99  ? -8.731  -1.131  -3.164  1.00 14.81  ? 105 PHE B CA  1 
ATOM   849  C C   . PHE A 1 99  ? -8.728  -2.521  -2.511  1.00 15.32  ? 105 PHE B C   1 
ATOM   850  O O   . PHE A 1 99  ? -9.743  -2.950  -1.980  1.00 15.79  ? 105 PHE B O   1 
ATOM   851  C CB  . PHE A 1 99  ? -8.671  -0.109  -2.018  1.00 15.77  ? 105 PHE B CB  1 
ATOM   852  C CG  . PHE A 1 99  ? -8.646  1.341   -2.448  1.00 15.31  ? 105 PHE B CG  1 
ATOM   853  C CD1 . PHE A 1 99  ? -9.837  2.013   -2.696  1.00 15.35  ? 105 PHE B CD1 1 
ATOM   854  C CD2 . PHE A 1 99  ? -7.454  2.021   -2.609  1.00 16.79  ? 105 PHE B CD2 1 
ATOM   855  C CE1 . PHE A 1 99  ? -9.828  3.326   -3.101  1.00 16.80  ? 105 PHE B CE1 1 
ATOM   856  C CE2 . PHE A 1 99  ? -7.446  3.358   -2.977  1.00 16.15  ? 105 PHE B CE2 1 
ATOM   857  C CZ  . PHE A 1 99  ? -8.637  4.004   -3.207  1.00 15.67  ? 105 PHE B CZ  1 
ATOM   858  N N   . TRP A 1 100 ? -7.549  -3.138  -2.454  1.00 14.21  ? 106 TRP B N   1 
ATOM   859  C CA  . TRP A 1 100 ? -7.275  -4.435  -1.795  1.00 14.37  ? 106 TRP B CA  1 
ATOM   860  C C   . TRP A 1 100 ? -6.087  -4.208  -0.866  1.00 13.47  ? 106 TRP B C   1 
ATOM   861  O O   . TRP A 1 100 ? -4.911  -4.181  -1.333  1.00 12.90  ? 106 TRP B O   1 
ATOM   862  C CB  . TRP A 1 100 ? -7.055  -5.564  -2.815  1.00 15.76  ? 106 TRP B CB  1 
ATOM   863  C CG  . TRP A 1 100 ? -8.270  -5.798  -3.659  1.00 17.86  ? 106 TRP B CG  1 
ATOM   864  C CD1 . TRP A 1 100 ? -9.299  -6.682  -3.426  1.00 17.19  ? 106 TRP B CD1 1 
ATOM   865  C CD2 . TRP A 1 100 ? -8.619  -5.079  -4.861  1.00 16.89  ? 106 TRP B CD2 1 
ATOM   866  N NE1 . TRP A 1 100 ? -10.258 -6.554  -4.415  1.00 16.97  ? 106 TRP B NE1 1 
ATOM   867  C CE2 . TRP A 1 100 ? -9.866  -5.582  -5.298  1.00 17.59  ? 106 TRP B CE2 1 
ATOM   868  C CE3 . TRP A 1 100 ? -7.991  -4.072  -5.603  1.00 16.58  ? 106 TRP B CE3 1 
ATOM   869  C CZ2 . TRP A 1 100 ? -10.510 -5.080  -6.443  1.00 18.75  ? 106 TRP B CZ2 1 
ATOM   870  C CZ3 . TRP A 1 100 ? -8.607  -3.625  -6.754  1.00 19.29  ? 106 TRP B CZ3 1 
ATOM   871  C CH2 . TRP A 1 100 ? -9.853  -4.108  -7.145  1.00 18.00  ? 106 TRP B CH2 1 
ATOM   872  N N   . THR A 1 101 ? -6.401  -3.935  0.407   1.00 14.50  ? 107 THR B N   1 
ATOM   873  C CA  . THR A 1 101 ? -5.438  -3.325  1.363   1.00 13.95  ? 107 THR B CA  1 
ATOM   874  C C   . THR A 1 101 ? -5.550  -3.979  2.742   1.00 14.78  ? 107 THR B C   1 
ATOM   875  O O   . THR A 1 101 ? -6.651  -4.469  3.085   1.00 14.72  ? 107 THR B O   1 
ATOM   876  C CB  . THR A 1 101 ? -5.627  -1.805  1.525   1.00 14.52  ? 107 THR B CB  1 
ATOM   877  O OG1 . THR A 1 101 ? -6.921  -1.521  2.058   1.00 15.39  ? 107 THR B OG1 1 
ATOM   878  C CG2 . THR A 1 101 ? -5.412  -1.119  0.196   1.00 14.54  ? 107 THR B CG2 1 
ATOM   879  N N   . ILE A 1 102 ? -4.468  -3.843  3.519   1.00 14.43  ? 108 ILE B N   1 
ATOM   880  C CA  . ILE A 1 102 ? -4.492  -4.033  4.990   1.00 14.41  ? 108 ILE B CA  1 
ATOM   881  C C   . ILE A 1 102 ? -3.940  -2.752  5.606   1.00 15.90  ? 108 ILE B C   1 
ATOM   882  O O   . ILE A 1 102 ? -3.288  -1.921  4.901   1.00 14.39  ? 108 ILE B O   1 
ATOM   883  C CB  . ILE A 1 102 ? -3.716  -5.277  5.443   1.00 15.00  ? 108 ILE B CB  1 
ATOM   884  C CG1 . ILE A 1 102 ? -2.215  -5.122  5.207   1.00 15.78  ? 108 ILE B CG1 1 
ATOM   885  C CG2 . ILE A 1 102 ? -4.265  -6.534  4.773   1.00 15.51  ? 108 ILE B CG2 1 
ATOM   886  C CD1 . ILE A 1 102 ? -1.400  -6.229  5.863   1.00 16.09  ? 108 ILE B CD1 1 
ATOM   887  N N   . TRP A 1 103 ? -4.154  -2.631  6.895   1.00 15.14  ? 109 TRP B N   1 
ATOM   888  C CA  . TRP A 1 103 ? -3.636  -1.464  7.646   1.00 15.68  ? 109 TRP B CA  1 
ATOM   889  C C   . TRP A 1 103 ? -3.357  -1.763  9.097   1.00 16.02  ? 109 TRP B C   1 
ATOM   890  O O   . TRP A 1 103 ? -3.890  -2.727  9.666   1.00 15.50  ? 109 TRP B O   1 
ATOM   891  C CB  . TRP A 1 103 ? -4.564  -0.299  7.508   1.00 17.65  ? 109 TRP B CB  1 
ATOM   892  C CG  . TRP A 1 103 ? -5.919  -0.440  8.110   1.00 19.59  ? 109 TRP B CG  1 
ATOM   893  C CD1 . TRP A 1 103 ? -6.269  -0.375  9.433   1.00 20.98  ? 109 TRP B CD1 1 
ATOM   894  C CD2 . TRP A 1 103 ? -7.130  -0.456  7.366   1.00 21.92  ? 109 TRP B CD2 1 
ATOM   895  N NE1 . TRP A 1 103 ? -7.623  -0.376  9.560   1.00 24.38  ? 109 TRP B NE1 1 
ATOM   896  C CE2 . TRP A 1 103 ? -8.179  -0.424  8.311   1.00 22.51  ? 109 TRP B CE2 1 
ATOM   897  C CE3 . TRP A 1 103 ? -7.410  -0.516  5.999   1.00 22.74  ? 109 TRP B CE3 1 
ATOM   898  C CZ2 . TRP A 1 103 ? -9.507  -0.483  7.918   1.00 26.39  ? 109 TRP B CZ2 1 
ATOM   899  C CZ3 . TRP A 1 103 ? -8.724  -0.506  5.613   1.00 24.60  ? 109 TRP B CZ3 1 
ATOM   900  C CH2 . TRP A 1 103 ? -9.749  -0.499  6.558   1.00 23.29  ? 109 TRP B CH2 1 
ATOM   901  N N   . LEU A 1 104 ? -2.568  -0.843  9.684   1.00 16.63  ? 110 LEU B N   1 
ATOM   902  C CA  . LEU A 1 104 ? -2.359  -0.731  11.131  1.00 16.43  ? 110 LEU B CA  1 
ATOM   903  C C   . LEU A 1 104 ? -2.969  0.603   11.575  1.00 17.28  ? 110 LEU B C   1 
ATOM   904  O O   . LEU A 1 104 ? -2.717  1.631   10.929  1.00 15.52  ? 110 LEU B O   1 
ATOM   905  C CB  . LEU A 1 104 ? -0.856  -0.789  11.437  1.00 16.01  ? 110 LEU B CB  1 
ATOM   906  C CG  . LEU A 1 104 ? -0.442  -0.389  12.864  1.00 16.27  ? 110 LEU B CG  1 
ATOM   907  C CD1 . LEU A 1 104 ? -1.020  -1.358  13.894  1.00 17.75  ? 110 LEU B CD1 1 
ATOM   908  C CD2 . LEU A 1 104 ? 1.062   -0.298  13.008  1.00 18.28  ? 110 LEU B CD2 1 
ATOM   909  N N   . TRP A 1 105 ? -3.744  0.566   12.664  1.00 17.83  ? 111 TRP B N   1 
ATOM   910  C CA  . TRP A 1 105 ? -4.396  1.757   13.248  1.00 19.46  ? 111 TRP B CA  1 
ATOM   911  C C   . TRP A 1 105 ? -4.656  1.483   14.728  1.00 20.65  ? 111 TRP B C   1 
ATOM   912  O O   . TRP A 1 105 ? -5.270  0.447   15.032  1.00 20.53  ? 111 TRP B O   1 
ATOM   913  C CB  . TRP A 1 105 ? -5.684  2.041   12.457  1.00 24.00  ? 111 TRP B CB  1 
ATOM   914  C CG  . TRP A 1 105 ? -6.560  3.071   13.064  1.00 27.57  ? 111 TRP B CG  1 
ATOM   915  C CD1 . TRP A 1 105 ? -7.747  2.915   13.731  1.00 28.09  ? 111 TRP B CD1 1 
ATOM   916  C CD2 . TRP A 1 105 ? -6.272  4.464   13.065  1.00 29.19  ? 111 TRP B CD2 1 
ATOM   917  N NE1 . TRP A 1 105 ? -8.209  4.129   14.142  1.00 28.92  ? 111 TRP B NE1 1 
ATOM   918  C CE2 . TRP A 1 105 ? -7.338  5.098   13.730  1.00 28.01  ? 111 TRP B CE2 1 
ATOM   919  C CE3 . TRP A 1 105 ? -5.219  5.211   12.560  1.00 28.57  ? 111 TRP B CE3 1 
ATOM   920  C CZ2 . TRP A 1 105 ? -7.374  6.472   13.904  1.00 32.51  ? 111 TRP B CZ2 1 
ATOM   921  C CZ3 . TRP A 1 105 ? -5.246  6.573   12.746  1.00 33.21  ? 111 TRP B CZ3 1 
ATOM   922  C CH2 . TRP A 1 105 ? -6.304  7.187   13.418  1.00 34.87  ? 111 TRP B CH2 1 
ATOM   923  N N   . GLN A 1 106 ? -4.136  2.342   15.614  1.00 20.36  ? 112 GLN B N   1 
ATOM   924  C CA  . GLN A 1 106 ? -4.407  2.235   17.067  1.00 20.09  ? 112 GLN B CA  1 
ATOM   925  C C   . GLN A 1 106 ? -4.188  0.813   17.546  1.00 22.34  ? 112 GLN B C   1 
ATOM   926  O O   . GLN A 1 106 ? -5.109  0.223   18.189  1.00 24.11  ? 112 GLN B O   1 
ATOM   927  C CB  . GLN A 1 106 ? -5.840  2.704   17.344  1.00 23.27  ? 112 GLN B CB  1 
ATOM   928  C CG  . GLN A 1 106 ? -6.057  4.153   16.914  1.00 23.54  ? 112 GLN B CG  1 
ATOM   929  C CD  . GLN A 1 106 ? -7.291  4.822   17.477  1.00 26.71  ? 112 GLN B CD  1 
ATOM   930  O OE1 . GLN A 1 106 ? -7.417  6.057   17.449  1.00 30.15  ? 112 GLN B OE1 1 
ATOM   931  N NE2 . GLN A 1 106 ? -8.208  4.019   17.961  1.00 23.85  ? 112 GLN B NE2 1 
ATOM   932  N N   . ASP A 1 107 ? -3.002  0.291   17.282  1.00 22.01  ? 113 ASP B N   1 
ATOM   933  C CA  . ASP A 1 107 ? -2.519  -0.973  17.853  1.00 28.83  ? 113 ASP B CA  1 
ATOM   934  C C   . ASP A 1 107 ? -3.332  -2.168  17.337  1.00 27.79  ? 113 ASP B C   1 
ATOM   935  O O   . ASP A 1 107 ? -3.156  -3.252  17.908  1.00 32.35  ? 113 ASP B O   1 
ATOM   936  C CB  . ASP A 1 107 ? -2.630  -0.927  19.378  1.00 33.02  ? 113 ASP B CB  1 
ATOM   937  C CG  . ASP A 1 107 ? -1.496  -1.595  20.120  1.00 43.85  ? 113 ASP B CG  1 
ATOM   938  O OD1 . ASP A 1 107 ? -0.486  -1.974  19.472  1.00 47.76  ? 113 ASP B OD1 1 
ATOM   939  O OD2 . ASP A 1 107 ? -1.632  -1.720  21.363  1.00 60.72  ? 113 ASP B OD2 1 
ATOM   940  N N   . SER A 1 108 ? -4.142  -2.030  16.294  1.00 23.30  ? 114 SER B N   1 
ATOM   941  C CA  . SER A 1 108 ? -4.768  -3.224  15.669  1.00 24.01  ? 114 SER B CA  1 
ATOM   942  C C   . SER A 1 108 ? -4.536  -3.270  14.155  1.00 21.94  ? 114 SER B C   1 
ATOM   943  O O   . SER A 1 108 ? -4.439  -2.217  13.490  1.00 19.85  ? 114 SER B O   1 
ATOM   944  C CB  . SER A 1 108 ? -6.204  -3.344  16.084  1.00 28.76  ? 114 SER B CB  1 
ATOM   945  O OG  . SER A 1 108 ? -6.997  -2.406  15.413  1.00 36.55  ? 114 SER B OG  1 
ATOM   946  N N   . TYR A 1 109 ? -4.417  -4.480  13.625  1.00 18.93  ? 115 TYR B N   1 
ATOM   947  C CA  . TYR A 1 109 ? -4.259  -4.724  12.168  1.00 18.89  ? 115 TYR B CA  1 
ATOM   948  C C   . TYR A 1 109 ? -5.609  -5.160  11.616  1.00 18.24  ? 115 TYR B C   1 
ATOM   949  O O   . TYR A 1 109 ? -6.274  -5.999  12.228  1.00 17.65  ? 115 TYR B O   1 
ATOM   950  C CB  . TYR A 1 109 ? -3.180  -5.769  11.929  1.00 18.89  ? 115 TYR B CB  1 
ATOM   951  C CG  . TYR A 1 109 ? -1.810  -5.359  12.414  1.00 20.58  ? 115 TYR B CG  1 
ATOM   952  C CD1 . TYR A 1 109 ? -1.373  -5.714  13.680  1.00 20.70  ? 115 TYR B CD1 1 
ATOM   953  C CD2 . TYR A 1 109 ? -0.913  -4.688  11.595  1.00 18.61  ? 115 TYR B CD2 1 
ATOM   954  C CE1 . TYR A 1 109 ? -0.099  -5.406  14.137  1.00 21.56  ? 115 TYR B CE1 1 
ATOM   955  C CE2 . TYR A 1 109 ? 0.365   -4.367  12.043  1.00 19.77  ? 115 TYR B CE2 1 
ATOM   956  C CZ  . TYR A 1 109 ? 0.769   -4.701  13.323  1.00 20.53  ? 115 TYR B CZ  1 
ATOM   957  O OH  . TYR A 1 109 ? 2.012   -4.374  13.794  1.00 20.62  ? 115 TYR B OH  1 
ATOM   958  N N   A GLU A 1 110 ? -6.018  -4.605  10.470  0.25 18.52  ? 116 GLU B N   1 
ATOM   959  N N   B GLU A 1 110 ? -6.014  -4.579  10.480  0.25 18.20  ? 116 GLU B N   1 
ATOM   960  C CA  A GLU A 1 110 ? -7.326  -4.939  9.845   0.25 19.28  ? 116 GLU B CA  1 
ATOM   961  C CA  B GLU A 1 110 ? -7.321  -4.847  9.821   0.25 18.67  ? 116 GLU B CA  1 
ATOM   962  C C   A GLU A 1 110 ? -7.190  -4.991  8.323   0.25 17.59  ? 116 GLU B C   1 
ATOM   963  C C   B GLU A 1 110 ? -7.086  -5.088  8.328   0.25 17.24  ? 116 GLU B C   1 
ATOM   964  O O   A GLU A 1 110 ? -6.397  -4.221  7.759   0.25 17.46  ? 116 GLU B O   1 
ATOM   965  O O   B GLU A 1 110 ? -6.080  -4.581  7.802   0.25 16.65  ? 116 GLU B O   1 
ATOM   966  C CB  A GLU A 1 110 ? -8.412  -3.948  10.262  0.25 20.99  ? 116 GLU B CB  1 
ATOM   967  C CB  B GLU A 1 110 ? -8.296  -3.689  10.041  0.25 20.09  ? 116 GLU B CB  1 
ATOM   968  C CG  A GLU A 1 110 ? -8.583  -3.846  11.772  0.25 22.98  ? 116 GLU B CG  1 
ATOM   969  C CG  B GLU A 1 110 ? -8.539  -3.354  11.509  0.25 21.71  ? 116 GLU B CG  1 
ATOM   970  C CD  A GLU A 1 110 ? -9.631  -2.841  12.204  0.25 25.21  ? 116 GLU B CD  1 
ATOM   971  C CD  B GLU A 1 110 ? -9.535  -4.262  12.213  0.25 22.39  ? 116 GLU B CD  1 
ATOM   972  O OE1 A GLU A 1 110 ? -9.678  -1.751  11.593  0.25 27.23  ? 116 GLU B OE1 1 
ATOM   973  O OE1 B GLU A 1 110 ? -10.446 -4.785  11.542  0.25 24.16  ? 116 GLU B OE1 1 
ATOM   974  O OE2 A GLU A 1 110 ? -10.421 -3.166  13.117  0.25 25.43  ? 116 GLU B OE2 1 
ATOM   975  O OE2 B GLU A 1 110 ? -9.408  -4.422  13.437  0.25 26.55  ? 116 GLU B OE2 1 
ATOM   976  N N   . ALA A 1 111 ? -7.947  -5.893  7.692   1.00 17.48  ? 117 ALA B N   1 
ATOM   977  C CA  . ALA A 1 111 ? -8.066  -5.943  6.221   1.00 15.63  ? 117 ALA B CA  1 
ATOM   978  C C   . ALA A 1 111 ? -9.210  -5.012  5.802   1.00 15.50  ? 117 ALA B C   1 
ATOM   979  O O   . ALA A 1 111 ? -10.297 -5.005  6.446   1.00 15.96  ? 117 ALA B O   1 
ATOM   980  C CB  . ALA A 1 111 ? -8.294  -7.346  5.707   1.00 16.56  ? 117 ALA B CB  1 
ATOM   981  N N   . GLY A 1 112 ? -8.957  -4.256  4.740   1.00 17.66  ? 118 GLY B N   1 
ATOM   982  C CA  . GLY A 1 112 ? -9.867  -3.280  4.103   1.00 17.82  ? 118 GLY B CA  1 
ATOM   983  C C   . GLY A 1 112 ? -11.019 -3.929  3.347   1.00 19.64  ? 118 GLY B C   1 
ATOM   984  O O   . GLY A 1 112 ? -11.214 -3.660  2.171   1.00 19.86  ? 118 GLY B O   1 
ATOM   985  N N   . THR A 1 113 ? -11.752 -4.810  3.990   1.00 22.08  ? 119 THR B N   1 
ATOM   986  C CA  . THR A 1 113 ? -13.075 -5.261  3.530   1.00 22.90  ? 119 THR B CA  1 
ATOM   987  C C   . THR A 1 113 ? -14.109 -4.245  4.017   1.00 22.48  ? 119 THR B C   1 
ATOM   988  O O   . THR A 1 113 ? -13.760 -3.354  4.822   1.00 25.46  ? 119 THR B O   1 
ATOM   989  C CB  . THR A 1 113 ? -13.334 -6.680  4.035   1.00 20.58  ? 119 THR B CB  1 
ATOM   990  O OG1 . THR A 1 113 ? -13.140 -6.697  5.453   1.00 19.43  ? 119 THR B OG1 1 
ATOM   991  C CG2 . THR A 1 113 ? -12.445 -7.726  3.414   1.00 22.78  ? 119 THR B CG2 1 
ATOM   992  N N   . SER A 1 114 ? -15.354 -4.397  3.581   1.00 25.17  ? 120 SER B N   1 
ATOM   993  C CA  . SER A 1 114 ? -16.469 -3.527  4.001   1.00 28.80  ? 120 SER B CA  1 
ATOM   994  C C   . SER A 1 114 ? -17.567 -4.405  4.596   1.00 30.17  ? 120 SER B C   1 
ATOM   995  O O   . SER A 1 114 ? -18.242 -5.122  3.876   1.00 31.84  ? 120 SER B O   1 
ATOM   996  C CB  . SER A 1 114 ? -16.998 -2.714  2.850   1.00 35.86  ? 120 SER B CB  1 
ATOM   997  O OG  . SER A 1 114 ? -18.006 -1.849  3.341   1.00 38.80  ? 120 SER B OG  1 
ATOM   998  N N   . PRO A 1 115 ? -17.720 -4.457  5.925   1.00 27.57  ? 121 PRO B N   1 
ATOM   999  C CA  . PRO A 1 115 ? -16.885 -3.701  6.852   1.00 27.98  ? 121 PRO B CA  1 
ATOM   1000 C C   . PRO A 1 115 ? -15.534 -4.401  7.054   1.00 23.84  ? 121 PRO B C   1 
ATOM   1001 O O   . PRO A 1 115 ? -15.350 -5.547  6.606   1.00 21.21  ? 121 PRO B O   1 
ATOM   1002 C CB  . PRO A 1 115 ? -17.712 -3.748  8.130   1.00 31.14  ? 121 PRO B CB  1 
ATOM   1003 C CG  . PRO A 1 115 ? -18.328 -5.140  8.080   1.00 30.96  ? 121 PRO B CG  1 
ATOM   1004 C CD  . PRO A 1 115 ? -18.688 -5.334  6.619   1.00 30.52  ? 121 PRO B CD  1 
ATOM   1005 N N   . GLN A 1 116 ? -14.655 -3.748  7.781   1.00 22.94  ? 122 GLN B N   1 
ATOM   1006 C CA  . GLN A 1 116 ? -13.250 -4.201  7.906   1.00 23.53  ? 122 GLN B CA  1 
ATOM   1007 C C   . GLN A 1 116 ? -13.176 -5.511  8.714   1.00 20.31  ? 122 GLN B C   1 
ATOM   1008 O O   . GLN A 1 116 ? -14.025 -5.756  9.562   1.00 21.75  ? 122 GLN B O   1 
ATOM   1009 C CB  . GLN A 1 116 ? -12.336 -3.095  8.439   1.00 30.01  ? 122 GLN B CB  1 
ATOM   1010 C CG  . GLN A 1 116 ? -12.353 -2.918  9.939   1.00 36.33  ? 122 GLN B CG  1 
ATOM   1011 C CD  . GLN A 1 116 ? -13.142 -1.706  10.352  1.00 47.33  ? 122 GLN B CD  1 
ATOM   1012 O OE1 . GLN A 1 116 ? -14.178 -1.379  9.759   1.00 52.80  ? 122 GLN B OE1 1 
ATOM   1013 N NE2 . GLN A 1 116 ? -12.673 -1.074  11.414  1.00 52.34  ? 122 GLN B NE2 1 
ATOM   1014 N N   . THR A 1 117 ? -12.144 -6.298  8.453   1.00 18.27  ? 123 THR B N   1 
ATOM   1015 C CA  . THR A 1 117 ? -11.906 -7.613  9.077   1.00 17.64  ? 123 THR B CA  1 
ATOM   1016 C C   . THR A 1 117 ? -10.709 -7.544  10.030  1.00 16.73  ? 123 THR B C   1 
ATOM   1017 O O   . THR A 1 117 ? -9.566  -7.226  9.588   1.00 16.25  ? 123 THR B O   1 
ATOM   1018 C CB  . THR A 1 117 ? -11.733 -8.665  7.977   1.00 18.28  ? 123 THR B CB  1 
ATOM   1019 O OG1 . THR A 1 117 ? -12.920 -8.632  7.184   1.00 19.89  ? 123 THR B OG1 1 
ATOM   1020 C CG2 . THR A 1 117 ? -11.446 -10.034 8.526   1.00 18.97  ? 123 THR B CG2 1 
ATOM   1021 N N   . THR A 1 118 ? -10.910 -7.977  11.265  1.00 17.71  ? 124 THR B N   1 
ATOM   1022 C CA  . THR A 1 118 ? -9.825  -8.165  12.259  1.00 19.19  ? 124 THR B CA  1 
ATOM   1023 C C   . THR A 1 118 ? -8.780  -9.173  11.805  1.00 18.98  ? 124 THR B C   1 
ATOM   1024 O O   . THR A 1 118 ? -9.153  -10.301 11.358  1.00 20.61  ? 124 THR B O   1 
ATOM   1025 C CB  . THR A 1 118 ? -10.436 -8.613  13.596  1.00 22.15  ? 124 THR B CB  1 
ATOM   1026 O OG1 . THR A 1 118 ? -11.317 -7.576  14.016  1.00 25.08  ? 124 THR B OG1 1 
ATOM   1027 C CG2 . THR A 1 118 ? -9.383  -8.919  14.632  1.00 25.30  ? 124 THR B CG2 1 
ATOM   1028 N N   . LEU A 1 119 ? -7.506  -8.793  11.830  1.00 17.66  ? 125 LEU B N   1 
ATOM   1029 C CA  . LEU A 1 119 ? -6.375  -9.700  11.541  1.00 17.54  ? 125 LEU B CA  1 
ATOM   1030 C C   . LEU A 1 119 ? -5.806  -10.220 12.860  1.00 20.45  ? 125 LEU B C   1 
ATOM   1031 O O   . LEU A 1 119 ? -5.927  -9.525  13.890  1.00 23.61  ? 125 LEU B O   1 
ATOM   1032 C CB  . LEU A 1 119 ? -5.286  -8.998  10.736  1.00 17.53  ? 125 LEU B CB  1 
ATOM   1033 C CG  . LEU A 1 119 ? -5.784  -8.434  9.402   1.00 17.50  ? 125 LEU B CG  1 
ATOM   1034 C CD1 . LEU A 1 119 ? -4.723  -7.582  8.767   1.00 18.34  ? 125 LEU B CD1 1 
ATOM   1035 C CD2 . LEU A 1 119 ? -6.230  -9.549  8.449   1.00 19.08  ? 125 LEU B CD2 1 
ATOM   1036 N N   . HIS A 1 120 ? -5.170  -11.377 12.810  1.00 20.64  ? 126 HIS B N   1 
ATOM   1037 C CA  . HIS A 1 120 ? -4.618  -12.067 14.007  1.00 21.77  ? 126 HIS B CA  1 
ATOM   1038 C C   . HIS A 1 120 ? -3.120  -12.196 13.780  1.00 22.95  ? 126 HIS B C   1 
ATOM   1039 O O   . HIS A 1 120 ? -2.713  -13.119 13.103  1.00 30.02  ? 126 HIS B O   1 
ATOM   1040 C CB  . HIS A 1 120 ? -5.283  -13.437 14.189  1.00 23.85  ? 126 HIS B CB  1 
ATOM   1041 C CG  . HIS A 1 120 ? -6.776  -13.358 14.371  1.00 27.13  ? 126 HIS B CG  1 
ATOM   1042 N ND1 . HIS A 1 120 ? -7.682  -13.552 13.310  1.00 32.17  ? 126 HIS B ND1 1 
ATOM   1043 C CD2 . HIS A 1 120 ? -7.527  -13.083 15.462  1.00 31.47  ? 126 HIS B CD2 1 
ATOM   1044 C CE1 . HIS A 1 120 ? -8.918  -13.360 13.759  1.00 34.51  ? 126 HIS B CE1 1 
ATOM   1045 N NE2 . HIS A 1 120 ? -8.850  -13.103 15.078  1.00 31.87  ? 126 HIS B NE2 1 
ATOM   1046 N N   . ILE A 1 121 ? -2.344  -11.251 14.245  1.00 23.48  ? 127 ILE B N   1 
ATOM   1047 C CA  . ILE A 1 121 ? -0.871  -11.269 14.040  1.00 26.87  ? 127 ILE B CA  1 
ATOM   1048 C C   . ILE A 1 121 ? -0.187  -11.398 15.422  1.00 29.77  ? 127 ILE B C   1 
ATOM   1049 O O   . ILE A 1 121 ? -0.326  -10.525 16.244  1.00 32.33  ? 127 ILE B O   1 
ATOM   1050 C CB  . ILE A 1 121 ? -0.416  -10.033 13.237  1.00 28.96  ? 127 ILE B CB  1 
ATOM   1051 C CG1 . ILE A 1 121 ? -1.259  -9.800  11.978  1.00 26.86  ? 127 ILE B CG1 1 
ATOM   1052 C CG2 . ILE A 1 121 ? 1.048   -10.199 12.870  1.00 30.59  ? 127 ILE B CG2 1 
ATOM   1053 C CD1 . ILE A 1 121 ? -0.780  -8.635  11.121  1.00 27.78  ? 127 ILE B CD1 1 
ATOM   1054 N N   . GLN A 1 122 ? 0.557   -12.467 15.646  1.00 34.17  ? 128 GLN B N   1 
ATOM   1055 C CA  . GLN A 1 122 ? 1.234   -12.717 16.948  1.00 37.57  ? 128 GLN B CA  1 
ATOM   1056 C C   . GLN A 1 122 ? 2.524   -11.892 17.014  1.00 32.37  ? 128 GLN B C   1 
ATOM   1057 O O   . GLN A 1 122 ? 2.867   -11.416 18.106  1.00 30.61  ? 128 GLN B O   1 
ATOM   1058 C CB  . GLN A 1 122 ? 1.452   -14.227 17.093  1.00 45.94  ? 128 GLN B CB  1 
ATOM   1059 C CG  . GLN A 1 122 ? 2.161   -14.638 18.383  1.00 60.23  ? 128 GLN B CG  1 
ATOM   1060 C CD  . GLN A 1 122 ? 1.426   -14.270 19.658  1.00 69.98  ? 128 GLN B CD  1 
ATOM   1061 O OE1 . GLN A 1 122 ? 0.211   -14.074 19.682  1.00 79.33  ? 128 GLN B OE1 1 
ATOM   1062 N NE2 . GLN A 1 122 ? 2.166   -14.184 20.753  1.00 74.42  ? 128 GLN B NE2 1 
ATOM   1063 N N   . VAL A 1 123 ? 3.184   -11.680 15.876  1.00 28.56  ? 129 VAL B N   1 
ATOM   1064 C CA  . VAL A 1 123 ? 4.523   -11.020 15.772  1.00 26.85  ? 129 VAL B CA  1 
ATOM   1065 C C   . VAL A 1 123 ? 4.362   -9.748  14.935  1.00 26.91  ? 129 VAL B C   1 
ATOM   1066 O O   . VAL A 1 123 ? 4.198   -9.830  13.707  1.00 26.05  ? 129 VAL B O   1 
ATOM   1067 C CB  . VAL A 1 123 ? 5.547   -11.987 15.153  1.00 28.88  ? 129 VAL B CB  1 
ATOM   1068 C CG1 . VAL A 1 123 ? 6.904   -11.327 14.923  1.00 29.70  ? 129 VAL B CG1 1 
ATOM   1069 C CG2 . VAL A 1 123 ? 5.703   -13.270 15.957  1.00 32.08  ? 129 VAL B CG2 1 
ATOM   1070 N N   . PRO A 1 124 ? 4.291   -8.558  15.579  1.00 27.22  ? 130 PRO B N   1 
ATOM   1071 C CA  . PRO A 1 124 ? 4.118   -7.290  14.863  1.00 24.71  ? 130 PRO B CA  1 
ATOM   1072 C C   . PRO A 1 124 ? 5.118   -7.196  13.728  1.00 24.50  ? 130 PRO B C   1 
ATOM   1073 O O   . PRO A 1 124 ? 6.302   -7.332  13.955  1.00 21.26  ? 130 PRO B O   1 
ATOM   1074 C CB  . PRO A 1 124 ? 4.389   -6.239  15.961  1.00 30.05  ? 130 PRO B CB  1 
ATOM   1075 C CG  . PRO A 1 124 ? 3.881   -6.936  17.220  1.00 29.12  ? 130 PRO B CG  1 
ATOM   1076 C CD  . PRO A 1 124 ? 4.319   -8.365  17.045  1.00 29.23  ? 130 PRO B CD  1 
ATOM   1077 N N   . PRO A 1 125 ? 4.691   -7.059  12.457  1.00 22.43  ? 131 PRO B N   1 
ATOM   1078 C CA  . PRO A 1 125 ? 5.636   -7.080  11.353  1.00 22.22  ? 131 PRO B CA  1 
ATOM   1079 C C   . PRO A 1 125 ? 6.453   -5.798  11.205  1.00 22.41  ? 131 PRO B C   1 
ATOM   1080 O O   . PRO A 1 125 ? 5.881   -4.741  11.392  1.00 22.86  ? 131 PRO B O   1 
ATOM   1081 C CB  . PRO A 1 125 ? 4.777   -7.276  10.091  1.00 21.89  ? 131 PRO B CB  1 
ATOM   1082 C CG  . PRO A 1 125 ? 3.353   -7.036  10.511  1.00 23.05  ? 131 PRO B CG  1 
ATOM   1083 C CD  . PRO A 1 125 ? 3.295   -7.018  12.022  1.00 22.35  ? 131 PRO B CD  1 
ATOM   1084 N N   . CYS A 1 126 ? 7.752   -5.944  10.901  1.00 20.57  ? 132 CYS B N   1 
ATOM   1085 C CA  . CYS A 1 126 ? 8.625   -4.831  10.451  1.00 22.83  ? 132 CYS B CA  1 
ATOM   1086 C C   . CYS A 1 126 ? 8.665   -4.764  8.919   1.00 19.87  ? 132 CYS B C   1 
ATOM   1087 O O   . CYS A 1 126 ? 8.965   -3.681  8.363   1.00 20.19  ? 132 CYS B O   1 
ATOM   1088 C CB  . CYS A 1 126 ? 10.034  -4.965  11.006  1.00 25.30  ? 132 CYS B CB  1 
ATOM   1089 S SG  . CYS A 1 126 ? 10.005  -4.827  12.815  1.00 33.49  ? 132 CYS B SG  1 
ATOM   1090 N N   A GLN A 1 127 ? 8.396   -5.877  8.229   0.25 21.00  ? 133 GLN B N   1 
ATOM   1091 N N   B GLN A 1 127 ? 8.353   -5.877  8.250   0.25 21.17  ? 133 GLN B N   1 
ATOM   1092 C CA  A GLN A 1 127 ? 8.286   -5.886  6.744   0.25 21.93  ? 133 GLN B CA  1 
ATOM   1093 C CA  B GLN A 1 127 ? 8.302   -5.959  6.765   0.25 22.32  ? 133 GLN B CA  1 
ATOM   1094 C C   A GLN A 1 127 ? 7.093   -6.744  6.308   0.25 21.45  ? 133 GLN B C   1 
ATOM   1095 C C   B GLN A 1 127 ? 7.063   -6.747  6.328   0.25 21.66  ? 133 GLN B C   1 
ATOM   1096 O O   A GLN A 1 127 ? 6.854   -7.813  6.909   0.25 19.37  ? 133 GLN B O   1 
ATOM   1097 O O   B GLN A 1 127 ? 6.740   -7.770  6.969   0.25 19.54  ? 133 GLN B O   1 
ATOM   1098 C CB  A GLN A 1 127 ? 9.556   -6.392  6.053   0.25 24.04  ? 133 GLN B CB  1 
ATOM   1099 C CB  B GLN A 1 127 ? 9.566   -6.609  6.202   0.25 24.90  ? 133 GLN B CB  1 
ATOM   1100 C CG  A GLN A 1 127 ? 10.776  -5.519  6.287   0.25 26.29  ? 133 GLN B CG  1 
ATOM   1101 C CG  B GLN A 1 127 ? 10.760  -5.674  6.159   0.25 27.23  ? 133 GLN B CG  1 
ATOM   1102 C CD  A GLN A 1 127 ? 11.593  -6.046  7.437   0.25 27.24  ? 133 GLN B CD  1 
ATOM   1103 C CD  B GLN A 1 127 ? 11.937  -6.273  5.433   0.25 27.43  ? 133 GLN B CD  1 
ATOM   1104 O OE1 A GLN A 1 127 ? 11.596  -7.243  7.702   0.25 26.37  ? 133 GLN B OE1 1 
ATOM   1105 O OE1 B GLN A 1 127 ? 11.804  -6.913  4.386   0.25 29.78  ? 133 GLN B OE1 1 
ATOM   1106 N NE2 A GLN A 1 127 ? 12.283  -5.152  8.128   0.25 26.94  ? 133 GLN B NE2 1 
ATOM   1107 N NE2 B GLN A 1 127 ? 13.114  -6.034  5.983   0.25 28.10  ? 133 GLN B NE2 1 
ATOM   1108 N N   . ILE A 1 128 ? 6.416   -6.284  5.253   1.00 21.10  ? 134 ILE B N   1 
ATOM   1109 C CA  . ILE A 1 128 ? 5.177   -6.902  4.704   1.00 20.63  ? 134 ILE B CA  1 
ATOM   1110 C C   . ILE A 1 128 ? 5.485   -7.315  3.269   1.00 18.66  ? 134 ILE B C   1 
ATOM   1111 O O   . ILE A 1 128 ? 5.953   -6.467  2.478   1.00 17.76  ? 134 ILE B O   1 
ATOM   1112 C CB  . ILE A 1 128 ? 3.991   -5.926  4.778   1.00 21.23  ? 134 ILE B CB  1 
ATOM   1113 C CG1 . ILE A 1 128 ? 3.713   -5.398  6.195   1.00 23.29  ? 134 ILE B CG1 1 
ATOM   1114 C CG2 . ILE A 1 128 ? 2.744   -6.556  4.156   1.00 21.14  ? 134 ILE B CG2 1 
ATOM   1115 C CD1 . ILE A 1 128 ? 2.983   -6.308  7.039   1.00 22.39  ? 134 ILE B CD1 1 
ATOM   1116 N N   . GLY A 1 129 ? 5.167   -8.558  2.916   1.00 18.55  ? 135 GLY B N   1 
ATOM   1117 C CA  . GLY A 1 129 ? 5.175   -8.992  1.507   1.00 17.94  ? 135 GLY B CA  1 
ATOM   1118 C C   . GLY A 1 129 ? 3.783   -8.935  0.904   1.00 17.14  ? 135 GLY B C   1 
ATOM   1119 O O   . GLY A 1 129 ? 2.796   -9.284  1.578   1.00 17.07  ? 135 GLY B O   1 
ATOM   1120 N N   . ILE A 1 130 ? 3.684   -8.404  -0.326  1.00 17.95  ? 136 ILE B N   1 
ATOM   1121 C CA  . ILE A 1 130 ? 2.406   -8.264  -1.063  1.00 16.24  ? 136 ILE B CA  1 
ATOM   1122 C C   . ILE A 1 130 ? 2.500   -9.076  -2.358  1.00 17.24  ? 136 ILE B C   1 
ATOM   1123 O O   . ILE A 1 130 ? 3.465   -8.887  -3.107  1.00 17.13  ? 136 ILE B O   1 
ATOM   1124 C CB  . ILE A 1 130 ? 2.121   -6.788  -1.352  1.00 18.45  ? 136 ILE B CB  1 
ATOM   1125 C CG1 . ILE A 1 130 ? 2.023   -6.029  -0.024  1.00 21.70  ? 136 ILE B CG1 1 
ATOM   1126 C CG2 . ILE A 1 130 ? 0.876   -6.608  -2.215  1.00 20.27  ? 136 ILE B CG2 1 
ATOM   1127 C CD1 . ILE A 1 130 ? 2.150   -4.562  -0.137  1.00 26.18  ? 136 ILE B CD1 1 
ATOM   1128 N N   . PHE A 1 131 ? 1.619   -10.042 -2.506  1.00 17.00  ? 137 PHE B N   1 
ATOM   1129 C CA  . PHE A 1 131 ? 1.570   -10.930 -3.694  1.00 16.53  ? 137 PHE B CA  1 
ATOM   1130 C C   . PHE A 1 131 ? 0.286   -10.659 -4.451  1.00 14.71  ? 137 PHE B C   1 
ATOM   1131 O O   . PHE A 1 131 ? -0.794  -10.688 -3.844  1.00 14.92  ? 137 PHE B O   1 
ATOM   1132 C CB  . PHE A 1 131 ? 1.605   -12.390 -3.259  1.00 17.91  ? 137 PHE B CB  1 
ATOM   1133 C CG  . PHE A 1 131 ? 1.454   -13.376 -4.395  1.00 18.91  ? 137 PHE B CG  1 
ATOM   1134 C CD1 . PHE A 1 131 ? 2.442   -13.487 -5.355  1.00 22.63  ? 137 PHE B CD1 1 
ATOM   1135 C CD2 . PHE A 1 131 ? 0.356   -14.211 -4.483  1.00 22.21  ? 137 PHE B CD2 1 
ATOM   1136 C CE1 . PHE A 1 131 ? 2.340   -14.443 -6.363  1.00 25.81  ? 137 PHE B CE1 1 
ATOM   1137 C CE2 . PHE A 1 131 ? 0.234   -15.134 -5.519  1.00 22.68  ? 137 PHE B CE2 1 
ATOM   1138 C CZ  . PHE A 1 131 ? 1.241   -15.263 -6.439  1.00 22.89  ? 137 PHE B CZ  1 
ATOM   1139 N N   . VAL A 1 132 ? 0.368   -10.491 -5.771  1.00 15.87  ? 138 VAL B N   1 
ATOM   1140 C CA  . VAL A 1 132 ? -0.844  -10.345 -6.628  1.00 16.54  ? 138 VAL B CA  1 
ATOM   1141 C C   . VAL A 1 132 ? -0.770  -11.394 -7.747  1.00 16.88  ? 138 VAL B C   1 
ATOM   1142 O O   . VAL A 1 132 ? 0.262   -11.453 -8.440  1.00 18.32  ? 138 VAL B O   1 
ATOM   1143 C CB  . VAL A 1 132 ? -0.967  -8.958  -7.265  1.00 18.42  ? 138 VAL B CB  1 
ATOM   1144 C CG1 . VAL A 1 132 ? -2.224  -8.864  -8.133  1.00 18.54  ? 138 VAL B CG1 1 
ATOM   1145 C CG2 . VAL A 1 132 ? -0.940  -7.882  -6.189  1.00 19.90  ? 138 VAL B CG2 1 
ATOM   1146 N N   . ASP A 1 133 ? -1.809  -12.204 -7.861  1.00 17.10  ? 139 ASP B N   1 
ATOM   1147 C CA  . ASP A 1 133 ? -2.031  -13.122 -9.017  1.00 17.79  ? 139 ASP B CA  1 
ATOM   1148 C C   . ASP A 1 133 ? -3.217  -12.563 -9.801  1.00 15.75  ? 139 ASP B C   1 
ATOM   1149 O O   . ASP A 1 133 ? -4.367  -12.706 -9.377  1.00 15.90  ? 139 ASP B O   1 
ATOM   1150 C CB  . ASP A 1 133 ? -2.173  -14.562 -8.551  1.00 17.48  ? 139 ASP B CB  1 
ATOM   1151 C CG  . ASP A 1 133 ? -2.254  -15.534 -9.716  1.00 21.84  ? 139 ASP B CG  1 
ATOM   1152 O OD1 . ASP A 1 133 ? -2.651  -15.108 -10.851 1.00 20.94  ? 139 ASP B OD1 1 
ATOM   1153 O OD2 . ASP A 1 133 ? -1.989  -16.717 -9.445  1.00 24.87  ? 139 ASP B OD2 1 
ATOM   1154 N N   . TYR A 1 134 ? -2.928  -11.828 -10.869 1.00 17.55  ? 140 TYR B N   1 
ATOM   1155 C CA  . TYR A 1 134 ? -3.973  -11.130 -11.644 1.00 18.40  ? 140 TYR B CA  1 
ATOM   1156 C C   . TYR A 1 134 ? -5.008  -12.134 -12.189 1.00 19.90  ? 140 TYR B C   1 
ATOM   1157 O O   . TYR A 1 134 ? -6.220  -11.989 -11.955 1.00 21.86  ? 140 TYR B O   1 
ATOM   1158 C CB  . TYR A 1 134 ? -3.353  -10.314 -12.783 1.00 19.40  ? 140 TYR B CB  1 
ATOM   1159 C CG  . TYR A 1 134 ? -4.352  -9.285  -13.238 1.00 17.31  ? 140 TYR B CG  1 
ATOM   1160 C CD1 . TYR A 1 134 ? -5.434  -9.633  -14.023 1.00 17.86  ? 140 TYR B CD1 1 
ATOM   1161 C CD2 . TYR A 1 134 ? -4.267  -7.955  -12.827 1.00 17.88  ? 140 TYR B CD2 1 
ATOM   1162 C CE1 . TYR A 1 134 ? -6.412  -8.728  -14.376 1.00 18.51  ? 140 TYR B CE1 1 
ATOM   1163 C CE2 . TYR A 1 134 ? -5.231  -7.027  -13.200 1.00 16.92  ? 140 TYR B CE2 1 
ATOM   1164 C CZ  . TYR A 1 134 ? -6.282  -7.392  -14.020 1.00 18.97  ? 140 TYR B CZ  1 
ATOM   1165 O OH  . TYR A 1 134 ? -7.259  -6.488  -14.380 1.00 19.05  ? 140 TYR B OH  1 
ATOM   1166 N N   . GLU A 1 135 ? -4.547  -13.204 -12.832 1.00 22.78  ? 141 GLU B N   1 
ATOM   1167 C CA  . GLU A 1 135 ? -5.491  -14.165 -13.471 1.00 23.71  ? 141 GLU B CA  1 
ATOM   1168 C C   . GLU A 1 135 ? -6.324  -14.883 -12.403 1.00 23.33  ? 141 GLU B C   1 
ATOM   1169 O O   . GLU A 1 135 ? -7.526  -15.021 -12.618 1.00 26.03  ? 141 GLU B O   1 
ATOM   1170 C CB  . GLU A 1 135 ? -4.770  -15.132 -14.407 1.00 26.63  ? 141 GLU B CB  1 
ATOM   1171 C CG  . GLU A 1 135 ? -4.581  -14.530 -15.803 1.00 31.69  ? 141 GLU B CG  1 
ATOM   1172 C CD  . GLU A 1 135 ? -3.547  -13.438 -15.778 1.00 33.90  ? 141 GLU B CD  1 
ATOM   1173 O OE1 . GLU A 1 135 ? -3.627  -12.533 -16.590 1.00 32.45  ? 141 GLU B OE1 1 
ATOM   1174 O OE2 . GLU A 1 135 ? -2.655  -13.506 -14.910 1.00 41.35  ? 141 GLU B OE2 1 
ATOM   1175 N N   . ALA A 1 136 ? -5.740  -15.270 -11.276 1.00 21.12  ? 142 ALA B N   1 
ATOM   1176 C CA  . ALA A 1 136 ? -6.435  -15.991 -10.190 1.00 22.09  ? 142 ALA B CA  1 
ATOM   1177 C C   . ALA A 1 136 ? -7.366  -15.064 -9.408  1.00 21.75  ? 142 ALA B C   1 
ATOM   1178 O O   . ALA A 1 136 ? -8.293  -15.575 -8.741  1.00 23.95  ? 142 ALA B O   1 
ATOM   1179 C CB  . ALA A 1 136 ? -5.425  -16.632 -9.275  1.00 22.61  ? 142 ALA B CB  1 
ATOM   1180 N N   . GLY A 1 137 ? -7.176  -13.743 -9.474  1.00 19.26  ? 143 GLY B N   1 
ATOM   1181 C CA  . GLY A 1 137 ? -7.980  -12.794 -8.706  1.00 17.93  ? 143 GLY B CA  1 
ATOM   1182 C C   . GLY A 1 137 ? -7.620  -12.827 -7.218  1.00 18.02  ? 143 GLY B C   1 
ATOM   1183 O O   . GLY A 1 137 ? -8.545  -12.913 -6.400  1.00 18.02  ? 143 GLY B O   1 
ATOM   1184 N N   . VAL A 1 138 ? -6.340  -12.863 -6.899  1.00 17.30  ? 144 VAL B N   1 
ATOM   1185 C CA  . VAL A 1 138 ? -5.820  -13.034 -5.504  1.00 16.94  ? 144 VAL B CA  1 
ATOM   1186 C C   . VAL A 1 138 ? -4.921  -11.852 -5.130  1.00 16.40  ? 144 VAL B C   1 
ATOM   1187 O O   . VAL A 1 138 ? -3.991  -11.499 -5.923  1.00 17.43  ? 144 VAL B O   1 
ATOM   1188 C CB  . VAL A 1 138 ? -5.070  -14.363 -5.374  1.00 18.69  ? 144 VAL B CB  1 
ATOM   1189 C CG1 . VAL A 1 138 ? -4.314  -14.488 -4.037  1.00 20.01  ? 144 VAL B CG1 1 
ATOM   1190 C CG2 . VAL A 1 138 ? -6.051  -15.504 -5.553  1.00 20.19  ? 144 VAL B CG2 1 
ATOM   1191 N N   . VAL A 1 139 ? -5.079  -11.348 -3.908  1.00 15.89  ? 145 VAL B N   1 
ATOM   1192 C CA  . VAL A 1 139 ? -4.077  -10.446 -3.293  1.00 15.86  ? 145 VAL B CA  1 
ATOM   1193 C C   . VAL A 1 139 ? -3.769  -10.994 -1.905  1.00 13.96  ? 145 VAL B C   1 
ATOM   1194 O O   . VAL A 1 139 ? -4.744  -11.123 -1.134  1.00 16.69  ? 145 VAL B O   1 
ATOM   1195 C CB  . VAL A 1 139 ? -4.598  -9.013  -3.170  1.00 17.08  ? 145 VAL B CB  1 
ATOM   1196 C CG1 . VAL A 1 139 ? -3.505  -8.127  -2.593  1.00 16.70  ? 145 VAL B CG1 1 
ATOM   1197 C CG2 . VAL A 1 139 ? -5.139  -8.522  -4.498  1.00 17.53  ? 145 VAL B CG2 1 
ATOM   1198 N N   . SER A 1 140 ? -2.522  -11.357 -1.647  1.00 14.21  ? 146 SER B N   1 
ATOM   1199 C CA  . SER A 1 140 ? -2.124  -11.939 -0.341  1.00 17.19  ? 146 SER B CA  1 
ATOM   1200 C C   . SER A 1 140 ? -1.048  -11.091 0.333   1.00 16.52  ? 146 SER B C   1 
ATOM   1201 O O   . SER A 1 140 ? -0.172  -10.519 -0.329  1.00 16.32  ? 146 SER B O   1 
ATOM   1202 C CB  . SER A 1 140 ? -1.669  -13.384 -0.477  1.00 19.01  ? 146 SER B CB  1 
ATOM   1203 O OG  . SER A 1 140 ? -2.736  -14.209 -0.928  1.00 17.90  ? 146 SER B OG  1 
ATOM   1204 N N   . PHE A 1 141 ? -1.059  -11.120 1.652   1.00 15.54  ? 147 PHE B N   1 
ATOM   1205 C CA  . PHE A 1 141 ? -0.131  -10.352 2.507   1.00 16.27  ? 147 PHE B CA  1 
ATOM   1206 C C   . PHE A 1 141 ? 0.579   -11.321 3.444   1.00 15.27  ? 147 PHE B C   1 
ATOM   1207 O O   . PHE A 1 141 ? -0.084  -12.179 4.110   1.00 16.27  ? 147 PHE B O   1 
ATOM   1208 C CB  . PHE A 1 141 ? -0.876  -9.263  3.298   1.00 16.06  ? 147 PHE B CB  1 
ATOM   1209 C CG  . PHE A 1 141 ? -1.558  -8.252  2.427   1.00 15.75  ? 147 PHE B CG  1 
ATOM   1210 C CD1 . PHE A 1 141 ? -2.817  -8.513  1.884   1.00 15.68  ? 147 PHE B CD1 1 
ATOM   1211 C CD2 . PHE A 1 141 ? -0.963  -7.018  2.215   1.00 15.14  ? 147 PHE B CD2 1 
ATOM   1212 C CE1 . PHE A 1 141 ? -3.417  -7.583  1.041   1.00 14.91  ? 147 PHE B CE1 1 
ATOM   1213 C CE2 . PHE A 1 141 ? -1.582  -6.070  1.414   1.00 15.20  ? 147 PHE B CE2 1 
ATOM   1214 C CZ  . PHE A 1 141 ? -2.806  -6.352  0.836   1.00 15.23  ? 147 PHE B CZ  1 
ATOM   1215 N N   . TYR A 1 142 ? 1.886   -11.151 3.532   1.00 16.43  ? 148 TYR B N   1 
ATOM   1216 C CA  . TYR A 1 142 ? 2.801   -12.046 4.289   1.00 17.65  ? 148 TYR B CA  1 
ATOM   1217 C C   . TYR A 1 142 ? 3.609   -11.271 5.336   1.00 19.40  ? 148 TYR B C   1 
ATOM   1218 O O   . TYR A 1 142 ? 4.046   -10.137 5.123   1.00 18.66  ? 148 TYR B O   1 
ATOM   1219 C CB  . TYR A 1 142 ? 3.694   -12.832 3.337   1.00 18.50  ? 148 TYR B CB  1 
ATOM   1220 C CG  . TYR A 1 142 ? 2.908   -13.734 2.431   1.00 18.38  ? 148 TYR B CG  1 
ATOM   1221 C CD1 . TYR A 1 142 ? 2.457   -14.971 2.868   1.00 20.18  ? 148 TYR B CD1 1 
ATOM   1222 C CD2 . TYR A 1 142 ? 2.497   -13.301 1.187   1.00 20.55  ? 148 TYR B CD2 1 
ATOM   1223 C CE1 . TYR A 1 142 ? 1.699   -15.792 2.045   1.00 21.43  ? 148 TYR B CE1 1 
ATOM   1224 C CE2 . TYR A 1 142 ? 1.771   -14.117 0.340   1.00 20.49  ? 148 TYR B CE2 1 
ATOM   1225 C CZ  . TYR A 1 142 ? 1.366   -15.366 0.767   1.00 21.35  ? 148 TYR B CZ  1 
ATOM   1226 O OH  . TYR A 1 142 ? 0.590   -16.126 -0.064  1.00 21.57  ? 148 TYR B OH  1 
ATOM   1227 N N   . ASN A 1 143 ? 3.876   -11.919 6.474   1.00 19.01  ? 149 ASN B N   1 
ATOM   1228 C CA  . ASN A 1 143 ? 4.627   -11.305 7.608   1.00 18.66  ? 149 ASN B CA  1 
ATOM   1229 C C   . ASN A 1 143 ? 6.104   -11.710 7.493   1.00 19.75  ? 149 ASN B C   1 
ATOM   1230 O O   . ASN A 1 143 ? 6.459   -12.860 7.868   1.00 20.90  ? 149 ASN B O   1 
ATOM   1231 C CB  . ASN A 1 143 ? 4.063   -11.769 8.943   1.00 19.33  ? 149 ASN B CB  1 
ATOM   1232 C CG  . ASN A 1 143 ? 4.696   -11.068 10.136  1.00 19.40  ? 149 ASN B CG  1 
ATOM   1233 O OD1 . ASN A 1 143 ? 5.822   -10.581 10.036  1.00 20.77  ? 149 ASN B OD1 1 
ATOM   1234 N ND2 . ASN A 1 143 ? 4.009   -11.086 11.259  1.00 20.84  ? 149 ASN B ND2 1 
ATOM   1235 N N   . ILE A 1 144 ? 6.937   -10.872 6.900   1.00 19.02  ? 150 ILE B N   1 
ATOM   1236 C CA  . ILE A 1 144 ? 8.347   -11.242 6.595   1.00 21.51  ? 150 ILE B CA  1 
ATOM   1237 C C   . ILE A 1 144 ? 9.070   -11.459 7.943   1.00 23.02  ? 150 ILE B C   1 
ATOM   1238 O O   . ILE A 1 144 ? 9.946   -12.343 8.020   1.00 24.74  ? 150 ILE B O   1 
ATOM   1239 C CB  . ILE A 1 144 ? 9.005   -10.192 5.681   1.00 24.81  ? 150 ILE B CB  1 
ATOM   1240 C CG1 . ILE A 1 144 ? 8.222   -9.968  4.380   1.00 24.64  ? 150 ILE B CG1 1 
ATOM   1241 C CG2 . ILE A 1 144 ? 10.459  -10.550 5.369   1.00 26.88  ? 150 ILE B CG2 1 
ATOM   1242 C CD1 . ILE A 1 144 ? 7.734   -11.261 3.747   1.00 28.09  ? 150 ILE B CD1 1 
ATOM   1243 N N   . THR A 1 145 ? 8.728   -10.685 8.964   1.00 22.64  ? 151 THR B N   1 
ATOM   1244 C CA  . THR A 1 145 ? 9.385   -10.753 10.308  1.00 25.23  ? 151 THR B CA  1 
ATOM   1245 C C   . THR A 1 145 ? 9.128   -12.124 10.932  1.00 27.62  ? 151 THR B C   1 
ATOM   1246 O O   . THR A 1 145 ? 10.027  -12.634 11.612  1.00 29.97  ? 151 THR B O   1 
ATOM   1247 C CB  . THR A 1 145 ? 8.843   -9.663  11.230  1.00 25.76  ? 151 THR B CB  1 
ATOM   1248 O OG1 . THR A 1 145 ? 8.985   -8.445  10.506  1.00 23.03  ? 151 THR B OG1 1 
ATOM   1249 C CG2 . THR A 1 145 ? 9.571   -9.595  12.551  1.00 27.98  ? 151 THR B CG2 1 
ATOM   1250 N N   . ASP A 1 146 ? 7.976   -12.722 10.649  1.00 27.51  ? 152 ASP B N   1 
ATOM   1251 C CA  . ASP A 1 146 ? 7.566   -14.049 11.177  1.00 27.98  ? 152 ASP B CA  1 
ATOM   1252 C C   . ASP A 1 146 ? 7.650   -15.126 10.088  1.00 29.39  ? 152 ASP B C   1 
ATOM   1253 O O   . ASP A 1 146 ? 6.660   -15.825 9.890   1.00 27.84  ? 152 ASP B O   1 
ATOM   1254 C CB  . ASP A 1 146 ? 6.204   -13.924 11.817  1.00 26.97  ? 152 ASP B CB  1 
ATOM   1255 C CG  . ASP A 1 146 ? 5.747   -15.219 12.442  1.00 34.08  ? 152 ASP B CG  1 
ATOM   1256 O OD1 . ASP A 1 146 ? 6.593   -15.878 13.113  1.00 30.87  ? 152 ASP B OD1 1 
ATOM   1257 O OD2 . ASP A 1 146 ? 4.566   -15.547 12.241  1.00 31.58  ? 152 ASP B OD2 1 
ATOM   1258 N N   . HIS A 1 147 ? 8.821   -15.288 9.463   1.00 30.11  ? 153 HIS B N   1 
ATOM   1259 C CA  . HIS A 1 147 ? 9.142   -16.385 8.509   1.00 32.95  ? 153 HIS B CA  1 
ATOM   1260 C C   . HIS A 1 147 ? 8.138   -16.402 7.350   1.00 30.98  ? 153 HIS B C   1 
ATOM   1261 O O   . HIS A 1 147 ? 7.918   -17.470 6.795   1.00 30.28  ? 153 HIS B O   1 
ATOM   1262 C CB  . HIS A 1 147 ? 9.128   -17.766 9.194   1.00 39.06  ? 153 HIS B CB  1 
ATOM   1263 C CG  . HIS A 1 147 ? 9.910   -17.880 10.462  1.00 45.68  ? 153 HIS B CG  1 
ATOM   1264 N ND1 . HIS A 1 147 ? 11.299  -17.917 10.480  1.00 54.43  ? 153 HIS B ND1 1 
ATOM   1265 C CD2 . HIS A 1 147 ? 9.505   -18.018 11.745  1.00 51.56  ? 153 HIS B CD2 1 
ATOM   1266 C CE1 . HIS A 1 147 ? 11.718  -18.030 11.727  1.00 57.89  ? 153 HIS B CE1 1 
ATOM   1267 N NE2 . HIS A 1 147 ? 10.634  -18.100 12.526  1.00 56.98  ? 153 HIS B NE2 1 
ATOM   1268 N N   . GLY A 1 148 ? 7.520   -15.279 6.991   1.00 26.52  ? 154 GLY B N   1 
ATOM   1269 C CA  . GLY A 1 148 ? 6.679   -15.235 5.775   1.00 23.36  ? 154 GLY B CA  1 
ATOM   1270 C C   . GLY A 1 148 ? 5.263   -15.737 6.026   1.00 20.53  ? 154 GLY B C   1 
ATOM   1271 O O   . GLY A 1 148 ? 4.650   -16.242 5.070   1.00 20.83  ? 154 GLY B O   1 
ATOM   1272 N N   . SER A 1 149 ? 4.807   -15.741 7.275   1.00 21.25  ? 155 SER B N   1 
ATOM   1273 C CA  . SER A 1 149 ? 3.490   -16.304 7.672   1.00 21.75  ? 155 SER B CA  1 
ATOM   1274 C C   . SER A 1 149 ? 2.369   -15.506 6.992   1.00 20.78  ? 155 SER B C   1 
ATOM   1275 O O   . SER A 1 149 ? 2.494   -14.286 6.873   1.00 20.46  ? 155 SER B O   1 
ATOM   1276 C CB  . SER A 1 149 ? 3.305   -16.361 9.177   1.00 22.07  ? 155 SER B CB  1 
ATOM   1277 O OG  . SER A 1 149 ? 3.430   -15.088 9.816   1.00 23.30  ? 155 SER B OG  1 
ATOM   1278 N N   . LEU A 1 150 ? 1.308   -16.165 6.559   1.00 20.99  ? 156 LEU B N   1 
ATOM   1279 C CA  . LEU A 1 150 ? 0.156   -15.467 5.912   1.00 18.70  ? 156 LEU B CA  1 
ATOM   1280 C C   . LEU A 1 150 ? -0.540  -14.542 6.902   1.00 18.83  ? 156 LEU B C   1 
ATOM   1281 O O   . LEU A 1 150 ? -0.881  -14.959 8.052   1.00 18.82  ? 156 LEU B O   1 
ATOM   1282 C CB  . LEU A 1 150 ? -0.841  -16.513 5.430   1.00 19.28  ? 156 LEU B CB  1 
ATOM   1283 C CG  . LEU A 1 150 ? -2.092  -16.001 4.720   1.00 19.93  ? 156 LEU B CG  1 
ATOM   1284 C CD1 . LEU A 1 150 ? -1.750  -15.290 3.423   1.00 19.04  ? 156 LEU B CD1 1 
ATOM   1285 C CD2 . LEU A 1 150 ? -3.025  -17.196 4.424   1.00 20.99  ? 156 LEU B CD2 1 
ATOM   1286 N N   . ILE A 1 151 ? -0.817  -13.326 6.470   1.00 17.05  ? 157 ILE B N   1 
ATOM   1287 C CA  . ILE A 1 151 ? -1.651  -12.364 7.199   1.00 18.05  ? 157 ILE B CA  1 
ATOM   1288 C C   . ILE A 1 151 ? -3.074  -12.410 6.660   1.00 16.63  ? 157 ILE B C   1 
ATOM   1289 O O   . ILE A 1 151 ? -4.009  -12.451 7.470   1.00 14.94  ? 157 ILE B O   1 
ATOM   1290 C CB  . ILE A 1 151 ? -1.052  -10.950 7.102   1.00 19.43  ? 157 ILE B CB  1 
ATOM   1291 C CG1 . ILE A 1 151 ? 0.339   -10.893 7.720   1.00 17.90  ? 157 ILE B CG1 1 
ATOM   1292 C CG2 . ILE A 1 151 ? -1.990  -9.922  7.724   1.00 19.62  ? 157 ILE B CG2 1 
ATOM   1293 C CD1 . ILE A 1 151 ? 1.121   -9.619  7.447   1.00 18.63  ? 157 ILE B CD1 1 
ATOM   1294 N N   . TYR A 1 152 ? -3.250  -12.301 5.337   1.00 15.61  ? 158 TYR B N   1 
ATOM   1295 C CA  . TYR A 1 152 ? -4.607  -12.197 4.764   1.00 14.62  ? 158 TYR B CA  1 
ATOM   1296 C C   . TYR A 1 152 ? -4.551  -12.496 3.260   1.00 14.98  ? 158 TYR B C   1 
ATOM   1297 O O   . TYR A 1 152 ? -3.555  -12.114 2.609   1.00 14.71  ? 158 TYR B O   1 
ATOM   1298 C CB  . TYR A 1 152 ? -5.183  -10.789 4.981   1.00 15.18  ? 158 TYR B CB  1 
ATOM   1299 C CG  . TYR A 1 152 ? -6.646  -10.686 4.679   1.00 14.69  ? 158 TYR B CG  1 
ATOM   1300 C CD1 . TYR A 1 152 ? -7.605  -11.049 5.607   1.00 15.39  ? 158 TYR B CD1 1 
ATOM   1301 C CD2 . TYR A 1 152 ? -7.101  -10.273 3.428   1.00 14.22  ? 158 TYR B CD2 1 
ATOM   1302 C CE1 . TYR A 1 152 ? -8.962  -11.005 5.311   1.00 15.52  ? 158 TYR B CE1 1 
ATOM   1303 C CE2 . TYR A 1 152 ? -8.454  -10.215 3.140   1.00 14.24  ? 158 TYR B CE2 1 
ATOM   1304 C CZ  . TYR A 1 152 ? -9.388  -10.609 4.060   1.00 15.28  ? 158 TYR B CZ  1 
ATOM   1305 O OH  . TYR A 1 152 ? -10.724 -10.559 3.790   1.00 18.91  ? 158 TYR B OH  1 
ATOM   1306 N N   . THR A 1 153 ? -5.626  -13.083 2.753   1.00 15.42  ? 159 THR B N   1 
ATOM   1307 C CA  . THR A 1 153 ? -5.849  -13.363 1.303   1.00 14.59  ? 159 THR B CA  1 
ATOM   1308 C C   . THR A 1 153 ? -7.219  -12.833 0.894   1.00 15.76  ? 159 THR B C   1 
ATOM   1309 O O   . THR A 1 153 ? -8.235  -13.253 1.457   1.00 16.42  ? 159 THR B O   1 
ATOM   1310 C CB  . THR A 1 153 ? -5.734  -14.858 0.968   1.00 15.99  ? 159 THR B CB  1 
ATOM   1311 O OG1 . THR A 1 153 ? -4.361  -15.225 1.059   1.00 16.30  ? 159 THR B OG1 1 
ATOM   1312 C CG2 . THR A 1 153 ? -6.194  -15.138 -0.449  1.00 16.88  ? 159 THR B CG2 1 
ATOM   1313 N N   . PHE A 1 154 ? -7.233  -11.877 -0.026  1.00 16.77  ? 160 PHE B N   1 
ATOM   1314 C CA  . PHE A 1 154 ? -8.437  -11.471 -0.776  1.00 15.67  ? 160 PHE B CA  1 
ATOM   1315 C C   . PHE A 1 154 ? -8.515  -12.419 -1.980  1.00 18.10  ? 160 PHE B C   1 
ATOM   1316 O O   . PHE A 1 154 ? -7.537  -12.505 -2.715  1.00 15.76  ? 160 PHE B O   1 
ATOM   1317 C CB  . PHE A 1 154 ? -8.353  -10.058 -1.322  1.00 17.36  ? 160 PHE B CB  1 
ATOM   1318 C CG  . PHE A 1 154 ? -8.373  -8.943  -0.323  1.00 15.30  ? 160 PHE B CG  1 
ATOM   1319 C CD1 . PHE A 1 154 ? -7.191  -8.468  0.213   1.00 14.33  ? 160 PHE B CD1 1 
ATOM   1320 C CD2 . PHE A 1 154 ? -9.565  -8.293  -0.042  1.00 14.62  ? 160 PHE B CD2 1 
ATOM   1321 C CE1 . PHE A 1 154 ? -7.220  -7.379  1.079   1.00 14.33  ? 160 PHE B CE1 1 
ATOM   1322 C CE2 . PHE A 1 154 ? -9.585  -7.187  0.815   1.00 15.02  ? 160 PHE B CE2 1 
ATOM   1323 C CZ  . PHE A 1 154 ? -8.416  -6.760  1.375   1.00 14.18  ? 160 PHE B CZ  1 
ATOM   1324 N N   . SER A 1 155 ? -9.612  -13.147 -2.106  1.00 18.85  ? 161 SER B N   1 
ATOM   1325 C CA  . SER A 1 155 ? -9.826  -14.059 -3.246  1.00 20.87  ? 161 SER B CA  1 
ATOM   1326 C C   . SER A 1 155 ? -11.100 -13.659 -4.004  1.00 22.19  ? 161 SER B C   1 
ATOM   1327 O O   . SER A 1 155 ? -11.880 -12.825 -3.511  1.00 22.13  ? 161 SER B O   1 
ATOM   1328 C CB  . SER A 1 155 ? -9.834  -15.477 -2.736  1.00 24.84  ? 161 SER B CB  1 
ATOM   1329 O OG  . SER A 1 155 ? -11.036 -15.745 -2.058  1.00 27.61  ? 161 SER B OG  1 
ATOM   1330 N N   . GLU A 1 156 ? -11.258 -14.164 -5.232  1.00 22.51  ? 162 GLU B N   1 
ATOM   1331 C CA  . GLU A 1 156 ? -12.397 -13.766 -6.107  1.00 25.52  ? 162 GLU B CA  1 
ATOM   1332 C C   . GLU A 1 156 ? -12.387 -12.248 -6.318  1.00 24.93  ? 162 GLU B C   1 
ATOM   1333 O O   . GLU A 1 156 ? -13.494 -11.637 -6.382  1.00 23.29  ? 162 GLU B O   1 
ATOM   1334 C CB  . GLU A 1 156 ? -13.738 -14.166 -5.495  1.00 31.90  ? 162 GLU B CB  1 
ATOM   1335 C CG  . GLU A 1 156 ? -13.854 -15.631 -5.139  1.00 40.95  ? 162 GLU B CG  1 
ATOM   1336 C CD  . GLU A 1 156 ? -15.222 -16.011 -4.587  1.00 52.66  ? 162 GLU B CD  1 
ATOM   1337 O OE1 . GLU A 1 156 ? -15.693 -15.354 -3.622  1.00 54.08  ? 162 GLU B OE1 1 
ATOM   1338 O OE2 . GLU A 1 156 ? -15.826 -16.962 -5.125  1.00 65.23  ? 162 GLU B OE2 1 
ATOM   1339 N N   . CYS A 1 157 ? -11.205 -11.644 -6.427  1.00 22.55  ? 163 CYS B N   1 
ATOM   1340 C CA  . CYS A 1 157 ? -11.096 -10.171 -6.602  1.00 19.40  ? 163 CYS B CA  1 
ATOM   1341 C C   . CYS A 1 157 ? -11.619 -9.801  -7.988  1.00 23.37  ? 163 CYS B C   1 
ATOM   1342 O O   . CYS A 1 157 ? -11.267 -10.506 -8.985  1.00 23.34  ? 163 CYS B O   1 
ATOM   1343 C CB  . CYS A 1 157 ? -9.673  -9.653  -6.486  1.00 19.61  ? 163 CYS B CB  1 
ATOM   1344 S SG  . CYS A 1 157 ? -8.942  -9.950  -4.848  1.00 19.91  ? 163 CYS B SG  1 
ATOM   1345 N N   . VAL A 1 158 ? -12.345 -8.693  -8.070  1.00 20.90  ? 164 VAL B N   1 
ATOM   1346 C CA  . VAL A 1 158 ? -12.783 -8.150  -9.379  1.00 22.89  ? 164 VAL B CA  1 
ATOM   1347 C C   . VAL A 1 158 ? -11.964 -6.895  -9.662  1.00 19.67  ? 164 VAL B C   1 
ATOM   1348 O O   . VAL A 1 158 ? -12.365 -5.758  -9.334  1.00 23.21  ? 164 VAL B O   1 
ATOM   1349 C CB  . VAL A 1 158 ? -14.313 -7.936  -9.409  1.00 27.30  ? 164 VAL B CB  1 
ATOM   1350 C CG1 . VAL A 1 158 ? -14.754 -7.355  -10.749 1.00 27.38  ? 164 VAL B CG1 1 
ATOM   1351 C CG2 . VAL A 1 158 ? -15.049 -9.230  -9.107  1.00 30.14  ? 164 VAL B CG2 1 
ATOM   1352 N N   . PHE A 1 159 ? -10.756 -7.071  -10.210 1.00 18.48  ? 165 PHE B N   1 
ATOM   1353 C CA  . PHE A 1 159 ? -9.830  -5.948  -10.389 1.00 18.33  ? 165 PHE B CA  1 
ATOM   1354 C C   . PHE A 1 159 ? -10.466 -4.921  -11.326 1.00 22.52  ? 165 PHE B C   1 
ATOM   1355 O O   . PHE A 1 159 ? -10.394 -3.728  -11.030 1.00 20.50  ? 165 PHE B O   1 
ATOM   1356 C CB  . PHE A 1 159 ? -8.472  -6.445  -10.844 1.00 19.73  ? 165 PHE B CB  1 
ATOM   1357 C CG  . PHE A 1 159 ? -7.781  -7.347  -9.854  1.00 19.45  ? 165 PHE B CG  1 
ATOM   1358 C CD1 . PHE A 1 159 ? -7.686  -6.985  -8.517  1.00 18.43  ? 165 PHE B CD1 1 
ATOM   1359 C CD2 . PHE A 1 159 ? -7.219  -8.553  -10.256 1.00 19.91  ? 165 PHE B CD2 1 
ATOM   1360 C CE1 . PHE A 1 159 ? -7.042  -7.822  -7.613  1.00 16.97  ? 165 PHE B CE1 1 
ATOM   1361 C CE2 . PHE A 1 159 ? -6.563  -9.372  -9.353  1.00 18.12  ? 165 PHE B CE2 1 
ATOM   1362 C CZ  . PHE A 1 159 ? -6.487  -9.000  -8.033  1.00 17.35  ? 165 PHE B CZ  1 
ATOM   1363 N N   . ALA A 1 160 ? -11.031 -5.369  -12.444 1.00 20.64  ? 166 ALA B N   1 
ATOM   1364 C CA  . ALA A 1 160 ? -11.795 -4.501  -13.365 1.00 21.86  ? 166 ALA B CA  1 
ATOM   1365 C C   . ALA A 1 160 ? -10.925 -3.417  -13.998 1.00 20.81  ? 166 ALA B C   1 
ATOM   1366 O O   . ALA A 1 160 ? -11.478 -2.375  -14.472 1.00 22.02  ? 166 ALA B O   1 
ATOM   1367 C CB  . ALA A 1 160 ? -12.985 -3.927  -12.669 1.00 21.54  ? 166 ALA B CB  1 
ATOM   1368 N N   . GLY A 1 161 ? -9.619  -3.659  -14.107 1.00 21.61  ? 167 GLY B N   1 
ATOM   1369 C CA  . GLY A 1 161 ? -8.684  -2.752  -14.782 1.00 22.06  ? 167 GLY B CA  1 
ATOM   1370 C C   . GLY A 1 161 ? -7.253  -2.973  -14.343 1.00 20.26  ? 167 GLY B C   1 
ATOM   1371 O O   . GLY A 1 161 ? -6.979  -3.897  -13.554 1.00 20.65  ? 167 GLY B O   1 
ATOM   1372 N N   . PRO A 1 162 ? -6.328  -2.143  -14.843 1.00 18.79  ? 168 PRO B N   1 
ATOM   1373 C CA  . PRO A 1 162 ? -4.931  -2.227  -14.448 1.00 18.63  ? 168 PRO B CA  1 
ATOM   1374 C C   . PRO A 1 162 ? -4.827  -1.907  -12.942 1.00 18.84  ? 168 PRO B C   1 
ATOM   1375 O O   . PRO A 1 162 ? -5.619  -1.108  -12.402 1.00 18.06  ? 168 PRO B O   1 
ATOM   1376 C CB  . PRO A 1 162 ? -4.191  -1.173  -15.282 1.00 18.97  ? 168 PRO B CB  1 
ATOM   1377 C CG  . PRO A 1 162 ? -5.166  -0.824  -16.384 1.00 18.71  ? 168 PRO B CG  1 
ATOM   1378 C CD  . PRO A 1 162 ? -6.552  -1.067  -15.828 1.00 18.84  ? 168 PRO B CD  1 
ATOM   1379 N N   . LEU A 1 163 ? -3.852  -2.533  -12.295 1.00 17.93  ? 169 LEU B N   1 
ATOM   1380 C CA  . LEU A 1 163 ? -3.588  -2.369  -10.829 1.00 17.74  ? 169 LEU B CA  1 
ATOM   1381 C C   . LEU A 1 163 ? -2.306  -1.586  -10.610 1.00 17.47  ? 169 LEU B C   1 
ATOM   1382 O O   . LEU A 1 163 ? -1.347  -1.710  -11.414 1.00 17.97  ? 169 LEU B O   1 
ATOM   1383 C CB  . LEU A 1 163 ? -3.446  -3.746  -10.180 1.00 18.06  ? 169 LEU B CB  1 
ATOM   1384 C CG  . LEU A 1 163 ? -4.707  -4.578  -10.054 1.00 17.68  ? 169 LEU B CG  1 
ATOM   1385 C CD1 . LEU A 1 163 ? -4.350  -5.903  -9.430  1.00 18.28  ? 169 LEU B CD1 1 
ATOM   1386 C CD2 . LEU A 1 163 ? -5.812  -3.838  -9.311  1.00 20.22  ? 169 LEU B CD2 1 
ATOM   1387 N N   . ARG A 1 164 ? -2.271  -0.784  -9.519  1.00 17.97  ? 170 ARG B N   1 
ATOM   1388 C CA  . ARG A 1 164 ? -1.077  -0.044  -9.097  1.00 18.12  ? 170 ARG B CA  1 
ATOM   1389 C C   . ARG A 1 164 ? -0.782  -0.346  -7.640  1.00 14.99  ? 170 ARG B C   1 
ATOM   1390 O O   . ARG A 1 164 ? -1.715  -0.497  -6.853  1.00 15.96  ? 170 ARG B O   1 
ATOM   1391 C CB  . ARG A 1 164 ? -1.281  1.453   -9.348  1.00 19.11  ? 170 ARG B CB  1 
ATOM   1392 C CG  . ARG A 1 164 ? -1.507  1.672   -10.840 1.00 23.38  ? 170 ARG B CG  1 
ATOM   1393 C CD  . ARG A 1 164 ? -1.520  3.094   -11.265 1.00 26.93  ? 170 ARG B CD  1 
ATOM   1394 N NE  . ARG A 1 164 ? -0.254  3.728   -10.989 1.00 23.61  ? 170 ARG B NE  1 
ATOM   1395 C CZ  . ARG A 1 164 ? -0.041  5.012   -11.217 1.00 25.45  ? 170 ARG B CZ  1 
ATOM   1396 N NH1 . ARG A 1 164 ? -0.985  5.713   -11.806 1.00 23.30  ? 170 ARG B NH1 1 
ATOM   1397 N NH2 . ARG A 1 164 ? 1.115   5.573   -10.913 1.00 23.08  ? 170 ARG B NH2 1 
ATOM   1398 N N   . PRO A 1 165 ? 0.497   -0.501  -7.279  1.00 13.96  ? 171 PRO B N   1 
ATOM   1399 C CA  . PRO A 1 165 ? 0.885   -0.619  -5.867  1.00 15.46  ? 171 PRO B CA  1 
ATOM   1400 C C   . PRO A 1 165 ? 0.345   0.620   -5.141  1.00 15.98  ? 171 PRO B C   1 
ATOM   1401 O O   . PRO A 1 165 ? 0.383   1.716   -5.718  1.00 14.81  ? 171 PRO B O   1 
ATOM   1402 C CB  . PRO A 1 165 ? 2.419   -0.671  -5.899  1.00 15.36  ? 171 PRO B CB  1 
ATOM   1403 C CG  . PRO A 1 165 ? 2.737   -1.096  -7.315  1.00 15.40  ? 171 PRO B CG  1 
ATOM   1404 C CD  . PRO A 1 165 ? 1.666   -0.477  -8.165  1.00 15.48  ? 171 PRO B CD  1 
ATOM   1405 N N   . PHE A 1 166 ? -0.187  0.437   -3.928  1.00 15.15  ? 172 PHE B N   1 
ATOM   1406 C CA  . PHE A 1 166 ? -0.866  1.481   -3.136  1.00 15.94  ? 172 PHE B CA  1 
ATOM   1407 C C   . PHE A 1 166 ? -0.180  1.636   -1.778  1.00 14.94  ? 172 PHE B C   1 
ATOM   1408 O O   . PHE A 1 166 ? 0.097   0.615   -1.089  1.00 14.23  ? 172 PHE B O   1 
ATOM   1409 C CB  . PHE A 1 166 ? -2.337  1.118   -2.981  1.00 15.96  ? 172 PHE B CB  1 
ATOM   1410 C CG  . PHE A 1 166 ? -3.062  2.072   -2.069  1.00 16.53  ? 172 PHE B CG  1 
ATOM   1411 C CD1 . PHE A 1 166 ? -3.432  3.338   -2.524  1.00 15.98  ? 172 PHE B CD1 1 
ATOM   1412 C CD2 . PHE A 1 166 ? -3.294  1.749   -0.746  1.00 15.63  ? 172 PHE B CD2 1 
ATOM   1413 C CE1 . PHE A 1 166 ? -4.080  4.223   -1.674  1.00 17.42  ? 172 PHE B CE1 1 
ATOM   1414 C CE2 . PHE A 1 166 ? -3.931  2.642   0.111   1.00 15.86  ? 172 PHE B CE2 1 
ATOM   1415 C CZ  . PHE A 1 166 ? -4.318  3.878   -0.361  1.00 15.44  ? 172 PHE B CZ  1 
ATOM   1416 N N   . PHE A 1 167 ? 0.019   2.880   -1.328  1.00 15.27  ? 173 PHE B N   1 
ATOM   1417 C CA  . PHE A 1 167 ? 0.724   3.184   -0.054  1.00 17.13  ? 173 PHE B CA  1 
ATOM   1418 C C   . PHE A 1 167 ? 0.018   4.324   0.671   1.00 16.79  ? 173 PHE B C   1 
ATOM   1419 O O   . PHE A 1 167 ? -0.376  5.302   0.028   1.00 16.35  ? 173 PHE B O   1 
ATOM   1420 C CB  . PHE A 1 167 ? 2.182   3.597   -0.324  1.00 16.50  ? 173 PHE B CB  1 
ATOM   1421 C CG  . PHE A 1 167 ? 2.956   2.626   -1.181  1.00 16.29  ? 173 PHE B CG  1 
ATOM   1422 C CD1 . PHE A 1 167 ? 2.900   2.729   -2.565  1.00 16.93  ? 173 PHE B CD1 1 
ATOM   1423 C CD2 . PHE A 1 167 ? 3.709   1.605   -0.599  1.00 16.85  ? 173 PHE B CD2 1 
ATOM   1424 C CE1 . PHE A 1 167 ? 3.564   1.814   -3.381  1.00 17.15  ? 173 PHE B CE1 1 
ATOM   1425 C CE2 . PHE A 1 167 ? 4.426   0.735   -1.402  1.00 17.13  ? 173 PHE B CE2 1 
ATOM   1426 C CZ  . PHE A 1 167 ? 4.342   0.837   -2.786  1.00 17.01  ? 173 PHE B CZ  1 
ATOM   1427 N N   . ASN A 1 168 ? -0.088  4.229   1.988   1.00 16.10  ? 174 ASN B N   1 
ATOM   1428 C CA  . ASN A 1 168 ? -0.488  5.379   2.813   1.00 14.54  ? 174 ASN B CA  1 
ATOM   1429 C C   . ASN A 1 168 ? 0.481   5.427   3.981   1.00 16.99  ? 174 ASN B C   1 
ATOM   1430 O O   . ASN A 1 168 ? 0.481   4.459   4.741   1.00 15.01  ? 174 ASN B O   1 
ATOM   1431 C CB  . ASN A 1 168 ? -1.947  5.251   3.252   1.00 15.24  ? 174 ASN B CB  1 
ATOM   1432 C CG  . ASN A 1 168 ? -2.426  6.410   4.081   1.00 17.23  ? 174 ASN B CG  1 
ATOM   1433 O OD1 . ASN A 1 168 ? -1.687  7.321   4.381   1.00 16.83  ? 174 ASN B OD1 1 
ATOM   1434 N ND2 . ASN A 1 168 ? -3.712  6.415   4.381   1.00 18.59  ? 174 ASN B ND2 1 
ATOM   1435 N N   . VAL A 1 169 ? 1.253   6.514   4.137   1.00 15.37  ? 175 VAL B N   1 
ATOM   1436 C CA  . VAL A 1 169 ? 2.240   6.620   5.267   1.00 15.87  ? 175 VAL B CA  1 
ATOM   1437 C C   . VAL A 1 169 ? 1.506   6.946   6.576   1.00 16.29  ? 175 VAL B C   1 
ATOM   1438 O O   . VAL A 1 169 ? 2.154   6.917   7.633   1.00 15.73  ? 175 VAL B O   1 
ATOM   1439 C CB  . VAL A 1 169 ? 3.371   7.630   4.982   1.00 18.08  ? 175 VAL B CB  1 
ATOM   1440 C CG1 . VAL A 1 169 ? 4.162   7.194   3.767   1.00 18.15  ? 175 VAL B CG1 1 
ATOM   1441 C CG2 . VAL A 1 169 ? 2.849   9.059   4.815   1.00 17.20  ? 175 VAL B CG2 1 
ATOM   1442 N N   . GLY A 1 170 ? 0.249   7.398   6.490   1.00 16.35  ? 176 GLY B N   1 
ATOM   1443 C CA  . GLY A 1 170 ? -0.549  7.799   7.662   1.00 17.38  ? 176 GLY B CA  1 
ATOM   1444 C C   . GLY A 1 170 ? -0.209  9.200   8.134   1.00 16.50  ? 176 GLY B C   1 
ATOM   1445 O O   . GLY A 1 170 ? 0.821   9.755   7.753   1.00 16.03  ? 176 GLY B O   1 
ATOM   1446 N N   . PHE A 1 171 ? -1.093  9.763   8.926   1.00 16.60  ? 177 PHE B N   1 
ATOM   1447 C CA  . PHE A 1 171 ? -0.901  11.087  9.566   1.00 17.07  ? 177 PHE B CA  1 
ATOM   1448 C C   . PHE A 1 171 ? 0.131   10.948  10.668  1.00 16.44  ? 177 PHE B C   1 
ATOM   1449 O O   . PHE A 1 171 ? 0.451   9.818   11.091  1.00 15.31  ? 177 PHE B O   1 
ATOM   1450 C CB  . PHE A 1 171 ? -2.236  11.669  10.042  1.00 18.95  ? 177 PHE B CB  1 
ATOM   1451 C CG  . PHE A 1 171 ? -3.122  12.120  8.918   1.00 19.92  ? 177 PHE B CG  1 
ATOM   1452 C CD1 . PHE A 1 171 ? -2.866  13.307  8.252   1.00 21.36  ? 177 PHE B CD1 1 
ATOM   1453 C CD2 . PHE A 1 171 ? -4.218  11.374  8.530   1.00 20.16  ? 177 PHE B CD2 1 
ATOM   1454 C CE1 . PHE A 1 171 ? -3.680  13.721  7.200   1.00 22.32  ? 177 PHE B CE1 1 
ATOM   1455 C CE2 . PHE A 1 171 ? -5.031  11.799  7.490   1.00 20.89  ? 177 PHE B CE2 1 
ATOM   1456 C CZ  . PHE A 1 171 ? -4.761  12.971  6.837   1.00 19.92  ? 177 PHE B CZ  1 
ATOM   1457 N N   . ASN A 1 172 ? 0.591   12.083  11.170  1.00 16.85  ? 178 ASN B N   1 
ATOM   1458 C CA  . ASN A 1 172 ? 1.529   12.103  12.315  1.00 16.41  ? 178 ASN B CA  1 
ATOM   1459 C C   . ASN A 1 172 ? 1.053   13.156  13.317  1.00 18.31  ? 178 ASN B C   1 
ATOM   1460 O O   . ASN A 1 172 ? 1.849   14.034  13.725  1.00 18.87  ? 178 ASN B O   1 
ATOM   1461 C CB  . ASN A 1 172 ? 2.959   12.300  11.818  1.00 17.51  ? 178 ASN B CB  1 
ATOM   1462 C CG  . ASN A 1 172 ? 4.000   12.197  12.913  1.00 17.76  ? 178 ASN B CG  1 
ATOM   1463 O OD1 . ASN A 1 172 ? 3.801   11.492  13.884  1.00 17.85  ? 178 ASN B OD1 1 
ATOM   1464 N ND2 . ASN A 1 172 ? 5.107   12.929  12.780  1.00 19.54  ? 178 ASN B ND2 1 
ATOM   1465 N N   . TYR A 1 173 ? -0.194  13.061  13.764  1.00 19.19  ? 179 TYR B N   1 
ATOM   1466 C CA  . TYR A 1 173 ? -0.708  13.920  14.865  1.00 19.24  ? 179 TYR B CA  1 
ATOM   1467 C C   . TYR A 1 173 ? 0.033   13.621  16.182  1.00 19.62  ? 179 TYR B C   1 
ATOM   1468 O O   . TYR A 1 173 ? 0.158   14.533  17.050  1.00 18.66  ? 179 TYR B O   1 
ATOM   1469 C CB  . TYR A 1 173 ? -2.205  13.675  15.043  1.00 18.71  ? 179 TYR B CB  1 
ATOM   1470 C CG  . TYR A 1 173 ? -3.061  14.101  13.891  1.00 21.08  ? 179 TYR B CG  1 
ATOM   1471 C CD1 . TYR A 1 173 ? -3.302  15.441  13.645  1.00 24.98  ? 179 TYR B CD1 1 
ATOM   1472 C CD2 . TYR A 1 173 ? -3.626  13.163  13.053  1.00 24.02  ? 179 TYR B CD2 1 
ATOM   1473 C CE1 . TYR A 1 173 ? -4.067  15.853  12.565  1.00 27.26  ? 179 TYR B CE1 1 
ATOM   1474 C CE2 . TYR A 1 173 ? -4.425  13.559  11.988  1.00 26.08  ? 179 TYR B CE2 1 
ATOM   1475 C CZ  . TYR A 1 173 ? -4.628  14.904  11.733  1.00 28.05  ? 179 TYR B CZ  1 
ATOM   1476 O OH  . TYR A 1 173 ? -5.416  15.288  10.677  1.00 33.34  ? 179 TYR B OH  1 
ATOM   1477 N N   . SER A 1 174 ? 0.479   12.385  16.398  1.00 17.83  ? 180 SER B N   1 
ATOM   1478 C CA  . SER A 1 174 ? 1.031   11.893  17.693  1.00 18.63  ? 180 SER B CA  1 
ATOM   1479 C C   . SER A 1 174 ? 2.516   12.256  17.818  1.00 19.08  ? 180 SER B C   1 
ATOM   1480 O O   . SER A 1 174 ? 3.050   12.157  18.924  1.00 19.93  ? 180 SER B O   1 
ATOM   1481 C CB  . SER A 1 174 ? 0.910   10.385  17.832  1.00 19.18  ? 180 SER B CB  1 
ATOM   1482 O OG  . SER A 1 174 ? 1.711   9.737   16.828  1.00 20.64  ? 180 SER B OG  1 
ATOM   1483 N N   . GLY A 1 175 ? 3.193   12.551  16.722  1.00 18.11  ? 181 GLY B N   1 
ATOM   1484 C CA  . GLY A 1 175 ? 4.657   12.684  16.738  1.00 17.83  ? 181 GLY B CA  1 
ATOM   1485 C C   . GLY A 1 175 ? 5.366   11.352  16.815  1.00 18.70  ? 181 GLY B C   1 
ATOM   1486 O O   . GLY A 1 175 ? 6.616   11.375  16.799  1.00 22.03  ? 181 GLY B O   1 
ATOM   1487 N N   . GLY A 1 176 ? 4.644   10.223  16.794  1.00 18.02  ? 182 GLY B N   1 
ATOM   1488 C CA  . GLY A 1 176 ? 5.261   8.894   16.765  1.00 18.88  ? 182 GLY B CA  1 
ATOM   1489 C C   . GLY A 1 176 ? 5.147   8.169   15.418  1.00 18.96  ? 182 GLY B C   1 
ATOM   1490 O O   . GLY A 1 176 ? 5.518   6.970   15.416  1.00 21.08  ? 182 GLY B O   1 
ATOM   1491 N N   . ASN A 1 177 ? 4.692   8.823   14.342  1.00 15.42  ? 183 ASN B N   1 
ATOM   1492 C CA  . ASN A 1 177 ? 4.476   8.134   13.042  1.00 15.73  ? 183 ASN B CA  1 
ATOM   1493 C C   . ASN A 1 177 ? 5.240   8.816   11.897  1.00 17.65  ? 183 ASN B C   1 
ATOM   1494 O O   . ASN A 1 177 ? 4.792   8.671   10.740  1.00 17.54  ? 183 ASN B O   1 
ATOM   1495 C CB  . ASN A 1 177 ? 2.990   8.058   12.678  1.00 15.52  ? 183 ASN B CB  1 
ATOM   1496 C CG  . ASN A 1 177 ? 2.723   7.026   11.596  1.00 14.58  ? 183 ASN B CG  1 
ATOM   1497 O OD1 . ASN A 1 177 ? 3.307   5.956   11.629  1.00 15.98  ? 183 ASN B OD1 1 
ATOM   1498 N ND2 . ASN A 1 177 ? 1.787   7.315   10.725  1.00 15.45  ? 183 ASN B ND2 1 
ATOM   1499 N N   . ALA A 1 178 ? 6.373   9.463   12.168  1.00 17.53  ? 184 ALA B N   1 
ATOM   1500 C CA  . ALA A 1 178 ? 7.140   10.170  11.116  1.00 19.31  ? 184 ALA B CA  1 
ATOM   1501 C C   . ALA A 1 178 ? 7.900   9.186   10.216  1.00 19.37  ? 184 ALA B C   1 
ATOM   1502 O O   . ALA A 1 178 ? 8.254   9.604   9.110   1.00 19.88  ? 184 ALA B O   1 
ATOM   1503 C CB  . ALA A 1 178 ? 8.089   11.194  11.737  1.00 20.39  ? 184 ALA B CB  1 
ATOM   1504 N N   . ALA A 1 179 ? 8.169   7.949   10.656  1.00 18.88  ? 185 ALA B N   1 
ATOM   1505 C CA  . ALA A 1 179 ? 9.070   7.031   9.919   1.00 18.56  ? 185 ALA B CA  1 
ATOM   1506 C C   . ALA A 1 179 ? 8.513   6.757   8.517   1.00 18.56  ? 185 ALA B C   1 
ATOM   1507 O O   . ALA A 1 179 ? 7.291   6.777   8.267   1.00 17.62  ? 185 ALA B O   1 
ATOM   1508 C CB  . ALA A 1 179 ? 9.300   5.741   10.653  1.00 18.77  ? 185 ALA B CB  1 
ATOM   1509 N N   . PRO A 1 180 ? 9.420   6.549   7.540   1.00 17.63  ? 186 PRO B N   1 
ATOM   1510 C CA  . PRO A 1 180 ? 9.008   6.294   6.155   1.00 16.82  ? 186 PRO B CA  1 
ATOM   1511 C C   . PRO A 1 180 ? 8.465   4.865   5.925   1.00 17.51  ? 186 PRO B C   1 
ATOM   1512 O O   . PRO A 1 180 ? 8.696   4.001   6.753   1.00 18.13  ? 186 PRO B O   1 
ATOM   1513 C CB  . PRO A 1 180 ? 10.341  6.483   5.400   1.00 18.78  ? 186 PRO B CB  1 
ATOM   1514 C CG  . PRO A 1 180 ? 11.379  5.989   6.361   1.00 19.83  ? 186 PRO B CG  1 
ATOM   1515 C CD  . PRO A 1 180 ? 10.885  6.484   7.715   1.00 19.72  ? 186 PRO B CD  1 
ATOM   1516 N N   . LEU A 1 181 ? 7.704   4.674   4.855   1.00 15.97  ? 187 LEU B N   1 
ATOM   1517 C CA  . LEU A 1 181 ? 7.547   3.372   4.154   1.00 15.64  ? 187 LEU B CA  1 
ATOM   1518 C C   . LEU A 1 181 ? 8.756   3.227   3.223   1.00 17.37  ? 187 LEU B C   1 
ATOM   1519 O O   . LEU A 1 181 ? 9.081   4.209   2.520   1.00 18.13  ? 187 LEU B O   1 
ATOM   1520 C CB  . LEU A 1 181 ? 6.207   3.331   3.424   1.00 17.00  ? 187 LEU B CB  1 
ATOM   1521 C CG  . LEU A 1 181 ? 4.956   3.371   4.305   1.00 16.69  ? 187 LEU B CG  1 
ATOM   1522 C CD1 . LEU A 1 181 ? 3.690   3.440   3.482   1.00 18.73  ? 187 LEU B CD1 1 
ATOM   1523 C CD2 . LEU A 1 181 ? 4.897   2.153   5.190   1.00 17.85  ? 187 LEU B CD2 1 
ATOM   1524 N N   . LYS A 1 182 ? 9.373   2.054   3.171   1.00 16.86  ? 188 LYS B N   1 
ATOM   1525 C CA  . LYS A 1 182 ? 10.512  1.820   2.257   1.00 17.99  ? 188 LYS B CA  1 
ATOM   1526 C C   . LYS A 1 182 ? 10.270  0.555   1.454   1.00 17.27  ? 188 LYS B C   1 
ATOM   1527 O O   . LYS A 1 182 ? 10.000  -0.488  2.090   1.00 18.53  ? 188 LYS B O   1 
ATOM   1528 C CB  . LYS A 1 182 ? 11.801  1.641   3.049   1.00 19.27  ? 188 LYS B CB  1 
ATOM   1529 C CG  . LYS A 1 182 ? 12.193  2.779   3.963   1.00 22.62  ? 188 LYS B CG  1 
ATOM   1530 C CD  . LYS A 1 182 ? 13.600  2.577   4.499   1.00 27.23  ? 188 LYS B CD  1 
ATOM   1531 C CE  . LYS A 1 182 ? 13.863  3.398   5.740   1.00 31.78  ? 188 LYS B CE  1 
ATOM   1532 N NZ  . LYS A 1 182 ? 15.190  3.088   6.314   1.00 35.74  ? 188 LYS B NZ  1 
ATOM   1533 N N   . LEU A 1 183 ? 10.478  0.612   0.158   1.00 18.13  ? 189 LEU B N   1 
ATOM   1534 C CA  . LEU A 1 183 ? 10.470  -0.611  -0.678  1.00 18.86  ? 189 LEU B CA  1 
ATOM   1535 C C   . LEU A 1 183 ? 11.797  -1.342  -0.430  1.00 20.86  ? 189 LEU B C   1 
ATOM   1536 O O   . LEU A 1 183 ? 12.858  -0.743  -0.657  1.00 24.81  ? 189 LEU B O   1 
ATOM   1537 C CB  . LEU A 1 183 ? 10.224  -0.207  -2.123  1.00 20.42  ? 189 LEU B CB  1 
ATOM   1538 C CG  . LEU A 1 183 ? 8.735   0.099   -2.350  1.00 20.29  ? 189 LEU B CG  1 
ATOM   1539 C CD1 . LEU A 1 183 ? 8.514   1.053   -3.492  1.00 24.28  ? 189 LEU B CD1 1 
ATOM   1540 C CD2 . LEU A 1 183 ? 7.950   -1.205  -2.542  1.00 18.88  ? 189 LEU B CD2 1 
ATOM   1541 N N   . CYS A 1 184 ? 11.720  -2.586  0.017   1.00 22.20  ? 190 CYS B N   1 
ATOM   1542 C CA  . CYS A 1 184 ? 12.914  -3.401  0.409   1.00 23.84  ? 190 CYS B CA  1 
ATOM   1543 C C   . CYS A 1 184 ? 13.599  -3.965  -0.814  1.00 27.42  ? 190 CYS B C   1 
ATOM   1544 O O   . CYS A 1 184 ? 12.958  -4.385  -1.751  1.00 26.12  ? 190 CYS B O   1 
ATOM   1545 C CB  . CYS A 1 184 ? 12.530  -4.631  1.200   1.00 25.85  ? 190 CYS B CB  1 
ATOM   1546 S SG  . CYS A 1 184 ? 11.497  -4.246  2.623   1.00 28.76  ? 190 CYS B SG  1 
ATOM   1547 N N   . PRO A 1 185 ? 14.938  -4.076  -0.804  1.00 33.85  ? 191 PRO B N   1 
ATOM   1548 C CA  . PRO A 1 185 ? 15.642  -4.671  -1.927  1.00 35.49  ? 191 PRO B CA  1 
ATOM   1549 C C   . PRO A 1 185 ? 15.245  -6.146  -2.085  1.00 33.73  ? 191 PRO B C   1 
ATOM   1550 O O   . PRO A 1 185 ? 14.903  -6.773  -1.097  1.00 35.51  ? 191 PRO B O   1 
ATOM   1551 C CB  . PRO A 1 185 ? 17.122  -4.466  -1.547  1.00 35.73  ? 191 PRO B CB  1 
ATOM   1552 C CG  . PRO A 1 185 ? 17.119  -4.322  -0.041  1.00 37.69  ? 191 PRO B CG  1 
ATOM   1553 C CD  . PRO A 1 185 ? 15.829  -3.603  0.270   1.00 36.62  ? 191 PRO B CD  1 
ATOM   1554 N N   . LEU A 1 186 ? 15.213  -6.585  -3.342  1.00 40.57  ? 192 LEU B N   1 
ATOM   1555 C CA  . LEU A 1 186 ? 15.091  -7.978  -3.839  1.00 45.92  ? 192 LEU B CA  1 
ATOM   1556 C C   . LEU A 1 186 ? 16.383  -8.738  -3.532  1.00 49.86  ? 192 LEU B C   1 
ATOM   1557 O O   . LEU A 1 186 ? 16.303  -9.955  -3.373  1.00 54.78  ? 192 LEU B O   1 
ATOM   1558 C CB  . LEU A 1 186 ? 14.853  -7.912  -5.353  1.00 47.60  ? 192 LEU B CB  1 
HETATM 1559 C C1  . EDO B 2 .   ? -0.473  15.444  10.986  0.70 33.81  ? 201 EDO B C1  1 
HETATM 1560 O O1  . EDO B 2 .   ? 0.251   14.646  10.078  0.70 27.51  ? 201 EDO B O1  1 
HETATM 1561 C C2  . EDO B 2 .   ? -1.522  16.300  10.365  0.70 38.31  ? 201 EDO B C2  1 
HETATM 1562 O O2  . EDO B 2 .   ? -1.022  17.293  9.483   0.70 43.65  ? 201 EDO B O2  1 
HETATM 1563 N N1  . RXS C 3 .   ? -3.523  19.017  6.834   0.70 44.65  ? 202 RXS B N1  1 
HETATM 1564 C C4  . RXS C 3 .   ? -2.440  18.607  5.951   0.70 43.97  ? 202 RXS B C4  1 
HETATM 1565 C C5  . RXS C 3 .   ? -2.812  17.412  5.112   0.70 39.60  ? 202 RXS B C5  1 
HETATM 1566 C C6  . RXS C 3 .   ? -4.119  17.211  4.693   0.70 41.57  ? 202 RXS B C6  1 
HETATM 1567 C C7  . RXS C 3 .   ? -4.454  16.110  3.924   0.70 40.84  ? 202 RXS B C7  1 
HETATM 1568 C C8  . RXS C 3 .   ? -3.490  15.189  3.575   0.70 39.92  ? 202 RXS B C8  1 
HETATM 1569 C C10 . RXS C 3 .   ? -1.167  14.440  3.642   0.70 41.69  ? 202 RXS B C10 1 
HETATM 1570 N N   . RXS C 3 .   ? -5.355  19.984  7.630   0.70 47.78  ? 202 RXS B N   1 
HETATM 1571 C C   . RXS C 3 .   ? -4.692  20.654  5.321   0.70 47.84  ? 202 RXS B C   1 
HETATM 1572 C C1  . RXS C 3 .   ? -4.542  19.906  6.592   0.70 46.70  ? 202 RXS B C1  1 
HETATM 1573 C C11 . RXS C 3 .   ? -1.847  16.494  4.751   0.70 39.89  ? 202 RXS B C11 1 
HETATM 1574 C C2  . RXS C 3 .   ? -4.840  19.117  8.574   0.70 46.38  ? 202 RXS B C2  1 
HETATM 1575 C C3  . RXS C 3 .   ? -3.730  18.511  8.102   0.70 47.44  ? 202 RXS B C3  1 
HETATM 1576 C C9  . RXS C 3 .   ? -2.181  15.385  3.987   0.70 40.19  ? 202 RXS B C9  1 
HETATM 1577 N N2  . RXS C 3 .   ? -0.330  13.714  3.339   0.70 44.79  ? 202 RXS B N2  1 
HETATM 1578 C C1  . EDO D 2 .   ? -14.978 19.734  2.153   1.00 49.92  ? 203 EDO B C1  1 
HETATM 1579 O O1  . EDO D 2 .   ? -14.109 18.751  1.641   1.00 44.55  ? 203 EDO B O1  1 
HETATM 1580 C C2  . EDO D 2 .   ? -15.671 19.274  3.372   1.00 46.78  ? 203 EDO B C2  1 
HETATM 1581 O O2  . EDO D 2 .   ? -14.903 19.543  4.509   1.00 50.74  ? 203 EDO B O2  1 
HETATM 1582 S S   . SO4 E 4 .   ? -17.386 5.453   0.814   1.00 47.73  ? 204 SO4 B S   1 
HETATM 1583 O O1  . SO4 E 4 .   ? -16.236 5.749   -0.008  1.00 30.36  ? 204 SO4 B O1  1 
HETATM 1584 O O2  . SO4 E 4 .   ? -18.485 6.268   0.407   1.00 47.91  ? 204 SO4 B O2  1 
HETATM 1585 O O3  . SO4 E 4 .   ? -17.745 4.061   0.653   1.00 51.11  ? 204 SO4 B O3  1 
HETATM 1586 O O4  . SO4 E 4 .   ? -17.090 5.705   2.205   1.00 47.71  ? 204 SO4 B O4  1 
HETATM 1587 O O   . HOH F 5 .   ? 11.517  -8.153  9.836   1.00 32.85  ? 301 HOH B O   1 
HETATM 1588 O O   . HOH F 5 .   ? -2.341  8.701   -11.705 1.00 28.41  ? 302 HOH B O   1 
HETATM 1589 O O   . HOH F 5 .   ? -15.128 -4.952  -8.495  1.00 37.67  ? 303 HOH B O   1 
HETATM 1590 O O   . HOH F 5 .   ? -13.632 16.421  1.519   1.00 24.74  ? 304 HOH B O   1 
HETATM 1591 O O   . HOH F 5 .   ? 4.600   4.889   19.000  1.00 40.25  ? 305 HOH B O   1 
HETATM 1592 O O   . HOH F 5 .   ? 5.330   24.777  3.378   1.00 33.08  ? 306 HOH B O   1 
HETATM 1593 O O   . HOH F 5 .   ? -7.603  -0.676  13.865  1.00 37.35  ? 307 HOH B O   1 
HETATM 1594 O O   . HOH F 5 .   ? -4.900  -10.689 -17.574 1.00 20.81  ? 308 HOH B O   1 
HETATM 1595 O O   . HOH F 5 .   ? 11.291  -12.414 1.927   1.00 40.66  ? 309 HOH B O   1 
HETATM 1596 O O   . HOH F 5 .   ? -1.772  -0.401  23.508  1.00 52.01  ? 310 HOH B O   1 
HETATM 1597 O O   . HOH F 5 .   ? 8.592   13.974  -3.604  1.00 22.80  ? 311 HOH B O   1 
HETATM 1598 O O   . HOH F 5 .   ? 13.588  -5.556  10.293  1.00 39.39  ? 312 HOH B O   1 
HETATM 1599 O O   . HOH F 5 .   ? -15.737 -10.861 -5.403  1.00 45.30  ? 313 HOH B O   1 
HETATM 1600 O O   . HOH F 5 .   ? -13.260 -0.865  4.399   1.00 30.96  ? 314 HOH B O   1 
HETATM 1601 O O   . HOH F 5 .   ? 13.184  -3.087  11.660  1.00 39.79  ? 315 HOH B O   1 
HETATM 1602 O O   . HOH F 5 .   ? 6.743   5.350   17.033  1.00 40.56  ? 316 HOH B O   1 
HETATM 1603 O O   . HOH F 5 .   ? -0.364  17.004  16.422  1.00 34.80  ? 317 HOH B O   1 
HETATM 1604 O O   . HOH F 5 .   ? -3.845  -17.770 0.818   1.00 21.68  ? 318 HOH B O   1 
HETATM 1605 O O   . HOH F 5 .   ? -8.953  13.446  -10.109 1.00 32.79  ? 319 HOH B O   1 
HETATM 1606 O O   . HOH F 5 .   ? -16.079 -5.706  11.175  1.00 40.60  ? 320 HOH B O   1 
HETATM 1607 O O   . HOH F 5 .   ? -8.397  13.732  5.731   1.00 37.84  ? 321 HOH B O   1 
HETATM 1608 O O   . HOH F 5 .   ? 8.357   12.172  8.387   1.00 26.65  ? 322 HOH B O   1 
HETATM 1609 O O   . HOH F 5 .   ? 13.475  10.920  -8.062  1.00 42.71  ? 323 HOH B O   1 
HETATM 1610 O O   . HOH F 5 .   ? -1.308  -15.451 -13.084 1.00 36.30  ? 324 HOH B O   1 
HETATM 1611 O O   . HOH F 5 .   ? -8.740  8.445   -10.813 1.00 48.66  ? 325 HOH B O   1 
HETATM 1612 O O   . HOH F 5 .   ? 8.287   23.822  -7.091  1.00 34.39  ? 326 HOH B O   1 
HETATM 1613 O O   . HOH F 5 .   ? 10.331  2.828   8.823   1.00 33.83  ? 327 HOH B O   1 
HETATM 1614 O O   . HOH F 5 .   ? -1.789  -16.301 -2.239  1.00 31.05  ? 328 HOH B O   1 
HETATM 1615 O O   . HOH F 5 .   ? 3.037   19.961  10.491  1.00 39.30  ? 329 HOH B O   1 
HETATM 1616 O O   . HOH F 5 .   ? -12.763 2.485   -10.727 1.00 32.57  ? 330 HOH B O   1 
HETATM 1617 O O   . HOH F 5 .   ? -9.152  -2.808  0.742   1.00 16.57  ? 331 HOH B O   1 
HETATM 1618 O O   . HOH F 5 .   ? 3.496   10.209  20.679  1.00 35.21  ? 332 HOH B O   1 
HETATM 1619 O O   . HOH F 5 .   ? -3.048  -18.543 -11.069 1.00 38.17  ? 333 HOH B O   1 
HETATM 1620 O O   . HOH F 5 .   ? 5.498   14.338  10.266  1.00 36.74  ? 334 HOH B O   1 
HETATM 1621 O O   . HOH F 5 .   ? -6.059  -4.011  -17.976 1.00 21.40  ? 335 HOH B O   1 
HETATM 1622 O O   . HOH F 5 .   ? -7.645  -0.547  17.836  1.00 33.17  ? 336 HOH B O   1 
HETATM 1623 O O   . HOH F 5 .   ? 12.166  14.560  -2.727  1.00 26.33  ? 337 HOH B O   1 
HETATM 1624 O O   . HOH F 5 .   ? 15.156  3.131   -7.877  1.00 34.61  ? 338 HOH B O   1 
HETATM 1625 O O   . HOH F 5 .   ? -2.799  -7.463  -19.992 1.00 39.62  ? 339 HOH B O   1 
HETATM 1626 O O   . HOH F 5 .   ? -9.807  0.887   -14.195 1.00 36.71  ? 340 HOH B O   1 
HETATM 1627 O O   . HOH F 5 .   ? -14.277 -5.060  -6.197  1.00 34.75  ? 341 HOH B O   1 
HETATM 1628 O O   . HOH F 5 .   ? -12.354 -17.966 -2.850  1.00 32.79  ? 342 HOH B O   1 
HETATM 1629 O O   . HOH F 5 .   ? -0.697  1.715   16.249  1.00 21.05  ? 343 HOH B O   1 
HETATM 1630 O O   . HOH F 5 .   ? -14.475 5.736   -4.656  1.00 42.73  ? 344 HOH B O   1 
HETATM 1631 O O   . HOH F 5 .   ? 8.978   -15.348 14.279  1.00 49.54  ? 345 HOH B O   1 
HETATM 1632 O O   . HOH F 5 .   ? 3.603   -3.264  11.902  1.00 19.99  ? 346 HOH B O   1 
HETATM 1633 O O   . HOH F 5 .   ? 9.445   20.281  11.593  1.00 41.11  ? 347 HOH B O   1 
HETATM 1634 O O   . HOH F 5 .   ? 12.025  7.949   13.773  1.00 33.68  ? 348 HOH B O   1 
HETATM 1635 O O   . HOH F 5 .   ? -9.735  -16.246 -6.531  1.00 24.61  ? 349 HOH B O   1 
HETATM 1636 O O   . HOH F 5 .   ? 14.435  1.315   0.185   1.00 39.65  ? 350 HOH B O   1 
HETATM 1637 O O   . HOH F 5 .   ? -16.839 0.871   0.768   1.00 44.30  ? 351 HOH B O   1 
HETATM 1638 O O   . HOH F 5 .   ? -10.771 6.535   -3.795  1.00 43.29  ? 352 HOH B O   1 
HETATM 1639 O O   . HOH F 5 .   ? 3.459   9.960   8.732   1.00 20.01  ? 353 HOH B O   1 
HETATM 1640 O O   . HOH F 5 .   ? 10.238  -3.823  -5.180  1.00 24.06  ? 354 HOH B O   1 
HETATM 1641 O O   . HOH F 5 .   ? -0.329  22.192  -4.493  1.00 27.56  ? 355 HOH B O   1 
HETATM 1642 O O   . HOH F 5 .   ? 4.536   15.506  -2.660  1.00 28.28  ? 356 HOH B O   1 
HETATM 1643 O O   . HOH F 5 .   ? -1.952  -17.673 -6.865  1.00 36.38  ? 357 HOH B O   1 
HETATM 1644 O O   . HOH F 5 .   ? -12.538 4.768   -6.049  1.00 21.92  ? 358 HOH B O   1 
HETATM 1645 O O   . HOH F 5 .   ? 10.240  -4.501  -2.445  1.00 20.73  ? 359 HOH B O   1 
HETATM 1646 O O   . HOH F 5 .   ? -11.967 -10.742 1.323   1.00 22.18  ? 360 HOH B O   1 
HETATM 1647 O O   . HOH F 5 .   ? -8.423  12.123  -1.186  1.00 18.39  ? 361 HOH B O   1 
HETATM 1648 O O   . HOH F 5 .   ? -3.804  -2.722  -19.309 1.00 39.26  ? 362 HOH B O   1 
HETATM 1649 O O   . HOH F 5 .   ? -8.542  -12.148 9.380   1.00 23.76  ? 363 HOH B O   1 
HETATM 1650 O O   . HOH F 5 .   ? 1.729   -13.120 10.833  1.00 23.95  ? 364 HOH B O   1 
HETATM 1651 O O   . HOH F 5 .   ? -4.300  -12.466 10.250  1.00 23.73  ? 365 HOH B O   1 
HETATM 1652 O O   . HOH F 5 .   ? -0.395  -17.438 9.263   1.00 22.02  ? 366 HOH B O   1 
HETATM 1653 O O   . HOH F 5 .   ? 11.527  -15.112 10.179  1.00 44.91  ? 367 HOH B O   1 
HETATM 1654 O O   . HOH F 5 .   ? -0.799  6.142   17.516  1.00 29.86  ? 368 HOH B O   1 
HETATM 1655 O O   . HOH F 5 .   ? -1.584  -2.240  -17.437 1.00 30.02  ? 369 HOH B O   1 
HETATM 1656 O O   . HOH F 5 .   ? 10.960  -14.193 6.158   1.00 40.71  ? 370 HOH B O   1 
HETATM 1657 O O   . HOH F 5 .   ? -0.147  -4.194  17.767  1.00 50.55  ? 371 HOH B O   1 
HETATM 1658 O O   . HOH F 5 .   ? -11.454 -8.019  -13.321 1.00 23.85  ? 372 HOH B O   1 
HETATM 1659 O O   . HOH F 5 .   ? 1.961   -1.669  -1.890  1.00 18.59  ? 373 HOH B O   1 
HETATM 1660 O O   . HOH F 5 .   ? -12.986 -7.512  -5.573  1.00 20.16  ? 374 HOH B O   1 
HETATM 1661 O O   . HOH F 5 .   ? -12.703 7.555   -10.450 1.00 45.89  ? 375 HOH B O   1 
HETATM 1662 O O   . HOH F 5 .   ? 3.873   -13.599 -13.945 1.00 37.31  ? 376 HOH B O   1 
HETATM 1663 O O   . HOH F 5 .   ? -0.360  -14.699 13.275  1.00 36.22  ? 377 HOH B O   1 
HETATM 1664 O O   . HOH F 5 .   ? -4.573  17.663  -4.055  1.00 38.91  ? 378 HOH B O   1 
HETATM 1665 O O   . HOH F 5 .   ? 5.746   9.277   7.284   1.00 17.65  ? 379 HOH B O   1 
HETATM 1666 O O   . HOH F 5 .   ? 0.762   -6.402  -16.855 1.00 33.20  ? 380 HOH B O   1 
HETATM 1667 O O   . HOH F 5 .   ? -2.520  -4.687  -20.896 1.00 33.06  ? 381 HOH B O   1 
HETATM 1668 O O   . HOH F 5 .   ? 4.301   -0.635  11.708  1.00 18.15  ? 382 HOH B O   1 
HETATM 1669 O O   . HOH F 5 .   ? 7.631   7.545   -11.737 1.00 47.88  ? 383 HOH B O   1 
HETATM 1670 O O   . HOH F 5 .   ? 1.945   18.512  -10.445 1.00 27.14  ? 384 HOH B O   1 
HETATM 1671 O O   . HOH F 5 .   ? -15.470 14.293  0.468   1.00 35.05  ? 385 HOH B O   1 
HETATM 1672 O O   . HOH F 5 .   ? 16.169  3.149   -0.468  1.00 33.57  ? 386 HOH B O   1 
HETATM 1673 O O   . HOH F 5 .   ? 11.571  10.026  1.697   1.00 28.01  ? 387 HOH B O   1 
HETATM 1674 O O   . HOH F 5 .   ? 3.148   -18.614 4.379   1.00 43.95  ? 388 HOH B O   1 
HETATM 1675 O O   . HOH F 5 .   ? -2.731  4.865   15.390  1.00 25.42  ? 389 HOH B O   1 
HETATM 1676 O O   . HOH F 5 .   ? 4.140   0.752   16.279  1.00 49.19  ? 390 HOH B O   1 
HETATM 1677 O O   . HOH F 5 .   ? -1.910  21.687  1.830   1.00 28.74  ? 391 HOH B O   1 
HETATM 1678 O O   . HOH F 5 .   ? -1.438  19.801  -4.444  1.00 37.67  ? 392 HOH B O   1 
HETATM 1679 O O   . HOH F 5 .   ? 2.806   15.943  9.513   1.00 42.15  ? 393 HOH B O   1 
HETATM 1680 O O   . HOH F 5 .   ? -10.915 13.664  4.740   1.00 41.18  ? 394 HOH B O   1 
HETATM 1681 O O   . HOH F 5 .   ? -1.130  -13.368 10.650  1.00 25.55  ? 395 HOH B O   1 
HETATM 1682 O O   . HOH F 5 .   ? -4.734  -7.001  15.097  1.00 27.72  ? 396 HOH B O   1 
HETATM 1683 O O   . HOH F 5 .   ? 7.863   9.619   14.784  1.00 24.39  ? 397 HOH B O   1 
HETATM 1684 O O   . HOH F 5 .   ? 7.589   6.607   13.334  1.00 21.95  ? 398 HOH B O   1 
HETATM 1685 O O   . HOH F 5 .   ? 5.615   21.086  -8.962  1.00 46.65  ? 399 HOH B O   1 
HETATM 1686 O O   . HOH F 5 .   ? 11.012  -5.802  -11.981 1.00 43.12  ? 400 HOH B O   1 
HETATM 1687 O O   . HOH F 5 .   ? 7.188   14.033  14.595  1.00 27.38  ? 401 HOH B O   1 
HETATM 1688 O O   . HOH F 5 .   ? -11.522 -13.237 0.179   1.00 27.11  ? 402 HOH B O   1 
HETATM 1689 O O   . HOH F 5 .   ? 5.540   15.958  -7.792  1.00 28.44  ? 403 HOH B O   1 
HETATM 1690 O O   . HOH F 5 .   ? 2.737   -13.545 13.509  1.00 30.51  ? 404 HOH B O   1 
HETATM 1691 O O   . HOH F 5 .   ? 4.113   -0.505  -15.813 1.00 31.00  ? 405 HOH B O   1 
HETATM 1692 O O   . HOH F 5 .   ? 17.411  8.006   -2.609  1.00 36.52  ? 406 HOH B O   1 
HETATM 1693 O O   . HOH F 5 .   ? -5.196  8.119   6.382   1.00 32.02  ? 407 HOH B O   1 
HETATM 1694 O O   . HOH F 5 .   ? 9.089   18.759  5.941   1.00 38.40  ? 408 HOH B O   1 
HETATM 1695 O O   . HOH F 5 .   ? 1.103   -19.108 7.205   1.00 28.92  ? 409 HOH B O   1 
HETATM 1696 O O   . HOH F 5 .   ? -1.460  24.310  -8.242  1.00 29.23  ? 410 HOH B O   1 
HETATM 1697 O O   . HOH F 5 .   ? 12.455  8.599   3.538   1.00 30.85  ? 411 HOH B O   1 
HETATM 1698 O O   . HOH F 5 .   ? 16.639  11.634  -1.313  1.00 40.00  ? 412 HOH B O   1 
HETATM 1699 O O   . HOH F 5 .   ? -3.237  7.981   10.236  1.00 18.57  ? 413 HOH B O   1 
HETATM 1700 O O   . HOH F 5 .   ? -2.387  16.762  -2.501  1.00 26.36  ? 414 HOH B O   1 
HETATM 1701 O O   . HOH F 5 .   ? -7.373  4.502   5.952   1.00 48.21  ? 415 HOH B O   1 
HETATM 1702 O O   . HOH F 5 .   ? 1.848   -2.884  16.511  1.00 38.07  ? 416 HOH B O   1 
HETATM 1703 O O   . HOH F 5 .   ? -0.169  -7.445  -19.696 1.00 41.45  ? 417 HOH B O   1 
HETATM 1704 O O   . HOH F 5 .   ? 9.969   21.570  2.043   1.00 38.26  ? 418 HOH B O   1 
HETATM 1705 O O   . HOH F 5 .   ? -5.381  22.108  -9.682  1.00 47.05  ? 419 HOH B O   1 
HETATM 1706 O O   . HOH F 5 .   ? 9.683   7.983   16.284  1.00 39.85  ? 420 HOH B O   1 
HETATM 1707 O O   . HOH F 5 .   ? 15.903  -0.436  -2.357  1.00 43.26  ? 421 HOH B O   1 
HETATM 1708 O O   . HOH F 5 .   ? -7.264  10.470  -16.653 1.00 52.14  ? 422 HOH B O   1 
HETATM 1709 O O   . HOH F 5 .   ? 1.247   23.816  4.772   0.50 28.68  ? 423 HOH B O   1 
HETATM 1710 O O   . HOH F 5 .   ? -13.355 4.118   -8.864  1.00 40.19  ? 424 HOH B O   1 
HETATM 1711 O O   . HOH F 5 .   ? 9.545   -14.318 3.882   1.00 43.43  ? 425 HOH B O   1 
HETATM 1712 O O   . HOH F 5 .   ? 1.256   -0.366  16.870  1.00 43.08  ? 426 HOH B O   1 
HETATM 1713 O O   . HOH F 5 .   ? 18.750  7.350   -7.168  1.00 38.79  ? 427 HOH B O   1 
HETATM 1714 O O   . HOH F 5 .   ? -14.179 -9.073  -3.692  1.00 41.40  ? 428 HOH B O   1 
HETATM 1715 O O   . HOH F 5 .   ? -2.345  -15.347 -18.992 1.00 38.99  ? 429 HOH B O   1 
HETATM 1716 O O   . HOH F 5 .   ? 15.528  -0.118  2.195   1.00 48.57  ? 430 HOH B O   1 
HETATM 1717 O O   . HOH F 5 .   ? 9.479   14.246  10.738  1.00 39.76  ? 431 HOH B O   1 
HETATM 1718 O O   . HOH F 5 .   ? -9.779  15.696  -10.412 1.00 44.19  ? 432 HOH B O   1 
HETATM 1719 O O   . HOH F 5 .   ? -3.978  -18.164 -2.148  1.00 37.90  ? 433 HOH B O   1 
HETATM 1720 O O   . HOH F 5 .   ? -7.015  11.271  11.100  1.00 50.43  ? 434 HOH B O   1 
HETATM 1721 O O   . HOH F 5 .   ? -14.609 -10.009 1.612   1.00 32.56  ? 435 HOH B O   1 
HETATM 1722 O O   . HOH F 5 .   ? -8.289  -18.457 -5.258  1.00 48.77  ? 436 HOH B O   1 
HETATM 1723 O O   . HOH F 5 .   ? -17.055 -8.743  -6.211  1.00 33.74  ? 437 HOH B O   1 
HETATM 1724 O O   . HOH F 5 .   ? -7.541  9.075   7.422   1.00 34.22  ? 438 HOH B O   1 
# 
